data_1WHK
#
_entry.id   1WHK
#
_entity_poly.entity_id   1
_entity_poly.type   'polypeptide(L)'
_entity_poly.pdbx_seq_one_letter_code
;GSSGSSGEGTVKLHEGSQVLLTSSNEMATVRYVGPTDFASGIWLGLELRSAKGKNDGAVGDKRYFTCKPNYGVLVRPSRV
TYRGISGPSSG
;
_entity_poly.pdbx_strand_id   A
#
# COMPACT_ATOMS: atom_id res chain seq x y z
N GLY A 1 -21.08 2.05 -7.91
CA GLY A 1 -19.61 2.11 -7.67
C GLY A 1 -18.96 0.73 -7.68
N SER A 2 -18.46 0.33 -8.84
CA SER A 2 -17.82 -0.98 -8.97
C SER A 2 -16.91 -1.01 -10.21
N SER A 3 -15.61 -1.09 -9.99
CA SER A 3 -14.64 -1.14 -11.08
C SER A 3 -14.74 0.12 -11.93
N GLY A 4 -15.08 1.24 -11.30
CA GLY A 4 -15.19 2.50 -12.01
C GLY A 4 -16.56 2.68 -12.64
N SER A 5 -17.54 3.06 -11.82
CA SER A 5 -18.90 3.27 -12.29
C SER A 5 -19.41 4.66 -11.90
N SER A 6 -19.49 4.89 -10.59
CA SER A 6 -19.95 6.18 -10.08
C SER A 6 -19.02 6.72 -9.00
N GLY A 7 -18.35 7.82 -9.31
CA GLY A 7 -17.43 8.41 -8.35
C GLY A 7 -15.99 8.37 -8.83
N GLU A 8 -15.79 8.12 -10.12
CA GLU A 8 -14.45 8.06 -10.69
C GLU A 8 -13.59 7.03 -9.97
N GLY A 9 -12.37 6.83 -10.45
CA GLY A 9 -11.47 5.88 -9.83
C GLY A 9 -10.01 6.25 -10.02
N THR A 10 -9.42 6.84 -8.99
CA THR A 10 -8.02 7.25 -9.04
C THR A 10 -7.12 6.22 -8.36
N VAL A 11 -7.49 4.96 -8.48
CA VAL A 11 -6.72 3.88 -7.86
C VAL A 11 -5.64 3.37 -8.81
N LYS A 12 -4.42 3.86 -8.64
CA LYS A 12 -3.30 3.44 -9.48
C LYS A 12 -2.21 2.79 -8.65
N LEU A 13 -2.45 1.55 -8.23
CA LEU A 13 -1.48 0.81 -7.43
C LEU A 13 -1.52 -0.68 -7.77
N HIS A 14 -0.39 -1.21 -8.21
CA HIS A 14 -0.29 -2.61 -8.57
C HIS A 14 0.87 -3.29 -7.83
N GLU A 15 2.05 -2.71 -7.96
CA GLU A 15 3.24 -3.26 -7.30
C GLU A 15 4.46 -2.41 -7.59
N GLY A 16 5.48 -2.53 -6.75
CA GLY A 16 6.71 -1.77 -6.94
C GLY A 16 6.46 -0.27 -6.87
N SER A 17 5.44 0.13 -6.12
CA SER A 17 5.11 1.55 -5.98
C SER A 17 5.55 2.07 -4.62
N GLN A 18 5.55 3.39 -4.47
CA GLN A 18 5.95 4.02 -3.21
C GLN A 18 4.85 4.93 -2.70
N VAL A 19 4.48 4.75 -1.43
CA VAL A 19 3.44 5.56 -0.82
C VAL A 19 3.85 6.02 0.57
N LEU A 20 3.43 7.22 0.94
CA LEU A 20 3.76 7.79 2.25
C LEU A 20 2.52 7.86 3.13
N LEU A 21 2.65 7.39 4.37
CA LEU A 21 1.54 7.39 5.32
C LEU A 21 1.14 8.82 5.67
N THR A 22 -0.16 9.05 5.79
CA THR A 22 -0.67 10.37 6.14
C THR A 22 -0.99 10.47 7.63
N SER A 23 -0.20 9.77 8.44
CA SER A 23 -0.40 9.78 9.88
C SER A 23 0.94 9.64 10.61
N SER A 24 1.74 8.68 10.17
CA SER A 24 3.05 8.44 10.79
C SER A 24 4.15 9.17 10.03
N ASN A 25 3.87 9.54 8.78
CA ASN A 25 4.83 10.25 7.95
C ASN A 25 6.06 9.37 7.69
N GLU A 26 5.83 8.18 7.14
CA GLU A 26 6.91 7.25 6.84
C GLU A 26 6.65 6.52 5.52
N MET A 27 7.59 6.61 4.60
CA MET A 27 7.47 5.97 3.30
C MET A 27 7.32 4.46 3.46
N ALA A 28 6.69 3.83 2.48
CA ALA A 28 6.48 2.38 2.51
C ALA A 28 6.35 1.81 1.11
N THR A 29 6.99 0.67 0.87
CA THR A 29 6.94 0.02 -0.43
C THR A 29 5.73 -0.90 -0.55
N VAL A 30 5.01 -0.77 -1.65
CA VAL A 30 3.82 -1.58 -1.89
C VAL A 30 4.21 -2.97 -2.40
N ARG A 31 3.81 -4.00 -1.66
CA ARG A 31 4.11 -5.37 -2.04
C ARG A 31 2.85 -6.08 -2.52
N TYR A 32 1.79 -6.00 -1.73
CA TYR A 32 0.52 -6.64 -2.08
C TYR A 32 -0.57 -5.59 -2.29
N VAL A 33 -1.60 -5.97 -3.05
CA VAL A 33 -2.71 -5.07 -3.34
C VAL A 33 -4.00 -5.85 -3.56
N GLY A 34 -5.04 -5.48 -2.80
CA GLY A 34 -6.32 -6.16 -2.93
C GLY A 34 -7.01 -6.37 -1.59
N PRO A 35 -8.16 -7.05 -1.58
CA PRO A 35 -8.91 -7.32 -0.34
C PRO A 35 -8.19 -8.31 0.56
N THR A 36 -8.47 -8.23 1.86
CA THR A 36 -7.86 -9.13 2.83
C THR A 36 -8.87 -10.14 3.35
N ASP A 37 -8.38 -11.10 4.13
CA ASP A 37 -9.24 -12.13 4.69
C ASP A 37 -9.56 -11.84 6.16
N PHE A 38 -8.62 -11.19 6.85
CA PHE A 38 -8.81 -10.85 8.25
C PHE A 38 -9.76 -9.67 8.40
N ALA A 39 -9.76 -8.78 7.41
CA ALA A 39 -10.64 -7.61 7.43
C ALA A 39 -11.52 -7.56 6.19
N SER A 40 -12.49 -6.64 6.20
CA SER A 40 -13.40 -6.49 5.07
C SER A 40 -13.10 -5.20 4.31
N GLY A 41 -12.24 -5.30 3.30
CA GLY A 41 -11.89 -4.13 2.52
C GLY A 41 -10.56 -4.29 1.80
N ILE A 42 -10.22 -3.32 0.97
CA ILE A 42 -8.96 -3.34 0.23
C ILE A 42 -7.79 -2.89 1.09
N TRP A 43 -6.63 -3.49 0.88
CA TRP A 43 -5.44 -3.13 1.62
C TRP A 43 -4.19 -3.16 0.74
N LEU A 44 -3.06 -2.76 1.30
CA LEU A 44 -1.81 -2.74 0.55
C LEU A 44 -0.65 -3.23 1.43
N GLY A 45 -0.17 -4.43 1.12
CA GLY A 45 0.93 -4.99 1.89
C GLY A 45 2.19 -4.16 1.80
N LEU A 46 2.41 -3.32 2.82
CA LEU A 46 3.58 -2.47 2.85
C LEU A 46 4.74 -3.14 3.57
N GLU A 47 5.96 -2.69 3.29
CA GLU A 47 7.14 -3.26 3.91
C GLU A 47 8.19 -2.18 4.16
N LEU A 48 8.51 -1.94 5.43
CA LEU A 48 9.49 -0.94 5.80
C LEU A 48 10.88 -1.57 5.96
N ARG A 49 11.90 -0.72 6.03
CA ARG A 49 13.28 -1.20 6.18
C ARG A 49 13.71 -1.12 7.65
N SER A 50 12.78 -1.38 8.55
CA SER A 50 13.07 -1.34 9.98
C SER A 50 11.86 -1.77 10.80
N ALA A 51 12.04 -1.88 12.11
CA ALA A 51 10.96 -2.28 13.00
C ALA A 51 10.11 -1.09 13.41
N LYS A 52 9.12 -0.76 12.59
CA LYS A 52 8.24 0.36 12.87
C LYS A 52 6.81 0.06 12.42
N GLY A 53 6.40 -1.19 12.57
CA GLY A 53 5.06 -1.59 12.17
C GLY A 53 4.40 -2.50 13.20
N LYS A 54 3.40 -3.24 12.76
CA LYS A 54 2.68 -4.16 13.64
C LYS A 54 2.33 -5.45 12.91
N ASN A 55 3.16 -5.84 11.96
CA ASN A 55 2.93 -7.05 11.19
C ASN A 55 4.22 -7.87 11.07
N ASP A 56 4.06 -9.18 10.87
CA ASP A 56 5.20 -10.08 10.74
C ASP A 56 5.34 -10.59 9.32
N GLY A 57 4.96 -9.76 8.35
CA GLY A 57 5.05 -10.15 6.96
C GLY A 57 3.72 -10.63 6.41
N ALA A 58 3.04 -11.47 7.19
CA ALA A 58 1.75 -12.03 6.78
C ALA A 58 0.76 -12.01 7.93
N VAL A 59 -0.53 -12.00 7.59
CA VAL A 59 -1.59 -11.98 8.60
C VAL A 59 -2.67 -13.00 8.27
N GLY A 60 -2.81 -14.01 9.12
CA GLY A 60 -3.81 -15.03 8.91
C GLY A 60 -3.39 -16.06 7.87
N ASP A 61 -4.28 -16.32 6.91
CA ASP A 61 -3.99 -17.29 5.85
C ASP A 61 -3.72 -16.58 4.53
N LYS A 62 -3.19 -15.36 4.61
CA LYS A 62 -2.89 -14.58 3.41
C LYS A 62 -1.54 -13.88 3.54
N ARG A 63 -0.69 -14.04 2.53
CA ARG A 63 0.62 -13.42 2.53
C ARG A 63 0.61 -12.11 1.76
N TYR A 64 1.14 -11.06 2.38
CA TYR A 64 1.19 -9.74 1.75
C TYR A 64 2.64 -9.33 1.46
N PHE A 65 3.56 -9.78 2.30
CA PHE A 65 4.97 -9.47 2.14
C PHE A 65 5.83 -10.29 3.10
N THR A 66 7.14 -10.07 3.03
CA THR A 66 8.07 -10.79 3.89
C THR A 66 9.09 -9.84 4.50
N CYS A 67 9.10 -9.75 5.83
CA CYS A 67 10.03 -8.87 6.54
C CYS A 67 10.16 -9.28 7.99
N LYS A 68 11.08 -8.63 8.71
CA LYS A 68 11.30 -8.94 10.11
C LYS A 68 10.05 -8.65 10.93
N PRO A 69 10.02 -9.12 12.20
CA PRO A 69 8.87 -8.93 13.09
C PRO A 69 8.56 -7.44 13.31
N ASN A 70 7.32 -7.06 13.02
CA ASN A 70 6.89 -5.68 13.19
C ASN A 70 7.70 -4.75 12.29
N TYR A 71 7.77 -5.07 11.01
CA TYR A 71 8.50 -4.27 10.05
C TYR A 71 7.55 -3.61 9.05
N GLY A 72 6.67 -4.41 8.47
CA GLY A 72 5.71 -3.89 7.50
C GLY A 72 4.38 -3.54 8.14
N VAL A 73 3.51 -2.91 7.36
CA VAL A 73 2.20 -2.50 7.86
C VAL A 73 1.14 -2.66 6.78
N LEU A 74 -0.12 -2.66 7.19
CA LEU A 74 -1.23 -2.80 6.26
C LEU A 74 -2.14 -1.57 6.31
N VAL A 75 -2.26 -0.89 5.17
CA VAL A 75 -3.10 0.31 5.09
C VAL A 75 -3.89 0.34 3.79
N ARG A 76 -4.88 1.22 3.73
CA ARG A 76 -5.71 1.35 2.53
C ARG A 76 -5.26 2.53 1.68
N PRO A 77 -5.50 2.46 0.35
CA PRO A 77 -5.13 3.52 -0.58
C PRO A 77 -5.51 4.89 -0.04
N SER A 78 -6.79 5.04 0.25
CA SER A 78 -7.30 6.30 0.80
C SER A 78 -6.55 6.63 2.08
N ARG A 79 -5.99 5.60 2.72
CA ARG A 79 -5.22 5.79 3.95
C ARG A 79 -3.77 6.12 3.62
N VAL A 80 -3.39 5.93 2.35
CA VAL A 80 -2.01 6.22 1.93
C VAL A 80 -1.98 7.25 0.81
N THR A 81 -0.79 7.72 0.49
CA THR A 81 -0.61 8.72 -0.56
C THR A 81 0.69 8.50 -1.32
N TYR A 82 0.83 9.18 -2.46
CA TYR A 82 2.02 9.06 -3.27
C TYR A 82 2.03 10.09 -4.39
N ARG A 83 3.21 10.64 -4.69
CA ARG A 83 3.34 11.63 -5.74
C ARG A 83 3.02 11.03 -7.11
N GLY A 84 3.05 11.88 -8.14
CA GLY A 84 2.76 11.40 -9.48
C GLY A 84 3.24 12.37 -10.55
N ILE A 85 3.00 13.66 -10.32
CA ILE A 85 3.40 14.69 -11.27
C ILE A 85 4.91 14.64 -11.53
N SER A 86 5.35 15.33 -12.58
CA SER A 86 6.76 15.35 -12.94
C SER A 86 7.39 16.69 -12.58
N GLY A 87 6.95 17.75 -13.24
CA GLY A 87 7.48 19.07 -12.97
C GLY A 87 8.86 19.27 -13.56
N PRO A 88 9.44 20.49 -13.43
CA PRO A 88 10.77 20.79 -13.95
C PRO A 88 11.82 19.78 -13.52
N SER A 89 12.54 19.21 -14.48
CA SER A 89 13.57 18.23 -14.19
C SER A 89 14.77 18.88 -13.51
N SER A 90 15.02 20.14 -13.85
CA SER A 90 16.14 20.89 -13.28
C SER A 90 15.84 21.26 -11.83
N GLY A 91 16.89 21.32 -11.01
CA GLY A 91 16.72 21.67 -9.62
C GLY A 91 17.63 20.86 -8.71
N GLY A 1 -18.65 -3.44 -5.92
CA GLY A 1 -19.91 -4.14 -5.62
C GLY A 1 -21.12 -3.24 -5.71
N SER A 2 -21.99 -3.50 -6.69
CA SER A 2 -23.20 -2.71 -6.88
C SER A 2 -22.84 -1.24 -7.16
N SER A 3 -21.72 -1.04 -7.83
CA SER A 3 -21.27 0.31 -8.17
C SER A 3 -20.49 0.32 -9.47
N GLY A 4 -19.55 -0.62 -9.61
CA GLY A 4 -18.75 -0.70 -10.81
C GLY A 4 -18.79 -2.09 -11.43
N SER A 5 -19.44 -2.21 -12.59
CA SER A 5 -19.55 -3.48 -13.28
C SER A 5 -18.38 -3.67 -14.25
N SER A 6 -17.38 -4.43 -13.82
CA SER A 6 -16.20 -4.69 -14.65
C SER A 6 -15.28 -5.71 -13.99
N GLY A 7 -14.85 -6.70 -14.77
CA GLY A 7 -13.98 -7.73 -14.25
C GLY A 7 -12.53 -7.26 -14.16
N GLU A 8 -11.85 -7.19 -15.29
CA GLU A 8 -10.47 -6.76 -15.32
C GLU A 8 -10.27 -5.58 -16.28
N GLY A 9 -9.21 -4.82 -16.08
CA GLY A 9 -8.94 -3.68 -16.93
C GLY A 9 -8.09 -2.63 -16.24
N THR A 10 -8.56 -2.15 -15.10
CA THR A 10 -7.84 -1.13 -14.33
C THR A 10 -7.65 -1.57 -12.89
N VAL A 11 -6.43 -1.46 -12.39
CA VAL A 11 -6.11 -1.85 -11.02
C VAL A 11 -5.39 -0.72 -10.29
N LYS A 12 -5.83 -0.43 -9.07
CA LYS A 12 -5.23 0.62 -8.27
C LYS A 12 -3.88 0.18 -7.72
N LEU A 13 -2.86 1.00 -7.93
CA LEU A 13 -1.51 0.69 -7.46
C LEU A 13 -1.01 -0.62 -8.07
N HIS A 14 0.20 -1.01 -7.68
CA HIS A 14 0.80 -2.24 -8.19
C HIS A 14 2.13 -2.53 -7.48
N GLU A 15 2.61 -3.75 -7.63
CA GLU A 15 3.88 -4.15 -7.02
C GLU A 15 5.04 -3.35 -7.58
N GLY A 16 5.45 -2.33 -6.84
CA GLY A 16 6.55 -1.49 -7.27
C GLY A 16 6.20 -0.01 -7.25
N SER A 17 5.62 0.45 -6.14
CA SER A 17 5.24 1.85 -6.01
C SER A 17 5.68 2.40 -4.65
N GLN A 18 5.70 3.72 -4.53
CA GLN A 18 6.10 4.37 -3.30
C GLN A 18 4.95 5.19 -2.71
N VAL A 19 4.47 4.78 -1.54
CA VAL A 19 3.37 5.47 -0.88
C VAL A 19 3.82 6.09 0.43
N LEU A 20 2.96 6.92 1.02
CA LEU A 20 3.28 7.58 2.28
C LEU A 20 2.07 7.59 3.20
N LEU A 21 2.32 7.56 4.51
CA LEU A 21 1.25 7.56 5.49
C LEU A 21 0.96 8.97 5.98
N THR A 22 -0.29 9.39 5.87
CA THR A 22 -0.70 10.72 6.31
C THR A 22 -0.63 10.84 7.82
N SER A 23 -0.90 9.74 8.51
CA SER A 23 -0.87 9.72 9.97
C SER A 23 0.40 9.02 10.48
N SER A 24 1.54 9.40 9.92
CA SER A 24 2.82 8.82 10.31
C SER A 24 3.96 9.46 9.54
N ASN A 25 3.72 9.77 8.28
CA ASN A 25 4.74 10.39 7.43
C ASN A 25 5.93 9.45 7.26
N GLU A 26 5.65 8.20 6.90
CA GLU A 26 6.70 7.21 6.69
C GLU A 26 6.49 6.47 5.38
N MET A 27 7.33 6.78 4.39
CA MET A 27 7.24 6.14 3.09
C MET A 27 7.43 4.63 3.20
N ALA A 28 6.77 3.89 2.31
CA ALA A 28 6.85 2.44 2.31
C ALA A 28 6.61 1.87 0.92
N THR A 29 7.23 0.74 0.62
CA THR A 29 7.08 0.10 -0.67
C THR A 29 5.90 -0.86 -0.67
N VAL A 30 5.20 -0.91 -1.80
CA VAL A 30 4.04 -1.78 -1.94
C VAL A 30 4.45 -3.17 -2.43
N ARG A 31 3.99 -4.21 -1.72
CA ARG A 31 4.31 -5.58 -2.10
C ARG A 31 3.08 -6.29 -2.64
N TYR A 32 1.94 -6.07 -1.99
CA TYR A 32 0.69 -6.70 -2.41
C TYR A 32 -0.42 -5.66 -2.51
N VAL A 33 -1.38 -5.92 -3.41
CA VAL A 33 -2.51 -5.00 -3.61
C VAL A 33 -3.81 -5.77 -3.79
N GLY A 34 -4.66 -5.72 -2.78
CA GLY A 34 -5.94 -6.41 -2.85
C GLY A 34 -6.56 -6.61 -1.49
N PRO A 35 -7.72 -7.29 -1.42
CA PRO A 35 -8.42 -7.54 -0.15
C PRO A 35 -7.50 -8.19 0.89
N THR A 36 -8.06 -8.47 2.06
CA THR A 36 -7.29 -9.08 3.13
C THR A 36 -8.05 -10.26 3.75
N ASP A 37 -7.34 -11.10 4.48
CA ASP A 37 -7.95 -12.26 5.13
C ASP A 37 -8.64 -11.86 6.43
N PHE A 38 -8.04 -10.91 7.15
CA PHE A 38 -8.59 -10.45 8.41
C PHE A 38 -9.63 -9.36 8.18
N ALA A 39 -9.30 -8.41 7.30
CA ALA A 39 -10.21 -7.31 6.99
C ALA A 39 -10.93 -7.56 5.66
N SER A 40 -11.81 -6.62 5.30
CA SER A 40 -12.56 -6.73 4.06
C SER A 40 -12.63 -5.39 3.34
N GLY A 41 -11.73 -5.19 2.38
CA GLY A 41 -11.70 -3.95 1.64
C GLY A 41 -10.50 -3.84 0.74
N ILE A 42 -9.88 -2.66 0.70
CA ILE A 42 -8.71 -2.43 -0.14
C ILE A 42 -7.49 -2.08 0.71
N TRP A 43 -6.57 -3.03 0.84
CA TRP A 43 -5.36 -2.83 1.63
C TRP A 43 -4.12 -3.13 0.80
N LEU A 44 -2.98 -2.59 1.23
CA LEU A 44 -1.71 -2.82 0.53
C LEU A 44 -0.64 -3.32 1.49
N GLY A 45 -0.06 -4.47 1.15
CA GLY A 45 0.98 -5.04 1.99
C GLY A 45 2.29 -4.30 1.90
N LEU A 46 2.43 -3.24 2.70
CA LEU A 46 3.64 -2.43 2.70
C LEU A 46 4.79 -3.19 3.36
N GLU A 47 6.01 -2.68 3.18
CA GLU A 47 7.19 -3.30 3.76
C GLU A 47 8.22 -2.26 4.15
N LEU A 48 8.27 -1.93 5.44
CA LEU A 48 9.22 -0.95 5.95
C LEU A 48 10.60 -1.57 6.18
N ARG A 49 11.61 -0.73 6.25
CA ARG A 49 12.98 -1.19 6.47
C ARG A 49 13.32 -1.21 7.95
N SER A 50 12.73 -0.29 8.70
CA SER A 50 12.97 -0.20 10.13
C SER A 50 11.95 -1.04 10.92
N ALA A 51 12.23 -1.25 12.20
CA ALA A 51 11.35 -2.04 13.05
C ALA A 51 10.36 -1.14 13.79
N LYS A 52 9.30 -0.74 13.09
CA LYS A 52 8.28 0.12 13.68
C LYS A 52 6.92 -0.13 13.04
N GLY A 53 6.67 -1.37 12.66
CA GLY A 53 5.41 -1.73 12.03
C GLY A 53 4.50 -2.52 12.96
N LYS A 54 3.46 -3.10 12.39
CA LYS A 54 2.51 -3.89 13.17
C LYS A 54 2.25 -5.24 12.51
N ASN A 55 3.26 -5.77 11.82
CA ASN A 55 3.14 -7.04 11.14
C ASN A 55 4.51 -7.68 10.92
N ASP A 56 4.54 -9.00 10.83
CA ASP A 56 5.79 -9.73 10.61
C ASP A 56 5.97 -10.09 9.15
N GLY A 57 4.86 -10.35 8.46
CA GLY A 57 4.92 -10.70 7.06
C GLY A 57 3.67 -11.43 6.59
N ALA A 58 3.02 -12.14 7.50
CA ALA A 58 1.81 -12.88 7.18
C ALA A 58 0.72 -12.63 8.21
N VAL A 59 -0.53 -12.63 7.77
CA VAL A 59 -1.66 -12.42 8.67
C VAL A 59 -2.82 -13.35 8.33
N GLY A 60 -3.30 -14.07 9.33
CA GLY A 60 -4.40 -15.00 9.12
C GLY A 60 -4.01 -16.18 8.25
N ASP A 61 -4.82 -16.47 7.25
CA ASP A 61 -4.56 -17.59 6.35
C ASP A 61 -4.10 -17.09 4.97
N LYS A 62 -3.44 -15.92 4.96
CA LYS A 62 -2.96 -15.35 3.72
C LYS A 62 -1.70 -14.53 3.96
N ARG A 63 -0.89 -14.36 2.90
CA ARG A 63 0.35 -13.60 3.01
C ARG A 63 0.24 -12.28 2.26
N TYR A 64 1.13 -11.34 2.59
CA TYR A 64 1.13 -10.03 1.95
C TYR A 64 2.54 -9.64 1.50
N PHE A 65 3.50 -9.84 2.40
CA PHE A 65 4.90 -9.50 2.10
C PHE A 65 5.84 -10.36 2.93
N THR A 66 7.13 -10.28 2.62
CA THR A 66 8.14 -11.04 3.34
C THR A 66 9.15 -10.11 4.02
N CYS A 67 9.00 -9.97 5.33
CA CYS A 67 9.90 -9.11 6.11
C CYS A 67 10.08 -9.66 7.52
N LYS A 68 10.79 -8.89 8.36
CA LYS A 68 11.04 -9.30 9.73
C LYS A 68 9.85 -8.95 10.63
N PRO A 69 9.81 -9.51 11.85
CA PRO A 69 8.73 -9.25 12.81
C PRO A 69 8.58 -7.77 13.12
N ASN A 70 7.36 -7.26 12.98
CA ASN A 70 7.08 -5.85 13.25
C ASN A 70 7.89 -4.94 12.33
N TYR A 71 7.66 -5.09 11.03
CA TYR A 71 8.36 -4.28 10.03
C TYR A 71 7.37 -3.67 9.04
N GLY A 72 6.60 -4.53 8.37
CA GLY A 72 5.63 -4.06 7.40
C GLY A 72 4.31 -3.68 8.04
N VAL A 73 3.51 -2.90 7.32
CA VAL A 73 2.21 -2.46 7.83
C VAL A 73 1.14 -2.59 6.75
N LEU A 74 -0.11 -2.73 7.18
CA LEU A 74 -1.23 -2.86 6.26
C LEU A 74 -2.15 -1.65 6.35
N VAL A 75 -2.26 -0.90 5.27
CA VAL A 75 -3.11 0.29 5.22
C VAL A 75 -3.96 0.30 3.96
N ARG A 76 -4.84 1.30 3.86
CA ARG A 76 -5.72 1.43 2.70
C ARG A 76 -5.31 2.63 1.85
N PRO A 77 -5.59 2.58 0.53
CA PRO A 77 -5.25 3.66 -0.39
C PRO A 77 -5.65 5.01 0.19
N SER A 78 -6.90 5.11 0.63
CA SER A 78 -7.40 6.34 1.23
C SER A 78 -6.51 6.74 2.40
N ARG A 79 -5.80 5.76 2.95
CA ARG A 79 -4.90 6.02 4.07
C ARG A 79 -3.47 6.23 3.58
N VAL A 80 -3.23 6.02 2.28
CA VAL A 80 -1.89 6.20 1.72
C VAL A 80 -1.94 7.00 0.42
N THR A 81 -1.16 8.08 0.36
CA THR A 81 -1.11 8.92 -0.82
C THR A 81 0.31 8.98 -1.38
N TYR A 82 0.44 8.75 -2.68
CA TYR A 82 1.74 8.79 -3.34
C TYR A 82 1.79 9.87 -4.41
N ARG A 83 3.00 10.24 -4.81
CA ARG A 83 3.20 11.27 -5.83
C ARG A 83 3.97 10.72 -7.02
N GLY A 84 5.06 10.02 -6.74
CA GLY A 84 5.88 9.45 -7.80
C GLY A 84 7.20 10.16 -7.96
N ILE A 85 8.29 9.39 -7.93
CA ILE A 85 9.63 9.96 -8.07
C ILE A 85 9.97 10.19 -9.53
N SER A 86 9.40 9.36 -10.41
CA SER A 86 9.65 9.47 -11.84
C SER A 86 8.50 8.88 -12.64
N GLY A 87 7.30 8.98 -12.08
CA GLY A 87 6.12 8.44 -12.76
C GLY A 87 5.25 9.54 -13.34
N PRO A 88 3.91 9.39 -13.28
CA PRO A 88 2.98 10.38 -13.81
C PRO A 88 3.01 11.69 -13.02
N SER A 89 2.63 12.78 -13.67
CA SER A 89 2.63 14.09 -13.03
C SER A 89 1.65 14.11 -11.86
N SER A 90 0.39 13.81 -12.13
CA SER A 90 -0.64 13.79 -11.10
C SER A 90 -1.22 12.40 -10.93
N GLY A 91 -1.56 11.77 -12.06
CA GLY A 91 -2.13 10.43 -12.02
C GLY A 91 -2.31 9.84 -13.40
N GLY A 1 5.21 0.30 -24.59
CA GLY A 1 3.75 0.10 -24.31
C GLY A 1 2.91 1.29 -24.73
N SER A 2 2.75 2.24 -23.82
CA SER A 2 1.96 3.44 -24.09
C SER A 2 2.56 4.66 -23.41
N SER A 3 2.78 5.72 -24.17
CA SER A 3 3.35 6.94 -23.64
C SER A 3 2.37 7.64 -22.70
N GLY A 4 2.47 7.34 -21.42
CA GLY A 4 1.58 7.94 -20.44
C GLY A 4 2.08 7.76 -19.02
N SER A 5 3.11 8.51 -18.66
CA SER A 5 3.68 8.44 -17.32
C SER A 5 3.17 9.58 -16.45
N SER A 6 1.91 9.93 -16.63
CA SER A 6 1.29 11.01 -15.86
C SER A 6 1.25 10.66 -14.38
N GLY A 7 0.56 11.49 -13.59
CA GLY A 7 0.46 11.25 -12.16
C GLY A 7 -0.93 10.79 -11.75
N GLU A 8 -1.95 11.43 -12.30
CA GLU A 8 -3.33 11.10 -11.98
C GLU A 8 -4.02 10.45 -13.18
N GLY A 9 -4.95 9.54 -12.89
CA GLY A 9 -5.67 8.87 -13.95
C GLY A 9 -5.22 7.42 -14.13
N THR A 10 -4.02 7.24 -14.66
CA THR A 10 -3.49 5.90 -14.87
C THR A 10 -2.37 5.59 -13.88
N VAL A 11 -1.74 4.43 -14.04
CA VAL A 11 -0.66 4.02 -13.16
C VAL A 11 -1.13 3.95 -11.71
N LYS A 12 -1.72 2.83 -11.33
CA LYS A 12 -2.21 2.64 -9.98
C LYS A 12 -1.24 1.79 -9.17
N LEU A 13 -1.54 1.61 -7.89
CA LEU A 13 -0.70 0.80 -7.00
C LEU A 13 -0.96 -0.68 -7.20
N HIS A 14 0.01 -1.38 -7.78
CA HIS A 14 -0.10 -2.81 -8.03
C HIS A 14 1.01 -3.57 -7.33
N GLU A 15 2.25 -3.22 -7.66
CA GLU A 15 3.41 -3.88 -7.07
C GLU A 15 4.66 -3.02 -7.21
N GLY A 16 5.41 -2.88 -6.12
CA GLY A 16 6.62 -2.08 -6.16
C GLY A 16 6.33 -0.60 -6.37
N SER A 17 5.46 -0.05 -5.53
CA SER A 17 5.09 1.36 -5.63
C SER A 17 5.45 2.11 -4.35
N GLN A 18 5.77 3.39 -4.49
CA GLN A 18 6.13 4.22 -3.34
C GLN A 18 4.92 5.00 -2.83
N VAL A 19 4.50 4.69 -1.61
CA VAL A 19 3.36 5.37 -1.01
C VAL A 19 3.69 5.88 0.39
N LEU A 20 3.01 6.95 0.80
CA LEU A 20 3.25 7.54 2.12
C LEU A 20 2.03 7.33 3.01
N LEU A 21 2.29 7.19 4.31
CA LEU A 21 1.21 6.99 5.29
C LEU A 21 0.74 8.33 5.85
N THR A 22 -0.56 8.50 5.95
CA THR A 22 -1.14 9.74 6.48
C THR A 22 -1.09 9.75 8.01
N SER A 23 -1.08 8.57 8.61
CA SER A 23 -1.04 8.46 10.06
C SER A 23 0.40 8.32 10.56
N SER A 24 1.16 7.42 9.93
CA SER A 24 2.54 7.20 10.31
C SER A 24 3.46 8.28 9.75
N ASN A 25 3.08 8.83 8.60
CA ASN A 25 3.86 9.88 7.97
C ASN A 25 5.23 9.35 7.55
N GLU A 26 5.25 8.15 6.99
CA GLU A 26 6.48 7.53 6.54
C GLU A 26 6.27 6.75 5.24
N MET A 27 7.17 6.95 4.28
CA MET A 27 7.07 6.28 3.00
C MET A 27 7.28 4.78 3.15
N ALA A 28 6.79 4.01 2.18
CA ALA A 28 6.92 2.55 2.22
C ALA A 28 6.77 1.96 0.82
N THR A 29 7.16 0.69 0.67
CA THR A 29 7.07 0.01 -0.60
C THR A 29 5.88 -0.94 -0.63
N VAL A 30 5.10 -0.87 -1.70
CA VAL A 30 3.93 -1.71 -1.85
C VAL A 30 4.31 -3.10 -2.36
N ARG A 31 3.87 -4.12 -1.65
CA ARG A 31 4.17 -5.50 -2.03
C ARG A 31 2.89 -6.24 -2.46
N TYR A 32 1.85 -6.12 -1.66
CA TYR A 32 0.58 -6.77 -1.96
C TYR A 32 -0.53 -5.75 -2.17
N VAL A 33 -1.42 -6.03 -3.09
CA VAL A 33 -2.53 -5.13 -3.40
C VAL A 33 -3.77 -5.90 -3.83
N GLY A 34 -4.80 -5.89 -2.98
CA GLY A 34 -6.03 -6.60 -3.29
C GLY A 34 -6.88 -6.85 -2.05
N PRO A 35 -7.79 -7.84 -2.10
CA PRO A 35 -8.65 -8.17 -0.97
C PRO A 35 -7.89 -8.81 0.18
N THR A 36 -8.46 -8.75 1.37
CA THR A 36 -7.82 -9.32 2.55
C THR A 36 -8.69 -10.44 3.14
N ASP A 37 -8.18 -11.07 4.20
CA ASP A 37 -8.90 -12.16 4.86
C ASP A 37 -9.38 -11.73 6.24
N PHE A 38 -8.61 -10.88 6.90
CA PHE A 38 -8.95 -10.39 8.22
C PHE A 38 -10.00 -9.29 8.15
N ALA A 39 -9.95 -8.51 7.07
CA ALA A 39 -10.89 -7.41 6.88
C ALA A 39 -11.64 -7.56 5.56
N SER A 40 -12.48 -6.58 5.24
CA SER A 40 -13.25 -6.60 4.01
C SER A 40 -13.12 -5.29 3.26
N GLY A 41 -12.12 -5.21 2.38
CA GLY A 41 -11.90 -4.00 1.61
C GLY A 41 -10.60 -4.04 0.84
N ILE A 42 -10.12 -2.87 0.43
CA ILE A 42 -8.87 -2.76 -0.31
C ILE A 42 -7.73 -2.30 0.60
N TRP A 43 -6.69 -3.13 0.68
CA TRP A 43 -5.53 -2.81 1.51
C TRP A 43 -4.23 -2.97 0.73
N LEU A 44 -3.11 -2.67 1.37
CA LEU A 44 -1.80 -2.78 0.73
C LEU A 44 -0.76 -3.31 1.70
N GLY A 45 0.05 -4.25 1.24
CA GLY A 45 1.08 -4.83 2.08
C GLY A 45 2.39 -4.08 2.00
N LEU A 46 2.52 -3.02 2.80
CA LEU A 46 3.74 -2.22 2.80
C LEU A 46 4.88 -2.96 3.48
N GLU A 47 6.10 -2.48 3.28
CA GLU A 47 7.28 -3.09 3.86
C GLU A 47 8.36 -2.05 4.14
N LEU A 48 8.79 -1.97 5.39
CA LEU A 48 9.83 -1.02 5.79
C LEU A 48 11.14 -1.72 6.10
N ARG A 49 12.23 -0.98 6.03
CA ARG A 49 13.55 -1.54 6.31
C ARG A 49 14.00 -1.21 7.73
N SER A 50 13.02 -1.09 8.64
CA SER A 50 13.31 -0.78 10.03
C SER A 50 12.21 -1.29 10.94
N ALA A 51 12.57 -1.65 12.17
CA ALA A 51 11.61 -2.15 13.14
C ALA A 51 10.63 -1.06 13.56
N LYS A 52 9.56 -0.90 12.79
CA LYS A 52 8.55 0.11 13.07
C LYS A 52 7.20 -0.27 12.46
N GLY A 53 6.95 -1.57 12.35
CA GLY A 53 5.71 -2.04 11.78
C GLY A 53 4.81 -2.70 12.80
N LYS A 54 3.88 -3.53 12.33
CA LYS A 54 2.95 -4.23 13.21
C LYS A 54 2.64 -5.61 12.68
N ASN A 55 3.62 -6.22 12.02
CA ASN A 55 3.45 -7.56 11.46
C ASN A 55 4.79 -8.17 11.09
N ASP A 56 4.80 -9.48 10.86
CA ASP A 56 6.02 -10.18 10.50
C ASP A 56 6.09 -10.40 8.99
N GLY A 57 4.93 -10.54 8.36
CA GLY A 57 4.88 -10.76 6.93
C GLY A 57 3.55 -11.31 6.47
N ALA A 58 2.88 -12.05 7.35
CA ALA A 58 1.59 -12.64 7.03
C ALA A 58 0.52 -12.22 8.04
N VAL A 59 -0.74 -12.25 7.61
CA VAL A 59 -1.85 -11.87 8.48
C VAL A 59 -3.06 -12.76 8.24
N GLY A 60 -3.25 -13.74 9.12
CA GLY A 60 -4.38 -14.65 8.99
C GLY A 60 -4.05 -15.87 8.16
N ASP A 61 -4.85 -16.12 7.14
CA ASP A 61 -4.64 -17.27 6.26
C ASP A 61 -4.20 -16.82 4.88
N LYS A 62 -3.50 -15.69 4.82
CA LYS A 62 -3.01 -15.15 3.56
C LYS A 62 -1.68 -14.43 3.75
N ARG A 63 -0.93 -14.28 2.65
CA ARG A 63 0.36 -13.62 2.69
C ARG A 63 0.30 -12.25 2.03
N TYR A 64 1.24 -11.38 2.37
CA TYR A 64 1.29 -10.04 1.81
C TYR A 64 2.72 -9.66 1.43
N PHE A 65 3.62 -9.70 2.39
CA PHE A 65 5.03 -9.36 2.16
C PHE A 65 5.94 -10.29 2.94
N THR A 66 7.25 -10.07 2.79
CA THR A 66 8.24 -10.88 3.49
C THR A 66 9.34 -10.01 4.07
N CYS A 67 9.27 -9.78 5.38
CA CYS A 67 10.27 -8.96 6.06
C CYS A 67 10.51 -9.48 7.48
N LYS A 68 11.36 -8.78 8.22
CA LYS A 68 11.68 -9.16 9.59
C LYS A 68 10.53 -8.86 10.54
N PRO A 69 10.58 -9.38 11.78
CA PRO A 69 9.52 -9.15 12.77
C PRO A 69 9.24 -7.67 13.00
N ASN A 70 8.00 -7.27 12.80
CA ASN A 70 7.60 -5.88 12.98
C ASN A 70 8.37 -4.97 12.02
N TYR A 71 8.16 -5.16 10.73
CA TYR A 71 8.84 -4.35 9.72
C TYR A 71 7.83 -3.80 8.71
N GLY A 72 6.92 -4.64 8.26
CA GLY A 72 5.91 -4.21 7.30
C GLY A 72 4.55 -4.00 7.94
N VAL A 73 3.76 -3.12 7.35
CA VAL A 73 2.43 -2.83 7.87
C VAL A 73 1.37 -2.94 6.77
N LEU A 74 0.11 -2.79 7.15
CA LEU A 74 -0.99 -2.87 6.20
C LEU A 74 -1.86 -1.63 6.27
N VAL A 75 -2.10 -1.01 5.11
CA VAL A 75 -2.92 0.19 5.04
C VAL A 75 -3.74 0.23 3.76
N ARG A 76 -4.67 1.18 3.68
CA ARG A 76 -5.52 1.31 2.51
C ARG A 76 -5.13 2.54 1.70
N PRO A 77 -5.42 2.54 0.38
CA PRO A 77 -5.11 3.66 -0.50
C PRO A 77 -5.47 4.99 0.13
N SER A 78 -6.74 5.11 0.52
CA SER A 78 -7.23 6.31 1.16
C SER A 78 -6.38 6.62 2.39
N ARG A 79 -5.74 5.59 2.93
CA ARG A 79 -4.88 5.77 4.10
C ARG A 79 -3.47 6.12 3.67
N VAL A 80 -3.17 5.98 2.38
CA VAL A 80 -1.84 6.31 1.86
C VAL A 80 -1.92 7.36 0.77
N THR A 81 -1.18 8.45 0.95
CA THR A 81 -1.16 9.53 -0.03
C THR A 81 -0.08 9.30 -1.08
N TYR A 82 -0.49 9.26 -2.35
CA TYR A 82 0.45 9.05 -3.44
C TYR A 82 0.22 10.06 -4.56
N ARG A 83 0.71 11.28 -4.35
CA ARG A 83 0.57 12.34 -5.34
C ARG A 83 1.85 12.51 -6.15
N GLY A 84 1.70 12.72 -7.45
CA GLY A 84 2.85 12.90 -8.32
C GLY A 84 2.92 14.29 -8.91
N ILE A 85 3.13 14.36 -10.22
CA ILE A 85 3.22 15.65 -10.91
C ILE A 85 4.49 16.40 -10.51
N SER A 86 4.54 16.84 -9.26
CA SER A 86 5.68 17.58 -8.76
C SER A 86 5.88 18.88 -9.52
N GLY A 87 6.47 19.87 -8.85
CA GLY A 87 6.69 21.16 -9.48
C GLY A 87 7.66 22.03 -8.70
N PRO A 88 8.97 21.73 -8.77
CA PRO A 88 9.99 22.50 -8.05
C PRO A 88 10.19 23.89 -8.65
N SER A 89 10.37 24.88 -7.78
CA SER A 89 10.57 26.26 -8.22
C SER A 89 11.79 26.87 -7.54
N SER A 90 12.58 27.61 -8.32
CA SER A 90 13.78 28.25 -7.79
C SER A 90 14.76 27.21 -7.24
N GLY A 91 15.52 26.59 -8.13
CA GLY A 91 16.48 25.58 -7.71
C GLY A 91 17.63 25.43 -8.68
N GLY A 1 -13.82 -4.84 -33.77
CA GLY A 1 -14.49 -3.93 -32.80
C GLY A 1 -14.59 -4.52 -31.41
N SER A 2 -14.76 -3.67 -30.42
CA SER A 2 -14.88 -4.12 -29.03
C SER A 2 -15.29 -2.96 -28.12
N SER A 3 -15.88 -3.31 -26.97
CA SER A 3 -16.32 -2.31 -26.01
C SER A 3 -16.34 -2.87 -24.60
N GLY A 4 -15.86 -2.08 -23.65
CA GLY A 4 -15.83 -2.52 -22.26
C GLY A 4 -16.30 -1.45 -21.30
N SER A 5 -15.46 -0.42 -21.13
CA SER A 5 -15.80 0.68 -20.23
C SER A 5 -16.21 1.93 -21.01
N SER A 6 -16.73 2.92 -20.30
CA SER A 6 -17.16 4.15 -20.93
C SER A 6 -16.15 5.26 -20.69
N GLY A 7 -15.14 5.33 -21.57
CA GLY A 7 -14.11 6.35 -21.43
C GLY A 7 -13.31 6.20 -20.17
N GLU A 8 -13.20 4.98 -19.67
CA GLU A 8 -12.45 4.70 -18.45
C GLU A 8 -11.11 4.05 -18.76
N GLY A 9 -10.12 4.33 -17.92
CA GLY A 9 -8.79 3.75 -18.13
C GLY A 9 -8.37 2.85 -16.99
N THR A 10 -8.62 3.29 -15.76
CA THR A 10 -8.25 2.51 -14.58
C THR A 10 -6.74 2.36 -14.47
N VAL A 11 -6.22 2.61 -13.28
CA VAL A 11 -4.77 2.50 -13.05
C VAL A 11 -4.49 1.98 -11.65
N LYS A 12 -4.81 2.79 -10.65
CA LYS A 12 -4.59 2.42 -9.25
C LYS A 12 -3.11 2.17 -8.99
N LEU A 13 -2.77 1.90 -7.73
CA LEU A 13 -1.39 1.63 -7.35
C LEU A 13 -0.89 0.35 -7.99
N HIS A 14 0.39 0.32 -8.34
CA HIS A 14 0.99 -0.86 -8.96
C HIS A 14 1.89 -1.59 -7.97
N GLU A 15 2.48 -2.70 -8.43
CA GLU A 15 3.35 -3.50 -7.58
C GLU A 15 4.75 -2.90 -7.53
N GLY A 16 5.19 -2.54 -6.33
CA GLY A 16 6.51 -1.96 -6.17
C GLY A 16 6.49 -0.45 -6.23
N SER A 17 5.37 0.14 -5.82
CA SER A 17 5.23 1.58 -5.82
C SER A 17 5.64 2.18 -4.47
N GLN A 18 5.78 3.50 -4.43
CA GLN A 18 6.17 4.19 -3.21
C GLN A 18 5.05 5.12 -2.73
N VAL A 19 4.51 4.83 -1.55
CA VAL A 19 3.44 5.64 -0.99
C VAL A 19 3.83 6.18 0.39
N LEU A 20 2.95 6.99 0.98
CA LEU A 20 3.21 7.57 2.29
C LEU A 20 1.98 7.43 3.18
N LEU A 21 2.22 7.20 4.48
CA LEU A 21 1.13 7.04 5.43
C LEU A 21 0.70 8.40 5.98
N THR A 22 -0.59 8.52 6.29
CA THR A 22 -1.13 9.76 6.82
C THR A 22 -1.28 9.68 8.34
N SER A 23 -0.41 8.93 8.99
CA SER A 23 -0.45 8.76 10.43
C SER A 23 0.95 8.76 11.02
N SER A 24 1.84 7.98 10.41
CA SER A 24 3.22 7.88 10.87
C SER A 24 4.13 8.84 10.09
N ASN A 25 3.68 9.26 8.91
CA ASN A 25 4.45 10.16 8.06
C ASN A 25 5.70 9.48 7.54
N GLU A 26 5.58 8.21 7.20
CA GLU A 26 6.71 7.44 6.67
C GLU A 26 6.32 6.71 5.39
N MET A 27 7.21 6.77 4.40
CA MET A 27 6.97 6.12 3.12
C MET A 27 7.31 4.63 3.19
N ALA A 28 6.67 3.85 2.34
CA ALA A 28 6.91 2.41 2.30
C ALA A 28 6.67 1.84 0.90
N THR A 29 7.28 0.69 0.63
CA THR A 29 7.13 0.05 -0.68
C THR A 29 5.92 -0.87 -0.71
N VAL A 30 5.25 -0.91 -1.85
CA VAL A 30 4.07 -1.75 -2.00
C VAL A 30 4.46 -3.17 -2.40
N ARG A 31 3.84 -4.15 -1.74
CA ARG A 31 4.11 -5.55 -2.02
C ARG A 31 2.86 -6.26 -2.53
N TYR A 32 1.74 -6.01 -1.87
CA TYR A 32 0.47 -6.63 -2.25
C TYR A 32 -0.59 -5.56 -2.52
N VAL A 33 -1.45 -5.83 -3.49
CA VAL A 33 -2.51 -4.90 -3.85
C VAL A 33 -3.77 -5.64 -4.28
N GLY A 34 -4.79 -5.64 -3.42
CA GLY A 34 -6.03 -6.31 -3.73
C GLY A 34 -6.82 -6.69 -2.50
N PRO A 35 -7.97 -7.36 -2.66
CA PRO A 35 -8.82 -7.77 -1.53
C PRO A 35 -8.04 -8.53 -0.47
N THR A 36 -8.57 -8.56 0.76
CA THR A 36 -7.93 -9.26 1.86
C THR A 36 -8.69 -10.53 2.21
N ASP A 37 -8.16 -11.29 3.16
CA ASP A 37 -8.79 -12.54 3.58
C ASP A 37 -9.34 -12.40 5.00
N PHE A 38 -8.68 -11.59 5.82
CA PHE A 38 -9.11 -11.38 7.20
C PHE A 38 -10.11 -10.23 7.28
N ALA A 39 -9.81 -9.13 6.58
CA ALA A 39 -10.68 -7.96 6.59
C ALA A 39 -11.63 -7.97 5.40
N SER A 40 -11.14 -8.49 4.27
CA SER A 40 -11.93 -8.56 3.05
C SER A 40 -12.35 -7.16 2.59
N GLY A 41 -11.40 -6.41 2.05
CA GLY A 41 -11.69 -5.07 1.58
C GLY A 41 -10.65 -4.56 0.60
N ILE A 42 -9.93 -3.52 0.98
CA ILE A 42 -8.90 -2.94 0.13
C ILE A 42 -7.71 -2.46 0.94
N TRP A 43 -6.62 -3.23 0.90
CA TRP A 43 -5.41 -2.88 1.63
C TRP A 43 -4.17 -3.12 0.78
N LEU A 44 -3.02 -2.67 1.27
CA LEU A 44 -1.76 -2.83 0.55
C LEU A 44 -0.64 -3.24 1.51
N GLY A 45 -0.08 -4.42 1.27
CA GLY A 45 1.00 -4.90 2.12
C GLY A 45 2.29 -4.11 1.94
N LEU A 46 2.43 -3.04 2.73
CA LEU A 46 3.61 -2.20 2.66
C LEU A 46 4.77 -2.82 3.44
N GLU A 47 5.97 -2.29 3.22
CA GLU A 47 7.16 -2.79 3.89
C GLU A 47 8.12 -1.65 4.23
N LEU A 48 8.80 -1.76 5.36
CA LEU A 48 9.74 -0.74 5.80
C LEU A 48 11.16 -1.29 5.79
N ARG A 49 12.13 -0.40 6.04
CA ARG A 49 13.53 -0.80 6.07
C ARG A 49 13.98 -1.14 7.49
N SER A 50 13.38 -0.46 8.47
CA SER A 50 13.72 -0.68 9.87
C SER A 50 12.53 -1.24 10.63
N ALA A 51 12.71 -1.48 11.92
CA ALA A 51 11.65 -2.02 12.76
C ALA A 51 10.75 -0.91 13.28
N LYS A 52 9.57 -0.78 12.68
CA LYS A 52 8.61 0.24 13.09
C LYS A 52 7.23 -0.06 12.53
N GLY A 53 6.92 -1.34 12.37
CA GLY A 53 5.64 -1.74 11.85
C GLY A 53 4.75 -2.36 12.91
N LYS A 54 3.65 -2.98 12.47
CA LYS A 54 2.71 -3.61 13.40
C LYS A 54 2.60 -5.11 13.12
N ASN A 55 2.54 -5.47 11.84
CA ASN A 55 2.43 -6.87 11.44
C ASN A 55 3.81 -7.48 11.25
N ASP A 56 3.84 -8.80 11.09
CA ASP A 56 5.10 -9.52 10.90
C ASP A 56 5.38 -9.75 9.42
N GLY A 57 4.31 -9.85 8.63
CA GLY A 57 4.47 -10.08 7.20
C GLY A 57 3.24 -10.72 6.58
N ALA A 58 2.47 -11.44 7.39
CA ALA A 58 1.26 -12.10 6.90
C ALA A 58 0.15 -12.03 7.95
N VAL A 59 -1.04 -12.47 7.56
CA VAL A 59 -2.19 -12.46 8.46
C VAL A 59 -2.97 -13.77 8.37
N GLY A 60 -2.73 -14.67 9.33
CA GLY A 60 -3.42 -15.94 9.34
C GLY A 60 -2.78 -16.94 8.40
N ASP A 61 -3.45 -17.21 7.27
CA ASP A 61 -2.93 -18.16 6.29
C ASP A 61 -2.50 -17.45 5.01
N LYS A 62 -3.06 -16.27 4.77
CA LYS A 62 -2.73 -15.49 3.59
C LYS A 62 -1.43 -14.72 3.79
N ARG A 63 -0.83 -14.27 2.68
CA ARG A 63 0.41 -13.51 2.74
C ARG A 63 0.28 -12.19 1.97
N TYR A 64 1.02 -11.18 2.40
CA TYR A 64 0.98 -9.88 1.76
C TYR A 64 2.38 -9.38 1.42
N PHE A 65 3.26 -9.39 2.42
CA PHE A 65 4.64 -8.94 2.22
C PHE A 65 5.61 -9.80 3.01
N THR A 66 6.90 -9.57 2.82
CA THR A 66 7.94 -10.32 3.52
C THR A 66 8.94 -9.39 4.18
N CYS A 67 9.18 -9.59 5.47
CA CYS A 67 10.12 -8.76 6.22
C CYS A 67 10.29 -9.28 7.64
N LYS A 68 11.16 -8.63 8.41
CA LYS A 68 11.41 -9.02 9.79
C LYS A 68 10.23 -8.66 10.68
N PRO A 69 10.21 -9.20 11.91
CA PRO A 69 9.12 -8.94 12.87
C PRO A 69 8.93 -7.44 13.12
N ASN A 70 7.70 -6.98 12.92
CA ASN A 70 7.38 -5.57 13.12
C ASN A 70 8.19 -4.68 12.17
N TYR A 71 7.95 -4.84 10.87
CA TYR A 71 8.66 -4.05 9.88
C TYR A 71 7.68 -3.39 8.91
N GLY A 72 6.74 -4.18 8.39
CA GLY A 72 5.75 -3.66 7.47
C GLY A 72 4.44 -3.32 8.15
N VAL A 73 3.52 -2.73 7.40
CA VAL A 73 2.22 -2.36 7.93
C VAL A 73 1.13 -2.42 6.85
N LEU A 74 -0.08 -2.75 7.26
CA LEU A 74 -1.20 -2.84 6.33
C LEU A 74 -2.12 -1.63 6.46
N VAL A 75 -2.23 -0.86 5.39
CA VAL A 75 -3.09 0.33 5.39
C VAL A 75 -4.01 0.34 4.18
N ARG A 76 -4.84 1.37 4.09
CA ARG A 76 -5.78 1.50 2.97
C ARG A 76 -5.34 2.59 2.01
N PRO A 77 -5.74 2.49 0.72
CA PRO A 77 -5.39 3.47 -0.30
C PRO A 77 -5.55 4.89 0.21
N SER A 78 -6.76 5.19 0.68
CA SER A 78 -7.06 6.51 1.22
C SER A 78 -6.07 6.84 2.34
N ARG A 79 -5.51 5.80 2.94
CA ARG A 79 -4.55 5.97 4.01
C ARG A 79 -3.13 6.10 3.45
N VAL A 80 -2.97 5.80 2.16
CA VAL A 80 -1.66 5.88 1.53
C VAL A 80 -1.70 6.79 0.29
N THR A 81 -0.82 7.79 0.27
CA THR A 81 -0.75 8.71 -0.84
C THR A 81 0.58 8.59 -1.58
N TYR A 82 0.59 9.00 -2.84
CA TYR A 82 1.80 8.93 -3.66
C TYR A 82 1.70 9.87 -4.86
N ARG A 83 2.84 10.17 -5.46
CA ARG A 83 2.88 11.06 -6.62
C ARG A 83 3.40 10.31 -7.85
N GLY A 84 2.56 10.26 -8.89
CA GLY A 84 2.94 9.57 -10.11
C GLY A 84 1.75 9.24 -10.98
N ILE A 85 0.83 10.18 -11.11
CA ILE A 85 -0.37 9.98 -11.93
C ILE A 85 -0.45 11.00 -13.04
N SER A 86 -0.10 12.25 -12.72
CA SER A 86 -0.14 13.32 -13.71
C SER A 86 -1.56 13.53 -14.25
N GLY A 87 -1.80 14.69 -14.83
CA GLY A 87 -3.12 14.98 -15.38
C GLY A 87 -3.17 14.81 -16.89
N PRO A 88 -4.14 14.03 -17.41
CA PRO A 88 -4.28 13.80 -18.85
C PRO A 88 -4.81 15.03 -19.58
N SER A 89 -4.17 15.39 -20.68
CA SER A 89 -4.58 16.54 -21.47
C SER A 89 -5.59 16.13 -22.54
N SER A 90 -6.76 16.76 -22.52
CA SER A 90 -7.81 16.46 -23.48
C SER A 90 -8.74 17.66 -23.66
N GLY A 91 -8.51 18.42 -24.72
CA GLY A 91 -9.34 19.59 -24.99
C GLY A 91 -9.12 20.69 -23.97
N GLY A 1 -2.16 23.86 -22.50
CA GLY A 1 -0.69 24.04 -22.29
C GLY A 1 -0.13 23.03 -21.32
N SER A 2 0.56 22.02 -21.85
CA SER A 2 1.17 20.98 -21.03
C SER A 2 0.10 20.24 -20.22
N SER A 3 -1.09 20.13 -20.81
CA SER A 3 -2.21 19.44 -20.15
C SER A 3 -2.33 18.01 -20.65
N GLY A 4 -1.19 17.38 -20.94
CA GLY A 4 -1.20 16.01 -21.43
C GLY A 4 -0.27 15.81 -22.61
N SER A 5 0.79 15.03 -22.40
CA SER A 5 1.75 14.76 -23.46
C SER A 5 2.45 13.42 -23.23
N SER A 6 1.67 12.35 -23.16
CA SER A 6 2.21 11.01 -22.94
C SER A 6 1.22 9.94 -23.39
N GLY A 7 -0.04 10.12 -23.01
CA GLY A 7 -1.08 9.17 -23.38
C GLY A 7 -1.54 8.33 -22.20
N GLU A 8 -2.08 9.01 -21.18
CA GLU A 8 -2.57 8.33 -19.99
C GLU A 8 -1.43 7.63 -19.25
N GLY A 9 -1.43 7.73 -17.93
CA GLY A 9 -0.40 7.10 -17.13
C GLY A 9 -0.96 6.09 -16.14
N THR A 10 -0.72 6.32 -14.86
CA THR A 10 -1.21 5.43 -13.82
C THR A 10 -2.12 6.18 -12.84
N VAL A 11 -2.92 5.42 -12.10
CA VAL A 11 -3.84 6.01 -11.13
C VAL A 11 -3.94 5.14 -9.88
N LYS A 12 -4.11 3.84 -10.09
CA LYS A 12 -4.23 2.90 -8.97
C LYS A 12 -2.90 2.20 -8.71
N LEU A 13 -2.66 1.84 -7.45
CA LEU A 13 -1.43 1.17 -7.07
C LEU A 13 -1.38 -0.24 -7.65
N HIS A 14 -0.17 -0.67 -8.02
CA HIS A 14 0.01 -2.00 -8.59
C HIS A 14 1.37 -2.57 -8.21
N GLU A 15 1.69 -2.51 -6.91
CA GLU A 15 2.96 -3.01 -6.41
C GLU A 15 4.14 -2.28 -7.05
N GLY A 16 5.29 -2.33 -6.38
CA GLY A 16 6.47 -1.67 -6.91
C GLY A 16 6.32 -0.17 -6.94
N SER A 17 5.84 0.41 -5.84
CA SER A 17 5.65 1.85 -5.74
C SER A 17 6.02 2.36 -4.35
N GLN A 18 6.07 3.68 -4.21
CA GLN A 18 6.40 4.29 -2.93
C GLN A 18 5.29 5.24 -2.48
N VAL A 19 4.54 4.81 -1.46
CA VAL A 19 3.44 5.62 -0.93
C VAL A 19 3.82 6.24 0.41
N LEU A 20 2.93 7.06 0.95
CA LEU A 20 3.16 7.71 2.23
C LEU A 20 1.89 7.72 3.09
N LEU A 21 2.08 7.65 4.40
CA LEU A 21 0.95 7.64 5.32
C LEU A 21 0.59 9.06 5.75
N THR A 22 -0.69 9.40 5.63
CA THR A 22 -1.17 10.72 6.01
C THR A 22 -1.56 10.76 7.48
N SER A 23 -0.62 10.42 8.35
CA SER A 23 -0.86 10.41 9.79
C SER A 23 0.45 10.25 10.56
N SER A 24 1.16 9.17 10.28
CA SER A 24 2.43 8.89 10.94
C SER A 24 3.61 9.43 10.13
N ASN A 25 3.39 9.62 8.83
CA ASN A 25 4.43 10.13 7.95
C ASN A 25 5.57 9.12 7.82
N GLU A 26 5.33 8.07 7.03
CA GLU A 26 6.33 7.03 6.83
C GLU A 26 6.17 6.39 5.46
N MET A 27 7.15 6.60 4.58
CA MET A 27 7.11 6.05 3.24
C MET A 27 7.38 4.55 3.26
N ALA A 28 6.69 3.81 2.40
CA ALA A 28 6.85 2.36 2.32
C ALA A 28 6.68 1.87 0.88
N THR A 29 7.16 0.67 0.62
CA THR A 29 7.06 0.07 -0.71
C THR A 29 5.84 -0.83 -0.83
N VAL A 30 5.17 -0.76 -1.98
CA VAL A 30 3.98 -1.58 -2.20
C VAL A 30 4.35 -2.97 -2.69
N ARG A 31 3.99 -3.98 -1.91
CA ARG A 31 4.29 -5.36 -2.26
C ARG A 31 3.01 -6.12 -2.62
N TYR A 32 1.91 -5.75 -1.99
CA TYR A 32 0.63 -6.40 -2.24
C TYR A 32 -0.48 -5.37 -2.40
N VAL A 33 -1.44 -5.68 -3.27
CA VAL A 33 -2.56 -4.78 -3.52
C VAL A 33 -3.82 -5.55 -3.89
N GLY A 34 -4.77 -5.59 -2.96
CA GLY A 34 -6.01 -6.31 -3.20
C GLY A 34 -6.73 -6.66 -1.91
N PRO A 35 -7.79 -7.49 -1.98
CA PRO A 35 -8.56 -7.89 -0.81
C PRO A 35 -7.67 -8.45 0.31
N THR A 36 -8.30 -8.87 1.39
CA THR A 36 -7.57 -9.42 2.52
C THR A 36 -8.24 -10.69 3.04
N ASP A 37 -7.71 -11.25 4.12
CA ASP A 37 -8.25 -12.46 4.72
C ASP A 37 -8.95 -12.16 6.04
N PHE A 38 -8.39 -11.22 6.79
CA PHE A 38 -8.95 -10.83 8.08
C PHE A 38 -9.97 -9.71 7.91
N ALA A 39 -9.74 -8.85 6.93
CA ALA A 39 -10.63 -7.73 6.67
C ALA A 39 -11.28 -7.87 5.30
N SER A 40 -11.96 -6.81 4.86
CA SER A 40 -12.64 -6.80 3.57
C SER A 40 -12.57 -5.42 2.92
N GLY A 41 -11.91 -5.35 1.77
CA GLY A 41 -11.78 -4.08 1.07
C GLY A 41 -10.50 -3.99 0.27
N ILE A 42 -9.99 -2.78 0.13
CA ILE A 42 -8.75 -2.55 -0.62
C ILE A 42 -7.59 -2.23 0.31
N TRP A 43 -6.76 -3.22 0.59
CA TRP A 43 -5.62 -3.04 1.48
C TRP A 43 -4.31 -3.15 0.69
N LEU A 44 -3.22 -2.72 1.32
CA LEU A 44 -1.91 -2.76 0.68
C LEU A 44 -0.86 -3.30 1.64
N GLY A 45 -0.18 -4.37 1.23
CA GLY A 45 0.84 -4.97 2.06
C GLY A 45 2.19 -4.30 1.90
N LEU A 46 2.37 -3.16 2.57
CA LEU A 46 3.63 -2.42 2.50
C LEU A 46 4.75 -3.19 3.16
N GLU A 47 5.99 -2.74 2.93
CA GLU A 47 7.16 -3.40 3.51
C GLU A 47 8.28 -2.39 3.73
N LEU A 48 8.45 -1.97 4.98
CA LEU A 48 9.49 -1.01 5.33
C LEU A 48 10.87 -1.68 5.35
N ARG A 49 11.91 -0.86 5.46
CA ARG A 49 13.27 -1.37 5.47
C ARG A 49 13.87 -1.28 6.88
N SER A 50 13.01 -1.42 7.88
CA SER A 50 13.45 -1.36 9.27
C SER A 50 12.39 -1.93 10.20
N ALA A 51 12.71 -1.99 11.49
CA ALA A 51 11.79 -2.52 12.48
C ALA A 51 11.01 -1.41 13.17
N LYS A 52 9.96 -0.94 12.51
CA LYS A 52 9.12 0.13 13.06
C LYS A 52 7.65 -0.10 12.72
N GLY A 53 7.25 -1.36 12.71
CA GLY A 53 5.86 -1.68 12.40
C GLY A 53 5.26 -2.67 13.39
N LYS A 54 4.11 -3.22 13.03
CA LYS A 54 3.43 -4.18 13.90
C LYS A 54 3.03 -5.44 13.11
N ASN A 55 3.83 -5.78 12.11
CA ASN A 55 3.55 -6.94 11.28
C ASN A 55 4.84 -7.69 10.95
N ASP A 56 4.75 -9.02 10.88
CA ASP A 56 5.91 -9.85 10.57
C ASP A 56 5.98 -10.16 9.09
N GLY A 57 4.81 -10.26 8.46
CA GLY A 57 4.75 -10.56 7.04
C GLY A 57 3.45 -11.25 6.65
N ALA A 58 2.87 -11.97 7.58
CA ALA A 58 1.61 -12.68 7.33
C ALA A 58 0.58 -12.38 8.41
N VAL A 59 -0.68 -12.33 8.00
CA VAL A 59 -1.78 -12.05 8.93
C VAL A 59 -2.98 -12.95 8.66
N GLY A 60 -3.20 -13.92 9.54
CA GLY A 60 -4.31 -14.84 9.37
C GLY A 60 -3.95 -16.06 8.56
N ASP A 61 -4.76 -16.37 7.55
CA ASP A 61 -4.53 -17.52 6.70
C ASP A 61 -4.11 -17.07 5.29
N LYS A 62 -3.46 -15.92 5.22
CA LYS A 62 -3.02 -15.39 3.93
C LYS A 62 -1.72 -14.58 4.09
N ARG A 63 -1.01 -14.38 2.99
CA ARG A 63 0.23 -13.64 3.01
C ARG A 63 0.13 -12.39 2.14
N TYR A 64 1.05 -11.45 2.35
CA TYR A 64 1.06 -10.21 1.58
C TYR A 64 2.48 -9.83 1.18
N PHE A 65 3.40 -9.90 2.13
CA PHE A 65 4.80 -9.57 1.88
C PHE A 65 5.72 -10.43 2.73
N THR A 66 6.99 -10.51 2.33
CA THR A 66 7.97 -11.29 3.06
C THR A 66 9.06 -10.39 3.64
N CYS A 67 8.97 -10.13 4.94
CA CYS A 67 9.95 -9.28 5.62
C CYS A 67 10.24 -9.80 7.02
N LYS A 68 10.99 -9.02 7.79
CA LYS A 68 11.35 -9.39 9.15
C LYS A 68 10.21 -9.05 10.12
N PRO A 69 10.32 -9.52 11.38
CA PRO A 69 9.30 -9.26 12.40
C PRO A 69 9.12 -7.77 12.67
N ASN A 70 7.90 -7.28 12.56
CA ASN A 70 7.60 -5.87 12.80
C ASN A 70 8.37 -4.97 11.83
N TYR A 71 8.23 -5.27 10.54
CA TYR A 71 8.91 -4.48 9.51
C TYR A 71 7.89 -3.88 8.53
N GLY A 72 6.90 -4.69 8.15
CA GLY A 72 5.88 -4.21 7.23
C GLY A 72 4.68 -3.64 7.95
N VAL A 73 3.77 -3.05 7.19
CA VAL A 73 2.56 -2.46 7.75
C VAL A 73 1.40 -2.53 6.77
N LEU A 74 0.20 -2.74 7.31
CA LEU A 74 -1.00 -2.84 6.48
C LEU A 74 -1.78 -1.53 6.50
N VAL A 75 -1.97 -0.94 5.32
CA VAL A 75 -2.70 0.32 5.21
C VAL A 75 -3.57 0.34 3.96
N ARG A 76 -4.58 1.20 3.96
CA ARG A 76 -5.49 1.32 2.83
C ARG A 76 -5.11 2.50 1.94
N PRO A 77 -5.38 2.40 0.63
CA PRO A 77 -5.08 3.47 -0.32
C PRO A 77 -5.51 4.82 0.22
N SER A 78 -6.80 4.91 0.54
CA SER A 78 -7.34 6.14 1.09
C SER A 78 -6.57 6.53 2.35
N ARG A 79 -5.95 5.55 2.98
CA ARG A 79 -5.16 5.80 4.17
C ARG A 79 -3.72 6.18 3.80
N VAL A 80 -3.37 5.99 2.53
CA VAL A 80 -2.03 6.31 2.06
C VAL A 80 -2.08 7.27 0.87
N THR A 81 -0.91 7.64 0.36
CA THR A 81 -0.83 8.56 -0.77
C THR A 81 0.49 8.38 -1.51
N TYR A 82 0.66 9.13 -2.60
CA TYR A 82 1.88 9.05 -3.40
C TYR A 82 1.84 10.06 -4.55
N ARG A 83 0.66 10.26 -5.12
CA ARG A 83 0.48 11.19 -6.22
C ARG A 83 -0.98 11.56 -6.38
N GLY A 84 -1.24 12.71 -7.01
CA GLY A 84 -2.60 13.16 -7.21
C GLY A 84 -2.94 14.38 -6.38
N ILE A 85 -2.78 14.26 -5.06
CA ILE A 85 -3.07 15.36 -4.16
C ILE A 85 -1.81 15.81 -3.42
N SER A 86 -1.37 17.03 -3.70
CA SER A 86 -0.18 17.58 -3.06
C SER A 86 1.06 16.74 -3.41
N GLY A 87 2.00 17.34 -4.12
CA GLY A 87 3.21 16.63 -4.50
C GLY A 87 4.44 17.15 -3.77
N PRO A 88 5.42 16.28 -3.50
CA PRO A 88 6.65 16.66 -2.80
C PRO A 88 7.33 17.86 -3.45
N SER A 89 8.23 18.50 -2.70
CA SER A 89 8.96 19.66 -3.21
C SER A 89 10.22 19.91 -2.39
N SER A 90 11.36 19.46 -2.91
CA SER A 90 12.63 19.63 -2.23
C SER A 90 13.79 19.65 -3.22
N GLY A 91 14.95 20.11 -2.77
CA GLY A 91 16.11 20.18 -3.63
C GLY A 91 16.19 21.49 -4.40
N GLY A 1 -17.66 -5.37 -8.77
CA GLY A 1 -17.52 -4.09 -8.02
C GLY A 1 -17.77 -2.88 -8.89
N SER A 2 -19.02 -2.42 -8.93
CA SER A 2 -19.38 -1.26 -9.73
C SER A 2 -19.17 0.03 -8.94
N SER A 3 -19.63 1.14 -9.50
CA SER A 3 -19.49 2.45 -8.85
C SER A 3 -18.02 2.79 -8.65
N GLY A 4 -17.38 3.27 -9.70
CA GLY A 4 -15.97 3.63 -9.61
C GLY A 4 -15.07 2.43 -9.43
N SER A 5 -13.77 2.64 -9.61
CA SER A 5 -12.80 1.56 -9.47
C SER A 5 -11.38 2.11 -9.39
N SER A 6 -11.24 3.30 -8.78
CA SER A 6 -9.94 3.93 -8.64
C SER A 6 -9.77 4.50 -7.23
N GLY A 7 -10.70 5.36 -6.84
CA GLY A 7 -10.63 5.96 -5.52
C GLY A 7 -11.35 7.29 -5.45
N GLU A 8 -10.62 8.35 -5.10
CA GLU A 8 -11.19 9.68 -5.00
C GLU A 8 -10.70 10.58 -6.12
N GLY A 9 -10.48 9.99 -7.29
CA GLY A 9 -10.00 10.75 -8.43
C GLY A 9 -8.49 10.76 -8.54
N THR A 10 -7.91 9.57 -8.69
CA THR A 10 -6.46 9.45 -8.79
C THR A 10 -6.08 8.13 -9.48
N VAL A 11 -4.83 8.06 -9.95
CA VAL A 11 -4.34 6.86 -10.61
C VAL A 11 -4.18 5.71 -9.63
N LYS A 12 -4.65 4.53 -10.01
CA LYS A 12 -4.56 3.35 -9.15
C LYS A 12 -3.10 2.99 -8.89
N LEU A 13 -2.86 2.28 -7.79
CA LEU A 13 -1.51 1.87 -7.42
C LEU A 13 -1.13 0.57 -8.11
N HIS A 14 0.16 0.23 -8.07
CA HIS A 14 0.65 -0.98 -8.69
C HIS A 14 1.72 -1.64 -7.83
N GLU A 15 2.35 -2.68 -8.37
CA GLU A 15 3.40 -3.39 -7.64
C GLU A 15 4.75 -2.72 -7.81
N GLY A 16 5.45 -2.50 -6.70
CA GLY A 16 6.75 -1.86 -6.76
C GLY A 16 6.65 -0.35 -6.81
N SER A 17 5.76 0.20 -6.00
CA SER A 17 5.57 1.65 -5.95
C SER A 17 5.91 2.20 -4.56
N GLN A 18 5.78 3.51 -4.40
CA GLN A 18 6.07 4.16 -3.13
C GLN A 18 4.87 4.97 -2.64
N VAL A 19 4.76 5.12 -1.33
CA VAL A 19 3.66 5.87 -0.74
C VAL A 19 4.02 6.40 0.65
N LEU A 20 3.11 7.12 1.27
CA LEU A 20 3.33 7.67 2.59
C LEU A 20 2.12 7.47 3.49
N LEU A 21 2.36 7.00 4.70
CA LEU A 21 1.28 6.75 5.65
C LEU A 21 0.75 8.06 6.22
N THR A 22 -0.56 8.10 6.48
CA THR A 22 -1.20 9.30 7.01
C THR A 22 -1.38 9.18 8.52
N SER A 23 -0.47 8.47 9.17
CA SER A 23 -0.53 8.29 10.62
C SER A 23 0.87 8.20 11.21
N SER A 24 1.71 7.38 10.59
CA SER A 24 3.09 7.20 11.06
C SER A 24 4.02 8.23 10.41
N ASN A 25 3.60 8.79 9.27
CA ASN A 25 4.40 9.77 8.57
C ASN A 25 5.69 9.15 8.03
N GLU A 26 5.60 7.90 7.60
CA GLU A 26 6.75 7.18 7.07
C GLU A 26 6.43 6.57 5.71
N MET A 27 7.36 6.71 4.77
CA MET A 27 7.17 6.17 3.43
C MET A 27 7.25 4.64 3.45
N ALA A 28 6.67 4.02 2.43
CA ALA A 28 6.67 2.56 2.33
C ALA A 28 6.59 2.12 0.87
N THR A 29 6.81 0.83 0.63
CA THR A 29 6.76 0.27 -0.72
C THR A 29 5.57 -0.65 -0.87
N VAL A 30 4.93 -0.60 -2.04
CA VAL A 30 3.77 -1.43 -2.31
C VAL A 30 4.20 -2.82 -2.77
N ARG A 31 3.72 -3.84 -2.06
CA ARG A 31 4.05 -5.22 -2.39
C ARG A 31 2.81 -6.01 -2.80
N TYR A 32 1.71 -5.76 -2.09
CA TYR A 32 0.45 -6.44 -2.38
C TYR A 32 -0.67 -5.44 -2.60
N VAL A 33 -1.65 -5.82 -3.41
CA VAL A 33 -2.79 -4.96 -3.70
C VAL A 33 -4.06 -5.77 -3.93
N GLY A 34 -4.89 -5.83 -2.91
CA GLY A 34 -6.14 -6.58 -3.00
C GLY A 34 -6.81 -6.79 -1.66
N PRO A 35 -7.75 -7.73 -1.57
CA PRO A 35 -8.47 -8.02 -0.33
C PRO A 35 -7.57 -8.69 0.71
N THR A 36 -8.18 -9.17 1.79
CA THR A 36 -7.44 -9.83 2.85
C THR A 36 -8.22 -11.02 3.40
N ASP A 37 -7.63 -11.70 4.39
CA ASP A 37 -8.27 -12.85 5.00
C ASP A 37 -8.72 -12.54 6.42
N PHE A 38 -9.08 -11.28 6.66
CA PHE A 38 -9.53 -10.86 7.98
C PHE A 38 -10.50 -9.68 7.87
N ALA A 39 -10.14 -8.70 7.06
CA ALA A 39 -10.97 -7.52 6.85
C ALA A 39 -11.75 -7.61 5.55
N SER A 40 -12.63 -6.64 5.31
CA SER A 40 -13.43 -6.60 4.10
C SER A 40 -13.16 -5.34 3.30
N GLY A 41 -12.68 -5.52 2.07
CA GLY A 41 -12.39 -4.38 1.22
C GLY A 41 -11.03 -4.48 0.56
N ILE A 42 -10.40 -3.35 0.30
CA ILE A 42 -9.08 -3.32 -0.33
C ILE A 42 -7.99 -3.04 0.69
N TRP A 43 -6.77 -3.45 0.37
CA TRP A 43 -5.64 -3.24 1.27
C TRP A 43 -4.32 -3.23 0.49
N LEU A 44 -3.26 -2.80 1.14
CA LEU A 44 -1.95 -2.74 0.51
C LEU A 44 -0.86 -3.19 1.47
N GLY A 45 -0.31 -4.38 1.22
CA GLY A 45 0.74 -4.91 2.06
C GLY A 45 2.05 -4.18 1.91
N LEU A 46 2.14 -3.00 2.54
CA LEU A 46 3.35 -2.19 2.47
C LEU A 46 4.52 -2.89 3.16
N GLU A 47 5.73 -2.40 2.92
CA GLU A 47 6.92 -2.98 3.53
C GLU A 47 7.96 -1.90 3.80
N LEU A 48 8.12 -1.56 5.08
CA LEU A 48 9.08 -0.53 5.48
C LEU A 48 10.50 -1.07 5.43
N ARG A 49 11.47 -0.17 5.52
CA ARG A 49 12.88 -0.56 5.49
C ARG A 49 13.38 -0.93 6.88
N SER A 50 12.81 -0.29 7.90
CA SER A 50 13.20 -0.55 9.28
C SER A 50 12.08 -1.25 10.04
N ALA A 51 12.22 -1.34 11.35
CA ALA A 51 11.22 -1.98 12.19
C ALA A 51 10.26 -0.96 12.79
N LYS A 52 9.15 -0.74 12.11
CA LYS A 52 8.14 0.22 12.57
C LYS A 52 6.74 -0.21 12.16
N GLY A 53 6.50 -1.52 12.21
CA GLY A 53 5.20 -2.05 11.85
C GLY A 53 4.64 -3.00 12.89
N LYS A 54 3.61 -3.75 12.50
CA LYS A 54 2.99 -4.71 13.41
C LYS A 54 2.65 -6.00 12.69
N ASN A 55 3.46 -6.35 11.69
CA ASN A 55 3.25 -7.56 10.92
C ASN A 55 4.58 -8.21 10.55
N ASP A 56 4.55 -9.51 10.27
CA ASP A 56 5.75 -10.25 9.91
C ASP A 56 5.67 -10.75 8.47
N GLY A 57 5.00 -9.98 7.62
CA GLY A 57 4.86 -10.36 6.23
C GLY A 57 3.53 -11.02 5.94
N ALA A 58 2.97 -11.68 6.95
CA ALA A 58 1.69 -12.36 6.80
C ALA A 58 0.79 -12.11 8.01
N VAL A 59 -0.51 -11.97 7.75
CA VAL A 59 -1.47 -11.73 8.81
C VAL A 59 -2.53 -12.83 8.84
N GLY A 60 -2.48 -13.66 9.89
CA GLY A 60 -3.43 -14.74 10.02
C GLY A 60 -3.07 -15.96 9.19
N ASP A 61 -4.01 -16.43 8.39
CA ASP A 61 -3.79 -17.58 7.54
C ASP A 61 -3.59 -17.17 6.09
N LYS A 62 -3.05 -15.97 5.88
CA LYS A 62 -2.82 -15.45 4.54
C LYS A 62 -1.54 -14.62 4.49
N ARG A 63 -0.95 -14.52 3.31
CA ARG A 63 0.28 -13.75 3.12
C ARG A 63 0.02 -12.48 2.33
N TYR A 64 1.03 -11.63 2.24
CA TYR A 64 0.91 -10.36 1.51
C TYR A 64 2.27 -9.90 1.01
N PHE A 65 3.25 -9.91 1.90
CA PHE A 65 4.61 -9.49 1.56
C PHE A 65 5.64 -10.25 2.37
N THR A 66 6.91 -9.92 2.15
CA THR A 66 8.00 -10.57 2.87
C THR A 66 8.91 -9.53 3.55
N CYS A 67 9.12 -9.70 4.85
CA CYS A 67 9.97 -8.79 5.60
C CYS A 67 10.35 -9.39 6.95
N LYS A 68 11.03 -8.60 7.77
CA LYS A 68 11.46 -9.06 9.09
C LYS A 68 10.39 -8.78 10.15
N PRO A 69 10.57 -9.30 11.37
CA PRO A 69 9.61 -9.10 12.46
C PRO A 69 9.26 -7.63 12.66
N ASN A 70 7.98 -7.31 12.44
CA ASN A 70 7.52 -5.93 12.60
C ASN A 70 8.25 -4.99 11.65
N TYR A 71 8.10 -5.24 10.35
CA TYR A 71 8.76 -4.41 9.34
C TYR A 71 7.72 -3.77 8.43
N GLY A 72 6.74 -4.55 8.00
CA GLY A 72 5.70 -4.04 7.12
C GLY A 72 4.46 -3.62 7.88
N VAL A 73 3.55 -2.95 7.18
CA VAL A 73 2.31 -2.49 7.80
C VAL A 73 1.13 -2.65 6.85
N LEU A 74 -0.08 -2.75 7.41
CA LEU A 74 -1.28 -2.91 6.60
C LEU A 74 -2.10 -1.61 6.59
N VAL A 75 -2.35 -1.10 5.39
CA VAL A 75 -3.12 0.13 5.23
C VAL A 75 -3.86 0.15 3.91
N ARG A 76 -4.71 1.15 3.73
CA ARG A 76 -5.50 1.28 2.49
C ARG A 76 -5.01 2.48 1.67
N PRO A 77 -5.30 2.48 0.35
CA PRO A 77 -4.90 3.56 -0.54
C PRO A 77 -5.20 4.93 0.07
N SER A 78 -6.46 5.09 0.49
CA SER A 78 -6.88 6.34 1.12
C SER A 78 -5.99 6.64 2.31
N ARG A 79 -5.36 5.60 2.85
CA ARG A 79 -4.46 5.76 3.99
C ARG A 79 -3.02 5.93 3.52
N VAL A 80 -2.77 5.72 2.23
CA VAL A 80 -1.42 5.86 1.68
C VAL A 80 -1.41 6.70 0.40
N THR A 81 -0.61 7.75 0.41
CA THR A 81 -0.51 8.63 -0.75
C THR A 81 0.96 8.95 -1.06
N TYR A 82 1.24 9.20 -2.33
CA TYR A 82 2.60 9.52 -2.77
C TYR A 82 2.66 10.88 -3.44
N ARG A 83 1.67 11.17 -4.28
CA ARG A 83 1.61 12.45 -4.99
C ARG A 83 2.81 12.62 -5.90
N GLY A 84 2.93 13.81 -6.49
CA GLY A 84 4.04 14.07 -7.40
C GLY A 84 4.63 15.46 -7.19
N ILE A 85 4.63 15.93 -5.95
CA ILE A 85 5.15 17.25 -5.63
C ILE A 85 6.58 17.15 -5.11
N SER A 86 7.43 18.09 -5.55
CA SER A 86 8.82 18.11 -5.12
C SER A 86 9.47 19.44 -5.49
N GLY A 87 9.38 20.41 -4.60
CA GLY A 87 9.96 21.72 -4.85
C GLY A 87 9.09 22.58 -5.73
N PRO A 88 8.14 23.33 -5.13
CA PRO A 88 7.24 24.22 -5.89
C PRO A 88 8.00 25.17 -6.80
N SER A 89 9.21 25.53 -6.41
CA SER A 89 10.04 26.43 -7.19
C SER A 89 10.41 25.81 -8.53
N SER A 90 9.61 26.11 -9.55
CA SER A 90 9.86 25.58 -10.89
C SER A 90 8.94 26.25 -11.91
N GLY A 91 8.67 27.53 -11.71
CA GLY A 91 7.81 28.26 -12.62
C GLY A 91 6.39 27.73 -12.64
N GLY A 1 -1.31 13.77 -19.60
CA GLY A 1 -0.38 13.14 -20.59
C GLY A 1 -0.26 13.92 -21.87
N SER A 2 0.49 15.00 -21.83
CA SER A 2 0.68 15.85 -23.01
C SER A 2 1.83 15.33 -23.88
N SER A 3 2.94 15.00 -23.24
CA SER A 3 4.10 14.48 -23.95
C SER A 3 4.58 13.16 -23.34
N GLY A 4 4.66 12.13 -24.17
CA GLY A 4 5.10 10.83 -23.69
C GLY A 4 4.02 10.11 -22.90
N SER A 5 4.02 8.78 -22.99
CA SER A 5 3.03 7.97 -22.28
C SER A 5 1.62 8.29 -22.76
N SER A 6 0.95 7.28 -23.29
CA SER A 6 -0.41 7.44 -23.79
C SER A 6 -1.42 6.80 -22.85
N GLY A 7 -1.16 6.91 -21.55
CA GLY A 7 -2.06 6.34 -20.57
C GLY A 7 -1.53 5.04 -19.99
N GLU A 8 -0.37 5.10 -19.35
CA GLU A 8 0.24 3.92 -18.76
C GLU A 8 0.97 4.28 -17.46
N GLY A 9 1.26 3.27 -16.64
CA GLY A 9 1.95 3.49 -15.39
C GLY A 9 1.25 2.85 -14.21
N THR A 10 0.59 3.66 -13.40
CA THR A 10 -0.12 3.16 -12.23
C THR A 10 -1.57 3.62 -12.24
N VAL A 11 -2.45 2.80 -11.67
CA VAL A 11 -3.87 3.13 -11.62
C VAL A 11 -4.44 2.83 -10.24
N LYS A 12 -4.14 1.65 -9.71
CA LYS A 12 -4.62 1.24 -8.40
C LYS A 12 -3.47 0.72 -7.53
N LEU A 13 -2.31 1.34 -7.68
CA LEU A 13 -1.13 0.93 -6.91
C LEU A 13 -0.77 -0.52 -7.18
N HIS A 14 0.27 -0.72 -7.98
CA HIS A 14 0.72 -2.07 -8.33
C HIS A 14 1.92 -2.47 -7.49
N GLU A 15 2.46 -3.65 -7.76
CA GLU A 15 3.61 -4.16 -7.02
C GLU A 15 4.89 -3.45 -7.47
N GLY A 16 5.41 -2.58 -6.60
CA GLY A 16 6.63 -1.85 -6.92
C GLY A 16 6.39 -0.36 -7.01
N SER A 17 5.65 0.19 -6.06
CA SER A 17 5.36 1.62 -6.04
C SER A 17 5.82 2.25 -4.73
N GLN A 18 5.74 3.57 -4.66
CA GLN A 18 6.15 4.30 -3.47
C GLN A 18 5.00 5.12 -2.90
N VAL A 19 4.69 4.92 -1.63
CA VAL A 19 3.60 5.65 -0.98
C VAL A 19 4.01 6.09 0.43
N LEU A 20 3.45 7.20 0.87
CA LEU A 20 3.74 7.73 2.20
C LEU A 20 2.51 7.67 3.10
N LEU A 21 2.74 7.46 4.39
CA LEU A 21 1.64 7.37 5.35
C LEU A 21 1.38 8.74 5.99
N THR A 22 0.18 9.25 5.79
CA THR A 22 -0.21 10.55 6.35
C THR A 22 -0.13 10.53 7.87
N SER A 23 -0.38 9.36 8.45
CA SER A 23 -0.34 9.21 9.90
C SER A 23 1.07 8.90 10.39
N SER A 24 1.59 7.74 10.01
CA SER A 24 2.93 7.33 10.40
C SER A 24 3.97 8.33 9.90
N ASN A 25 3.66 8.99 8.79
CA ASN A 25 4.57 9.96 8.22
C ASN A 25 5.87 9.31 7.77
N GLU A 26 5.76 8.11 7.21
CA GLU A 26 6.93 7.36 6.75
C GLU A 26 6.64 6.68 5.41
N MET A 27 7.62 6.72 4.51
CA MET A 27 7.46 6.11 3.20
C MET A 27 7.42 4.59 3.31
N ALA A 28 6.83 3.94 2.31
CA ALA A 28 6.72 2.49 2.30
C ALA A 28 6.56 1.95 0.88
N THR A 29 7.07 0.75 0.65
CA THR A 29 6.98 0.13 -0.67
C THR A 29 5.79 -0.82 -0.75
N VAL A 30 5.07 -0.75 -1.86
CA VAL A 30 3.91 -1.61 -2.06
C VAL A 30 4.32 -2.98 -2.57
N ARG A 31 3.92 -4.02 -1.84
CA ARG A 31 4.24 -5.39 -2.21
C ARG A 31 3.01 -6.15 -2.66
N TYR A 32 1.94 -6.06 -1.86
CA TYR A 32 0.69 -6.73 -2.18
C TYR A 32 -0.45 -5.72 -2.32
N VAL A 33 -1.30 -5.93 -3.32
CA VAL A 33 -2.43 -5.04 -3.56
C VAL A 33 -3.67 -5.83 -3.97
N GLY A 34 -4.68 -5.82 -3.10
CA GLY A 34 -5.91 -6.53 -3.39
C GLY A 34 -6.73 -6.82 -2.14
N PRO A 35 -7.87 -7.50 -2.28
CA PRO A 35 -8.74 -7.83 -1.14
C PRO A 35 -7.98 -8.55 -0.03
N THR A 36 -8.51 -8.48 1.18
CA THR A 36 -7.89 -9.11 2.33
C THR A 36 -8.81 -10.16 2.95
N ASP A 37 -8.36 -10.77 4.04
CA ASP A 37 -9.14 -11.79 4.72
C ASP A 37 -9.69 -11.26 6.05
N PHE A 38 -8.80 -10.69 6.86
CA PHE A 38 -9.19 -10.14 8.15
C PHE A 38 -10.04 -8.88 7.98
N ALA A 39 -9.62 -8.03 7.05
CA ALA A 39 -10.33 -6.79 6.78
C ALA A 39 -11.28 -6.93 5.59
N SER A 40 -11.97 -5.85 5.25
CA SER A 40 -12.90 -5.87 4.13
C SER A 40 -12.72 -4.63 3.25
N GLY A 41 -12.27 -4.86 2.01
CA GLY A 41 -12.05 -3.77 1.10
C GLY A 41 -10.75 -3.90 0.34
N ILE A 42 -10.01 -2.79 0.22
CA ILE A 42 -8.74 -2.78 -0.47
C ILE A 42 -7.61 -2.35 0.44
N TRP A 43 -6.58 -3.19 0.54
CA TRP A 43 -5.43 -2.90 1.39
C TRP A 43 -4.13 -3.04 0.62
N LEU A 44 -3.03 -2.60 1.22
CA LEU A 44 -1.72 -2.68 0.58
C LEU A 44 -0.68 -3.24 1.54
N GLY A 45 -0.03 -4.32 1.14
CA GLY A 45 0.98 -4.95 1.97
C GLY A 45 2.30 -4.20 1.93
N LEU A 46 2.37 -3.05 2.59
CA LEU A 46 3.58 -2.24 2.62
C LEU A 46 4.69 -2.96 3.37
N GLU A 47 5.93 -2.59 3.08
CA GLU A 47 7.09 -3.19 3.73
C GLU A 47 8.13 -2.14 4.08
N LEU A 48 8.14 -1.72 5.35
CA LEU A 48 9.10 -0.71 5.80
C LEU A 48 10.49 -1.30 5.94
N ARG A 49 11.46 -0.45 6.24
CA ARG A 49 12.84 -0.89 6.40
C ARG A 49 13.19 -1.07 7.87
N SER A 50 12.51 -0.32 8.74
CA SER A 50 12.75 -0.41 10.17
C SER A 50 11.64 -1.19 10.86
N ALA A 51 11.81 -1.42 12.16
CA ALA A 51 10.82 -2.17 12.93
C ALA A 51 9.82 -1.23 13.59
N LYS A 52 8.92 -0.67 12.78
CA LYS A 52 7.90 0.25 13.29
C LYS A 52 6.53 -0.10 12.73
N GLY A 53 6.29 -1.40 12.53
CA GLY A 53 5.01 -1.83 12.01
C GLY A 53 4.19 -2.58 13.03
N LYS A 54 3.17 -3.30 12.57
CA LYS A 54 2.30 -4.06 13.46
C LYS A 54 1.97 -5.42 12.86
N ASN A 55 2.91 -5.97 12.10
CA ASN A 55 2.73 -7.27 11.47
C ASN A 55 4.05 -8.02 11.36
N ASP A 56 3.98 -9.30 10.99
CA ASP A 56 5.17 -10.12 10.85
C ASP A 56 5.30 -10.65 9.42
N GLY A 57 4.83 -9.85 8.47
CA GLY A 57 4.91 -10.25 7.07
C GLY A 57 3.59 -10.78 6.55
N ALA A 58 2.83 -11.44 7.42
CA ALA A 58 1.54 -11.99 7.04
C ALA A 58 0.50 -11.77 8.13
N VAL A 59 -0.77 -11.84 7.76
CA VAL A 59 -1.86 -11.65 8.72
C VAL A 59 -2.96 -12.68 8.49
N GLY A 60 -3.19 -13.52 9.49
CA GLY A 60 -4.22 -14.54 9.38
C GLY A 60 -3.74 -15.77 8.63
N ASP A 61 -4.55 -16.23 7.68
CA ASP A 61 -4.20 -17.41 6.90
C ASP A 61 -3.82 -17.01 5.47
N LYS A 62 -3.26 -15.81 5.32
CA LYS A 62 -2.85 -15.31 4.02
C LYS A 62 -1.52 -14.58 4.09
N ARG A 63 -0.80 -14.55 2.98
CA ARG A 63 0.49 -13.88 2.93
C ARG A 63 0.44 -12.65 2.02
N TYR A 64 1.08 -11.57 2.45
CA TYR A 64 1.10 -10.33 1.68
C TYR A 64 2.53 -9.94 1.32
N PHE A 65 3.43 -10.07 2.30
CA PHE A 65 4.83 -9.72 2.09
C PHE A 65 5.73 -10.49 3.05
N THR A 66 7.04 -10.31 2.90
CA THR A 66 8.00 -10.99 3.76
C THR A 66 9.00 -9.99 4.36
N CYS A 67 8.91 -9.78 5.67
CA CYS A 67 9.81 -8.85 6.35
C CYS A 67 10.07 -9.32 7.78
N LYS A 68 10.83 -8.51 8.53
CA LYS A 68 11.15 -8.82 9.91
C LYS A 68 9.95 -8.58 10.83
N PRO A 69 10.00 -9.13 12.06
CA PRO A 69 8.91 -8.96 13.03
C PRO A 69 8.56 -7.50 13.25
N ASN A 70 7.29 -7.16 13.02
CA ASN A 70 6.81 -5.79 13.19
C ASN A 70 7.58 -4.84 12.28
N TYR A 71 7.43 -5.00 10.98
CA TYR A 71 8.10 -4.15 10.01
C TYR A 71 7.11 -3.57 9.01
N GLY A 72 6.33 -4.44 8.38
CA GLY A 72 5.35 -3.99 7.41
C GLY A 72 4.03 -3.60 8.05
N VAL A 73 3.18 -2.90 7.30
CA VAL A 73 1.89 -2.46 7.80
C VAL A 73 0.85 -2.44 6.69
N LEU A 74 -0.24 -3.18 6.88
CA LEU A 74 -1.31 -3.23 5.89
C LEU A 74 -2.28 -2.08 6.06
N VAL A 75 -2.33 -1.20 5.07
CA VAL A 75 -3.22 -0.05 5.11
C VAL A 75 -4.02 0.09 3.82
N ARG A 76 -5.02 0.96 3.84
CA ARG A 76 -5.86 1.18 2.67
C ARG A 76 -5.42 2.43 1.90
N PRO A 77 -5.70 2.48 0.59
CA PRO A 77 -5.34 3.61 -0.26
C PRO A 77 -5.68 4.94 0.41
N SER A 78 -6.94 5.06 0.82
CA SER A 78 -7.40 6.25 1.50
C SER A 78 -6.53 6.52 2.73
N ARG A 79 -5.91 5.46 3.24
CA ARG A 79 -5.04 5.58 4.40
C ARG A 79 -3.60 5.91 3.97
N VAL A 80 -3.35 5.81 2.66
CA VAL A 80 -2.01 6.09 2.14
C VAL A 80 -2.06 7.16 1.04
N THR A 81 -0.88 7.58 0.58
CA THR A 81 -0.79 8.60 -0.46
C THR A 81 0.50 8.45 -1.25
N TYR A 82 0.56 9.10 -2.41
CA TYR A 82 1.73 9.04 -3.26
C TYR A 82 1.62 10.03 -4.42
N ARG A 83 2.75 10.32 -5.05
CA ARG A 83 2.77 11.25 -6.18
C ARG A 83 2.09 10.63 -7.40
N GLY A 84 1.52 11.49 -8.25
CA GLY A 84 0.85 11.02 -9.44
C GLY A 84 0.66 12.12 -10.46
N ILE A 85 -0.52 12.14 -11.10
CA ILE A 85 -0.83 13.14 -12.10
C ILE A 85 -0.96 14.52 -11.48
N SER A 86 0.01 15.40 -11.76
CA SER A 86 0.00 16.75 -11.21
C SER A 86 0.75 17.71 -12.13
N GLY A 87 0.01 18.54 -12.85
CA GLY A 87 0.63 19.49 -13.76
C GLY A 87 -0.30 20.61 -14.15
N PRO A 88 0.23 21.75 -14.62
CA PRO A 88 -0.58 22.90 -15.04
C PRO A 88 -1.38 22.62 -16.30
N SER A 89 -2.49 23.33 -16.47
CA SER A 89 -3.35 23.16 -17.63
C SER A 89 -2.59 23.46 -18.91
N SER A 90 -1.93 22.44 -19.47
CA SER A 90 -1.16 22.61 -20.70
C SER A 90 -1.83 21.86 -21.85
N GLY A 91 -1.34 22.10 -23.06
CA GLY A 91 -1.90 21.44 -24.22
C GLY A 91 -3.32 21.88 -24.51
N GLY A 1 -14.74 24.23 -18.87
CA GLY A 1 -13.49 23.68 -19.45
C GLY A 1 -12.25 24.20 -18.76
N SER A 2 -11.08 23.84 -19.29
CA SER A 2 -9.82 24.26 -18.70
C SER A 2 -9.47 25.69 -19.13
N SER A 3 -8.94 26.47 -18.21
CA SER A 3 -8.56 27.85 -18.50
C SER A 3 -7.04 28.00 -18.50
N GLY A 4 -6.36 27.24 -17.64
CA GLY A 4 -4.92 27.31 -17.57
C GLY A 4 -4.32 26.14 -16.81
N SER A 5 -4.09 26.34 -15.53
CA SER A 5 -3.51 25.29 -14.69
C SER A 5 -4.49 24.12 -14.53
N SER A 6 -3.98 22.91 -14.70
CA SER A 6 -4.82 21.71 -14.56
C SER A 6 -4.00 20.54 -14.03
N GLY A 7 -4.60 19.78 -13.12
CA GLY A 7 -3.91 18.64 -12.54
C GLY A 7 -4.64 17.33 -12.79
N GLU A 8 -3.91 16.32 -13.21
CA GLU A 8 -4.50 15.00 -13.48
C GLU A 8 -3.56 13.89 -13.04
N GLY A 9 -4.07 12.99 -12.21
CA GLY A 9 -3.27 11.87 -11.73
C GLY A 9 -4.07 10.89 -10.90
N THR A 10 -4.92 10.13 -11.56
CA THR A 10 -5.75 9.14 -10.87
C THR A 10 -5.56 7.75 -11.48
N VAL A 11 -4.71 6.94 -10.84
CA VAL A 11 -4.44 5.59 -11.31
C VAL A 11 -4.33 4.61 -10.15
N LYS A 12 -4.60 3.34 -10.42
CA LYS A 12 -4.53 2.31 -9.39
C LYS A 12 -3.09 2.09 -8.95
N LEU A 13 -2.92 1.45 -7.79
CA LEU A 13 -1.59 1.17 -7.26
C LEU A 13 -1.10 -0.19 -7.72
N HIS A 14 0.22 -0.32 -7.90
CA HIS A 14 0.82 -1.57 -8.34
C HIS A 14 2.07 -1.88 -7.53
N GLU A 15 2.49 -3.14 -7.55
CA GLU A 15 3.67 -3.57 -6.82
C GLU A 15 4.91 -2.82 -7.30
N GLY A 16 5.74 -2.40 -6.36
CA GLY A 16 6.95 -1.68 -6.70
C GLY A 16 6.82 -0.18 -6.48
N SER A 17 5.60 0.33 -6.59
CA SER A 17 5.34 1.74 -6.41
C SER A 17 5.62 2.17 -4.97
N GLN A 18 5.57 3.47 -4.72
CA GLN A 18 5.81 4.01 -3.38
C GLN A 18 4.56 4.68 -2.83
N VAL A 19 4.56 4.93 -1.52
CA VAL A 19 3.43 5.58 -0.87
C VAL A 19 3.84 6.24 0.43
N LEU A 20 2.90 6.93 1.06
CA LEU A 20 3.17 7.61 2.33
C LEU A 20 1.96 7.54 3.26
N LEU A 21 2.22 7.23 4.53
CA LEU A 21 1.15 7.12 5.51
C LEU A 21 0.75 8.49 6.04
N THR A 22 -0.53 8.66 6.33
CA THR A 22 -1.04 9.93 6.84
C THR A 22 -1.23 9.87 8.36
N SER A 23 -0.40 9.08 9.02
CA SER A 23 -0.47 8.94 10.47
C SER A 23 0.92 9.02 11.09
N SER A 24 1.87 8.29 10.51
CA SER A 24 3.24 8.28 11.01
C SER A 24 4.13 9.20 10.18
N ASN A 25 3.68 9.54 8.97
CA ASN A 25 4.44 10.42 8.08
C ASN A 25 5.73 9.74 7.63
N GLU A 26 5.63 8.44 7.35
CA GLU A 26 6.80 7.68 6.89
C GLU A 26 6.50 6.98 5.58
N MET A 27 7.44 7.08 4.64
CA MET A 27 7.27 6.46 3.32
C MET A 27 7.26 4.94 3.45
N ALA A 28 6.59 4.28 2.50
CA ALA A 28 6.49 2.82 2.49
C ALA A 28 6.37 2.29 1.08
N THR A 29 6.95 1.12 0.84
CA THR A 29 6.91 0.49 -0.47
C THR A 29 5.77 -0.52 -0.57
N VAL A 30 5.11 -0.54 -1.73
CA VAL A 30 4.01 -1.45 -1.94
C VAL A 30 4.49 -2.80 -2.45
N ARG A 31 4.26 -3.86 -1.68
CA ARG A 31 4.67 -5.20 -2.05
C ARG A 31 3.49 -6.03 -2.52
N TYR A 32 2.31 -5.75 -1.96
CA TYR A 32 1.10 -6.47 -2.32
C TYR A 32 -0.10 -5.53 -2.41
N VAL A 33 -1.08 -5.91 -3.21
CA VAL A 33 -2.28 -5.10 -3.39
C VAL A 33 -3.50 -5.97 -3.65
N GLY A 34 -4.31 -6.19 -2.61
CA GLY A 34 -5.50 -7.00 -2.76
C GLY A 34 -6.32 -7.04 -1.48
N PRO A 35 -7.51 -7.66 -1.52
CA PRO A 35 -8.40 -7.76 -0.36
C PRO A 35 -7.84 -8.69 0.72
N THR A 36 -8.03 -8.32 1.97
CA THR A 36 -7.55 -9.13 3.09
C THR A 36 -8.64 -10.08 3.59
N ASP A 37 -8.32 -10.85 4.62
CA ASP A 37 -9.27 -11.81 5.19
C ASP A 37 -9.77 -11.33 6.55
N PHE A 38 -8.91 -10.64 7.28
CA PHE A 38 -9.27 -10.12 8.60
C PHE A 38 -10.09 -8.85 8.48
N ALA A 39 -9.70 -7.98 7.55
CA ALA A 39 -10.40 -6.72 7.34
C ALA A 39 -11.42 -6.85 6.21
N SER A 40 -12.05 -5.73 5.86
CA SER A 40 -13.06 -5.72 4.80
C SER A 40 -12.80 -4.58 3.82
N GLY A 41 -12.28 -4.92 2.65
CA GLY A 41 -12.00 -3.91 1.65
C GLY A 41 -10.71 -4.18 0.89
N ILE A 42 -9.92 -3.14 0.67
CA ILE A 42 -8.66 -3.28 -0.05
C ILE A 42 -7.50 -2.69 0.75
N TRP A 43 -6.40 -3.45 0.82
CA TRP A 43 -5.22 -3.00 1.56
C TRP A 43 -3.96 -3.23 0.75
N LEU A 44 -2.90 -2.51 1.11
CA LEU A 44 -1.62 -2.63 0.41
C LEU A 44 -0.54 -3.15 1.34
N GLY A 45 -0.12 -4.40 1.13
CA GLY A 45 0.91 -4.99 1.96
C GLY A 45 2.23 -4.27 1.85
N LEU A 46 2.41 -3.22 2.65
CA LEU A 46 3.64 -2.45 2.63
C LEU A 46 4.78 -3.22 3.28
N GLU A 47 6.01 -2.74 3.08
CA GLU A 47 7.18 -3.39 3.64
C GLU A 47 8.26 -2.37 3.98
N LEU A 48 8.52 -2.18 5.27
CA LEU A 48 9.53 -1.24 5.72
C LEU A 48 10.87 -1.93 5.94
N ARG A 49 11.95 -1.16 5.86
CA ARG A 49 13.29 -1.70 6.05
C ARG A 49 13.80 -1.43 7.47
N SER A 50 12.87 -1.42 8.42
CA SER A 50 13.22 -1.18 9.83
C SER A 50 12.12 -1.67 10.75
N ALA A 51 12.51 -2.05 11.96
CA ALA A 51 11.55 -2.55 12.95
C ALA A 51 10.62 -1.43 13.43
N LYS A 52 9.66 -1.07 12.58
CA LYS A 52 8.72 0.00 12.91
C LYS A 52 7.30 -0.41 12.53
N GLY A 53 7.00 -1.70 12.66
CA GLY A 53 5.67 -2.18 12.32
C GLY A 53 5.13 -3.17 13.35
N LYS A 54 4.33 -4.11 12.89
CA LYS A 54 3.74 -5.12 13.77
C LYS A 54 3.60 -6.46 13.07
N ASN A 55 3.05 -6.42 11.85
CA ASN A 55 2.86 -7.63 11.06
C ASN A 55 4.20 -8.32 10.80
N ASP A 56 4.15 -9.64 10.61
CA ASP A 56 5.35 -10.41 10.35
C ASP A 56 5.36 -10.96 8.93
N GLY A 57 4.78 -10.18 8.00
CA GLY A 57 4.73 -10.60 6.62
C GLY A 57 3.39 -11.20 6.24
N ALA A 58 2.80 -11.96 7.16
CA ALA A 58 1.50 -12.59 6.91
C ALA A 58 0.54 -12.33 8.07
N VAL A 59 -0.74 -12.20 7.76
CA VAL A 59 -1.75 -11.95 8.76
C VAL A 59 -2.89 -12.96 8.66
N GLY A 60 -3.38 -13.42 9.80
CA GLY A 60 -4.47 -14.37 9.81
C GLY A 60 -4.12 -15.66 9.09
N ASP A 61 -5.00 -16.08 8.17
CA ASP A 61 -4.77 -17.30 7.41
C ASP A 61 -4.46 -16.99 5.95
N LYS A 62 -3.85 -15.82 5.72
CA LYS A 62 -3.50 -15.41 4.37
C LYS A 62 -2.10 -14.79 4.33
N ARG A 63 -1.64 -14.43 3.14
CA ARG A 63 -0.33 -13.83 2.97
C ARG A 63 -0.41 -12.56 2.12
N TYR A 64 0.61 -11.73 2.21
CA TYR A 64 0.65 -10.48 1.45
C TYR A 64 2.08 -10.14 1.03
N PHE A 65 3.00 -10.19 2.00
CA PHE A 65 4.39 -9.88 1.73
C PHE A 65 5.31 -10.72 2.60
N THR A 66 6.62 -10.50 2.47
CA THR A 66 7.61 -11.25 3.25
C THR A 66 8.72 -10.33 3.72
N CYS A 67 8.85 -10.19 5.04
CA CYS A 67 9.88 -9.34 5.62
C CYS A 67 10.19 -9.77 7.06
N LYS A 68 11.18 -9.12 7.66
CA LYS A 68 11.57 -9.43 9.03
C LYS A 68 10.42 -9.19 10.00
N PRO A 69 10.49 -9.79 11.20
CA PRO A 69 9.45 -9.63 12.21
C PRO A 69 9.19 -8.17 12.57
N ASN A 70 7.94 -7.74 12.41
CA ASN A 70 7.56 -6.36 12.72
C ASN A 70 8.31 -5.38 11.82
N TYR A 71 8.10 -5.50 10.52
CA TYR A 71 8.75 -4.62 9.56
C TYR A 71 7.76 -4.08 8.53
N GLY A 72 6.94 -4.97 8.00
CA GLY A 72 5.94 -4.56 7.02
C GLY A 72 4.62 -4.19 7.65
N VAL A 73 3.81 -3.43 6.92
CA VAL A 73 2.51 -2.99 7.40
C VAL A 73 1.45 -3.07 6.31
N LEU A 74 0.21 -2.77 6.67
CA LEU A 74 -0.89 -2.80 5.71
C LEU A 74 -1.90 -1.69 6.00
N VAL A 75 -2.23 -0.93 4.97
CA VAL A 75 -3.17 0.17 5.11
C VAL A 75 -4.09 0.28 3.89
N ARG A 76 -5.00 1.24 3.91
CA ARG A 76 -5.93 1.45 2.81
C ARG A 76 -5.45 2.57 1.88
N PRO A 77 -5.85 2.51 0.60
CA PRO A 77 -5.46 3.53 -0.38
C PRO A 77 -5.64 4.94 0.18
N SER A 78 -6.86 5.23 0.62
CA SER A 78 -7.17 6.52 1.20
C SER A 78 -6.23 6.79 2.37
N ARG A 79 -5.70 5.72 2.94
CA ARG A 79 -4.76 5.84 4.05
C ARG A 79 -3.34 6.06 3.55
N VAL A 80 -3.13 5.83 2.24
CA VAL A 80 -1.81 6.00 1.65
C VAL A 80 -1.83 7.07 0.56
N THR A 81 -0.85 7.96 0.59
CA THR A 81 -0.75 9.03 -0.41
C THR A 81 0.56 8.94 -1.17
N TYR A 82 0.47 9.08 -2.49
CA TYR A 82 1.65 9.02 -3.34
C TYR A 82 1.54 9.99 -4.50
N ARG A 83 0.38 9.99 -5.16
CA ARG A 83 0.15 10.88 -6.30
C ARG A 83 -1.17 11.63 -6.13
N GLY A 84 -2.20 10.94 -5.67
CA GLY A 84 -3.50 11.57 -5.48
C GLY A 84 -3.42 12.83 -4.64
N ILE A 85 -4.44 13.68 -4.75
CA ILE A 85 -4.48 14.93 -4.00
C ILE A 85 -5.24 14.75 -2.69
N SER A 86 -4.76 15.44 -1.65
CA SER A 86 -5.39 15.36 -0.34
C SER A 86 -4.93 16.51 0.55
N GLY A 87 -5.45 17.71 0.29
CA GLY A 87 -5.08 18.86 1.07
C GLY A 87 -3.92 19.64 0.46
N PRO A 88 -4.20 20.79 -0.18
CA PRO A 88 -3.16 21.61 -0.81
C PRO A 88 -2.20 22.21 0.22
N SER A 89 -2.69 22.41 1.43
CA SER A 89 -1.88 22.98 2.50
C SER A 89 -1.16 21.88 3.29
N SER A 90 -0.39 22.28 4.29
CA SER A 90 0.34 21.33 5.12
C SER A 90 -0.42 21.03 6.41
N GLY A 91 -0.79 19.77 6.58
CA GLY A 91 -1.52 19.38 7.78
C GLY A 91 -3.01 19.69 7.68
N GLY A 1 -31.92 -1.31 -19.68
CA GLY A 1 -31.57 -0.54 -20.90
C GLY A 1 -30.11 -0.69 -21.29
N SER A 2 -29.23 -0.15 -20.45
CA SER A 2 -27.80 -0.22 -20.71
C SER A 2 -27.00 -0.12 -19.41
N SER A 3 -26.08 -1.06 -19.20
CA SER A 3 -25.27 -1.07 -18.00
C SER A 3 -23.87 -0.54 -18.29
N GLY A 4 -23.46 0.49 -17.56
CA GLY A 4 -22.14 1.06 -17.76
C GLY A 4 -21.14 0.57 -16.74
N SER A 5 -21.53 0.56 -15.48
CA SER A 5 -20.65 0.10 -14.41
C SER A 5 -21.12 -1.24 -13.85
N SER A 6 -20.34 -2.29 -14.08
CA SER A 6 -20.68 -3.62 -13.60
C SER A 6 -19.43 -4.38 -13.16
N GLY A 7 -19.24 -4.49 -11.86
CA GLY A 7 -18.08 -5.19 -11.33
C GLY A 7 -17.55 -4.56 -10.07
N GLU A 8 -17.21 -3.27 -10.14
CA GLU A 8 -16.67 -2.55 -8.99
C GLU A 8 -15.38 -3.18 -8.51
N GLY A 9 -14.25 -2.57 -8.87
CA GLY A 9 -12.96 -3.09 -8.47
C GLY A 9 -11.80 -2.28 -9.01
N THR A 10 -10.89 -2.94 -9.70
CA THR A 10 -9.73 -2.28 -10.27
C THR A 10 -8.90 -1.60 -9.20
N VAL A 11 -7.69 -1.17 -9.56
CA VAL A 11 -6.80 -0.50 -8.63
C VAL A 11 -5.90 0.49 -9.34
N LYS A 12 -5.53 1.57 -8.65
CA LYS A 12 -4.68 2.60 -9.22
C LYS A 12 -3.26 2.49 -8.65
N LEU A 13 -2.84 1.28 -8.34
CA LEU A 13 -1.50 1.05 -7.80
C LEU A 13 -0.85 -0.16 -8.46
N HIS A 14 0.38 -0.46 -8.05
CA HIS A 14 1.12 -1.59 -8.60
C HIS A 14 2.24 -2.01 -7.66
N GLU A 15 2.86 -3.16 -7.97
CA GLU A 15 3.96 -3.67 -7.15
C GLU A 15 5.24 -2.89 -7.40
N GLY A 16 5.84 -2.38 -6.33
CA GLY A 16 7.07 -1.62 -6.45
C GLY A 16 6.82 -0.13 -6.50
N SER A 17 5.80 0.33 -5.79
CA SER A 17 5.46 1.75 -5.77
C SER A 17 5.90 2.39 -4.45
N GLN A 18 5.68 3.69 -4.32
CA GLN A 18 6.05 4.42 -3.12
C GLN A 18 4.87 5.21 -2.58
N VAL A 19 4.45 4.89 -1.36
CA VAL A 19 3.33 5.57 -0.73
C VAL A 19 3.72 6.13 0.64
N LEU A 20 3.00 7.15 1.09
CA LEU A 20 3.27 7.77 2.38
C LEU A 20 2.09 7.61 3.32
N LEU A 21 2.37 7.56 4.62
CA LEU A 21 1.33 7.40 5.62
C LEU A 21 0.86 8.75 6.14
N THR A 22 -0.44 8.97 6.12
CA THR A 22 -1.02 10.23 6.58
C THR A 22 -1.30 10.18 8.08
N SER A 23 -0.26 9.93 8.86
CA SER A 23 -0.40 9.85 10.32
C SER A 23 0.97 9.94 11.00
N SER A 24 1.85 9.01 10.65
CA SER A 24 3.19 8.97 11.22
C SER A 24 4.21 9.63 10.29
N ASN A 25 3.82 9.86 9.04
CA ASN A 25 4.70 10.48 8.07
C ASN A 25 5.90 9.59 7.77
N GLU A 26 5.68 8.56 6.96
CA GLU A 26 6.74 7.63 6.60
C GLU A 26 6.45 6.95 5.27
N MET A 27 7.45 6.90 4.40
CA MET A 27 7.29 6.27 3.09
C MET A 27 7.41 4.75 3.19
N ALA A 28 6.72 4.05 2.30
CA ALA A 28 6.76 2.59 2.29
C ALA A 28 6.52 2.05 0.88
N THR A 29 7.13 0.91 0.58
CA THR A 29 6.99 0.29 -0.73
C THR A 29 5.85 -0.73 -0.73
N VAL A 30 5.07 -0.73 -1.81
CA VAL A 30 3.94 -1.64 -1.93
C VAL A 30 4.39 -2.99 -2.49
N ARG A 31 4.01 -4.06 -1.79
CA ARG A 31 4.37 -5.41 -2.22
C ARG A 31 3.15 -6.15 -2.77
N TYR A 32 2.01 -5.95 -2.13
CA TYR A 32 0.77 -6.60 -2.56
C TYR A 32 -0.37 -5.60 -2.62
N VAL A 33 -1.33 -5.85 -3.51
CA VAL A 33 -2.47 -4.98 -3.67
C VAL A 33 -3.73 -5.77 -4.01
N GLY A 34 -4.71 -5.72 -3.11
CA GLY A 34 -5.95 -6.44 -3.33
C GLY A 34 -6.72 -6.67 -2.05
N PRO A 35 -7.96 -7.19 -2.13
CA PRO A 35 -8.80 -7.45 -0.96
C PRO A 35 -8.07 -8.30 0.08
N THR A 36 -8.64 -8.36 1.29
CA THR A 36 -8.05 -9.13 2.37
C THR A 36 -9.05 -10.15 2.91
N ASP A 37 -8.59 -10.97 3.86
CA ASP A 37 -9.44 -11.99 4.46
C ASP A 37 -9.89 -11.57 5.84
N PHE A 38 -8.98 -10.98 6.61
CA PHE A 38 -9.29 -10.52 7.96
C PHE A 38 -10.24 -9.33 7.93
N ALA A 39 -9.98 -8.38 7.04
CA ALA A 39 -10.81 -7.19 6.91
C ALA A 39 -11.40 -7.09 5.51
N SER A 40 -12.28 -6.12 5.31
CA SER A 40 -12.93 -5.91 4.02
C SER A 40 -12.35 -4.69 3.31
N GLY A 41 -12.79 -4.47 2.08
CA GLY A 41 -12.30 -3.34 1.31
C GLY A 41 -11.03 -3.66 0.53
N ILE A 42 -10.10 -2.72 0.51
CA ILE A 42 -8.84 -2.91 -0.21
C ILE A 42 -7.65 -2.44 0.64
N TRP A 43 -6.67 -3.31 0.82
CA TRP A 43 -5.49 -2.98 1.59
C TRP A 43 -4.22 -3.14 0.77
N LEU A 44 -3.09 -2.73 1.32
CA LEU A 44 -1.82 -2.83 0.63
C LEU A 44 -0.74 -3.39 1.54
N GLY A 45 -0.02 -4.41 1.06
CA GLY A 45 1.03 -5.03 1.85
C GLY A 45 2.34 -4.27 1.75
N LEU A 46 2.43 -3.16 2.47
CA LEU A 46 3.64 -2.34 2.46
C LEU A 46 4.81 -3.09 3.11
N GLU A 47 6.02 -2.65 2.81
CA GLU A 47 7.22 -3.29 3.36
C GLU A 47 8.28 -2.24 3.66
N LEU A 48 8.68 -2.15 4.93
CA LEU A 48 9.70 -1.20 5.35
C LEU A 48 11.05 -1.88 5.50
N ARG A 49 12.10 -1.07 5.66
CA ARG A 49 13.46 -1.59 5.82
C ARG A 49 13.94 -1.42 7.25
N SER A 50 13.00 -1.49 8.20
CA SER A 50 13.34 -1.35 9.61
C SER A 50 12.22 -1.88 10.50
N ALA A 51 12.56 -2.22 11.73
CA ALA A 51 11.58 -2.75 12.68
C ALA A 51 10.81 -1.63 13.35
N LYS A 52 9.89 -1.02 12.61
CA LYS A 52 9.08 0.07 13.12
C LYS A 52 7.65 -0.01 12.60
N GLY A 53 7.18 -1.23 12.36
CA GLY A 53 5.83 -1.43 11.86
C GLY A 53 4.93 -2.08 12.89
N LYS A 54 4.14 -3.06 12.45
CA LYS A 54 3.23 -3.76 13.33
C LYS A 54 3.14 -5.24 12.97
N ASN A 55 2.91 -5.51 11.68
CA ASN A 55 2.80 -6.89 11.21
C ASN A 55 4.19 -7.49 11.00
N ASP A 56 4.21 -8.80 10.73
CA ASP A 56 5.47 -9.51 10.52
C ASP A 56 5.64 -9.87 9.04
N GLY A 57 4.52 -10.14 8.38
CA GLY A 57 4.56 -10.50 6.98
C GLY A 57 3.26 -11.12 6.50
N ALA A 58 2.56 -11.78 7.40
CA ALA A 58 1.29 -12.42 7.06
C ALA A 58 0.27 -12.25 8.18
N VAL A 59 -1.00 -12.41 7.85
CA VAL A 59 -2.08 -12.28 8.82
C VAL A 59 -3.14 -13.36 8.63
N GLY A 60 -3.31 -14.19 9.65
CA GLY A 60 -4.28 -15.27 9.58
C GLY A 60 -3.82 -16.42 8.72
N ASP A 61 -4.64 -16.80 7.74
CA ASP A 61 -4.31 -17.90 6.85
C ASP A 61 -3.89 -17.37 5.47
N LYS A 62 -3.30 -16.18 5.46
CA LYS A 62 -2.86 -15.57 4.21
C LYS A 62 -1.80 -14.51 4.48
N ARG A 63 -0.87 -14.33 3.54
CA ARG A 63 0.18 -13.35 3.67
C ARG A 63 0.10 -12.30 2.56
N TYR A 64 0.56 -11.09 2.86
CA TYR A 64 0.53 -9.99 1.89
C TYR A 64 1.95 -9.57 1.50
N PHE A 65 2.92 -9.91 2.33
CA PHE A 65 4.31 -9.56 2.07
C PHE A 65 5.26 -10.45 2.87
N THR A 66 6.56 -10.30 2.62
CA THR A 66 7.57 -11.08 3.32
C THR A 66 8.69 -10.19 3.83
N CYS A 67 8.79 -10.06 5.15
CA CYS A 67 9.82 -9.23 5.76
C CYS A 67 10.05 -9.64 7.22
N LYS A 68 10.89 -8.88 7.91
CA LYS A 68 11.21 -9.16 9.31
C LYS A 68 10.01 -8.86 10.20
N PRO A 69 10.04 -9.30 11.47
CA PRO A 69 8.97 -9.07 12.43
C PRO A 69 8.81 -7.59 12.78
N ASN A 70 7.59 -7.08 12.63
CA ASN A 70 7.30 -5.69 12.93
C ASN A 70 8.06 -4.76 11.99
N TYR A 71 8.04 -5.08 10.71
CA TYR A 71 8.73 -4.28 9.70
C TYR A 71 7.73 -3.69 8.72
N GLY A 72 6.79 -4.50 8.25
CA GLY A 72 5.79 -4.04 7.31
C GLY A 72 4.48 -3.69 7.98
N VAL A 73 3.53 -3.19 7.20
CA VAL A 73 2.22 -2.82 7.72
C VAL A 73 1.14 -2.98 6.66
N LEU A 74 -0.12 -2.87 7.08
CA LEU A 74 -1.25 -2.99 6.17
C LEU A 74 -2.13 -1.75 6.22
N VAL A 75 -2.16 -1.01 5.11
CA VAL A 75 -2.96 0.21 5.02
C VAL A 75 -3.71 0.27 3.70
N ARG A 76 -4.73 1.12 3.64
CA ARG A 76 -5.53 1.28 2.44
C ARG A 76 -5.10 2.51 1.65
N PRO A 77 -5.30 2.51 0.32
CA PRO A 77 -4.92 3.63 -0.54
C PRO A 77 -5.35 4.96 0.07
N SER A 78 -6.66 5.08 0.31
CA SER A 78 -7.20 6.28 0.91
C SER A 78 -6.50 6.56 2.24
N ARG A 79 -5.95 5.51 2.83
CA ARG A 79 -5.23 5.63 4.09
C ARG A 79 -3.78 6.03 3.84
N VAL A 80 -3.34 5.92 2.58
CA VAL A 80 -1.98 6.27 2.22
C VAL A 80 -1.95 7.39 1.18
N THR A 81 -0.76 7.94 0.95
CA THR A 81 -0.61 9.01 -0.03
C THR A 81 0.01 8.49 -1.32
N TYR A 82 -0.69 8.71 -2.44
CA TYR A 82 -0.20 8.26 -3.74
C TYR A 82 -1.02 8.87 -4.86
N ARG A 83 -0.48 8.82 -6.08
CA ARG A 83 -1.16 9.38 -7.24
C ARG A 83 -2.22 8.42 -7.76
N GLY A 84 -2.75 8.71 -8.94
CA GLY A 84 -3.78 7.86 -9.53
C GLY A 84 -4.68 8.62 -10.48
N ILE A 85 -5.40 9.61 -9.95
CA ILE A 85 -6.31 10.41 -10.74
C ILE A 85 -5.71 11.78 -11.06
N SER A 86 -4.79 11.81 -12.02
CA SER A 86 -4.14 13.06 -12.41
C SER A 86 -4.33 13.33 -13.90
N GLY A 87 -5.16 14.32 -14.21
CA GLY A 87 -5.41 14.67 -15.60
C GLY A 87 -4.23 15.39 -16.24
N PRO A 88 -4.48 16.55 -16.88
CA PRO A 88 -3.42 17.33 -17.54
C PRO A 88 -2.45 17.94 -16.52
N SER A 89 -1.33 18.44 -17.01
CA SER A 89 -0.32 19.06 -16.16
C SER A 89 -0.45 20.58 -16.16
N SER A 90 -1.69 21.05 -16.29
CA SER A 90 -1.95 22.49 -16.29
C SER A 90 -2.63 22.93 -15.01
N GLY A 91 -2.04 23.91 -14.33
CA GLY A 91 -2.61 24.41 -13.10
C GLY A 91 -1.88 25.63 -12.57
N GLY A 1 -17.72 -7.56 -16.11
CA GLY A 1 -17.45 -6.58 -17.20
C GLY A 1 -16.73 -5.35 -16.71
N SER A 2 -17.47 -4.44 -16.07
CA SER A 2 -16.90 -3.21 -15.55
C SER A 2 -17.84 -2.57 -14.53
N SER A 3 -17.35 -2.40 -13.30
CA SER A 3 -18.13 -1.80 -12.24
C SER A 3 -17.35 -0.69 -11.54
N GLY A 4 -17.94 0.49 -11.46
CA GLY A 4 -17.28 1.61 -10.82
C GLY A 4 -16.68 2.58 -11.81
N SER A 5 -15.71 2.11 -12.59
CA SER A 5 -15.05 2.95 -13.58
C SER A 5 -15.20 2.36 -14.98
N SER A 6 -15.43 3.22 -15.96
CA SER A 6 -15.59 2.77 -17.35
C SER A 6 -14.55 3.42 -18.25
N GLY A 7 -13.38 3.70 -17.69
CA GLY A 7 -12.31 4.33 -18.46
C GLY A 7 -11.27 3.33 -18.91
N GLU A 8 -10.01 3.78 -18.96
CA GLU A 8 -8.91 2.91 -19.37
C GLU A 8 -7.57 3.48 -18.91
N GLY A 9 -7.07 2.96 -17.79
CA GLY A 9 -5.79 3.43 -17.27
C GLY A 9 -5.97 4.44 -16.16
N THR A 10 -6.82 4.12 -15.19
CA THR A 10 -7.08 5.02 -14.06
C THR A 10 -5.85 5.12 -13.17
N VAL A 11 -5.78 6.20 -12.39
CA VAL A 11 -4.65 6.41 -11.48
C VAL A 11 -4.78 5.55 -10.24
N LYS A 12 -4.34 4.30 -10.34
CA LYS A 12 -4.40 3.37 -9.22
C LYS A 12 -3.08 2.62 -9.07
N LEU A 13 -2.92 1.94 -7.94
CA LEU A 13 -1.70 1.17 -7.66
C LEU A 13 -1.73 -0.15 -8.41
N HIS A 14 -0.60 -0.87 -8.36
CA HIS A 14 -0.49 -2.15 -9.03
C HIS A 14 0.74 -2.92 -8.54
N GLU A 15 1.03 -2.80 -7.25
CA GLU A 15 2.17 -3.48 -6.66
C GLU A 15 3.47 -3.02 -7.30
N GLY A 16 4.30 -2.34 -6.51
CA GLY A 16 5.57 -1.85 -7.01
C GLY A 16 5.62 -0.34 -7.11
N SER A 17 5.29 0.33 -6.00
CA SER A 17 5.29 1.78 -5.97
C SER A 17 5.52 2.30 -4.55
N GLN A 18 5.89 3.56 -4.43
CA GLN A 18 6.14 4.18 -3.13
C GLN A 18 4.90 4.91 -2.63
N VAL A 19 4.58 4.73 -1.35
CA VAL A 19 3.42 5.39 -0.77
C VAL A 19 3.71 5.81 0.67
N LEU A 20 3.28 7.02 1.02
CA LEU A 20 3.49 7.55 2.36
C LEU A 20 2.26 7.33 3.24
N LEU A 21 2.47 7.31 4.55
CA LEU A 21 1.37 7.11 5.50
C LEU A 21 0.92 8.44 6.10
N THR A 22 -0.37 8.56 6.34
CA THR A 22 -0.93 9.79 6.92
C THR A 22 -1.15 9.63 8.41
N SER A 23 -0.31 8.82 9.05
CA SER A 23 -0.41 8.59 10.48
C SER A 23 0.98 8.45 11.12
N SER A 24 1.82 7.65 10.49
CA SER A 24 3.18 7.44 10.99
C SER A 24 4.18 8.37 10.30
N ASN A 25 3.80 8.85 9.11
CA ASN A 25 4.67 9.74 8.34
C ASN A 25 5.93 9.02 7.88
N GLU A 26 5.76 7.81 7.38
CA GLU A 26 6.89 7.01 6.91
C GLU A 26 6.57 6.34 5.58
N MET A 27 7.38 6.63 4.57
CA MET A 27 7.18 6.05 3.24
C MET A 27 7.39 4.54 3.28
N ALA A 28 6.76 3.84 2.32
CA ALA A 28 6.88 2.40 2.24
C ALA A 28 6.64 1.91 0.82
N THR A 29 7.15 0.71 0.50
CA THR A 29 6.99 0.14 -0.82
C THR A 29 5.83 -0.84 -0.86
N VAL A 30 5.04 -0.78 -1.92
CA VAL A 30 3.90 -1.65 -2.09
C VAL A 30 4.32 -3.04 -2.56
N ARG A 31 3.98 -4.06 -1.80
CA ARG A 31 4.33 -5.43 -2.15
C ARG A 31 3.10 -6.24 -2.53
N TYR A 32 1.96 -5.90 -1.94
CA TYR A 32 0.71 -6.59 -2.21
C TYR A 32 -0.45 -5.61 -2.26
N VAL A 33 -1.32 -5.76 -3.25
CA VAL A 33 -2.48 -4.90 -3.40
C VAL A 33 -3.75 -5.71 -3.65
N GLY A 34 -4.78 -5.44 -2.86
CA GLY A 34 -6.03 -6.15 -3.00
C GLY A 34 -6.76 -6.32 -1.68
N PRO A 35 -7.79 -7.18 -1.64
CA PRO A 35 -8.56 -7.43 -0.41
C PRO A 35 -7.77 -8.19 0.63
N THR A 36 -8.29 -8.23 1.86
CA THR A 36 -7.63 -8.93 2.95
C THR A 36 -8.59 -9.86 3.67
N ASP A 37 -8.05 -10.90 4.31
CA ASP A 37 -8.86 -11.87 5.02
C ASP A 37 -9.26 -11.33 6.41
N PHE A 38 -8.31 -10.68 7.08
CA PHE A 38 -8.56 -10.12 8.40
C PHE A 38 -9.50 -8.92 8.30
N ALA A 39 -9.29 -8.09 7.29
CA ALA A 39 -10.11 -6.90 7.09
C ALA A 39 -10.98 -7.04 5.84
N SER A 40 -11.70 -5.98 5.51
CA SER A 40 -12.58 -5.97 4.35
C SER A 40 -12.30 -4.76 3.46
N GLY A 41 -12.45 -4.93 2.15
CA GLY A 41 -12.21 -3.84 1.23
C GLY A 41 -10.91 -3.98 0.48
N ILE A 42 -10.10 -2.93 0.49
CA ILE A 42 -8.81 -2.94 -0.19
C ILE A 42 -7.69 -2.51 0.74
N TRP A 43 -6.53 -3.15 0.58
CA TRP A 43 -5.38 -2.84 1.41
C TRP A 43 -4.08 -2.94 0.62
N LEU A 44 -2.98 -2.50 1.22
CA LEU A 44 -1.69 -2.54 0.56
C LEU A 44 -0.61 -3.07 1.50
N GLY A 45 -0.02 -4.20 1.14
CA GLY A 45 1.02 -4.80 1.97
C GLY A 45 2.33 -4.05 1.86
N LEU A 46 2.41 -2.89 2.50
CA LEU A 46 3.62 -2.09 2.47
C LEU A 46 4.76 -2.78 3.23
N GLU A 47 5.99 -2.42 2.88
CA GLU A 47 7.16 -3.01 3.52
C GLU A 47 8.23 -1.95 3.79
N LEU A 48 8.39 -1.59 5.06
CA LEU A 48 9.37 -0.58 5.46
C LEU A 48 10.77 -1.18 5.48
N ARG A 49 11.76 -0.35 5.83
CA ARG A 49 13.14 -0.80 5.90
C ARG A 49 13.53 -1.11 7.34
N SER A 50 12.94 -0.39 8.28
CA SER A 50 13.23 -0.59 9.70
C SER A 50 12.03 -1.19 10.42
N ALA A 51 12.18 -1.41 11.73
CA ALA A 51 11.11 -1.99 12.53
C ALA A 51 10.30 -0.89 13.23
N LYS A 52 9.12 -0.60 12.70
CA LYS A 52 8.25 0.42 13.27
C LYS A 52 6.79 0.15 12.91
N GLY A 53 6.45 -1.12 12.74
CA GLY A 53 5.08 -1.47 12.40
C GLY A 53 4.42 -2.35 13.45
N LYS A 54 3.81 -3.44 13.01
CA LYS A 54 3.13 -4.36 13.91
C LYS A 54 3.06 -5.76 13.32
N ASN A 55 2.64 -5.83 12.06
CA ASN A 55 2.53 -7.12 11.36
C ASN A 55 3.90 -7.73 11.11
N ASP A 56 3.92 -8.94 10.57
CA ASP A 56 5.17 -9.63 10.27
C ASP A 56 5.15 -10.24 8.88
N GLY A 57 4.42 -9.60 7.97
CA GLY A 57 4.32 -10.09 6.60
C GLY A 57 3.02 -10.83 6.35
N ALA A 58 2.73 -11.84 7.17
CA ALA A 58 1.52 -12.62 7.03
C ALA A 58 0.52 -12.29 8.13
N VAL A 59 -0.77 -12.40 7.82
CA VAL A 59 -1.82 -12.12 8.78
C VAL A 59 -2.91 -13.19 8.73
N GLY A 60 -2.86 -14.13 9.66
CA GLY A 60 -3.85 -15.18 9.71
C GLY A 60 -3.49 -16.35 8.81
N ASP A 61 -4.36 -16.67 7.86
CA ASP A 61 -4.12 -17.78 6.94
C ASP A 61 -3.81 -17.26 5.54
N LYS A 62 -3.22 -16.08 5.46
CA LYS A 62 -2.87 -15.47 4.18
C LYS A 62 -1.51 -14.78 4.26
N ARG A 63 -1.04 -14.26 3.13
CA ARG A 63 0.24 -13.58 3.07
C ARG A 63 0.13 -12.28 2.27
N TYR A 64 1.14 -11.44 2.38
CA TYR A 64 1.16 -10.17 1.67
C TYR A 64 2.60 -9.74 1.38
N PHE A 65 3.46 -9.83 2.38
CA PHE A 65 4.85 -9.44 2.24
C PHE A 65 5.74 -10.20 3.23
N THR A 66 7.05 -10.08 3.07
CA THR A 66 7.99 -10.75 3.95
C THR A 66 9.24 -9.89 4.17
N CYS A 67 9.48 -9.52 5.42
CA CYS A 67 10.63 -8.70 5.77
C CYS A 67 11.17 -9.07 7.15
N LYS A 68 10.41 -8.72 8.19
CA LYS A 68 10.80 -9.02 9.56
C LYS A 68 9.69 -8.64 10.55
N PRO A 69 9.83 -9.05 11.82
CA PRO A 69 8.85 -8.76 12.86
C PRO A 69 8.63 -7.26 13.05
N ASN A 70 7.39 -6.81 12.83
CA ASN A 70 7.05 -5.40 12.98
C ASN A 70 7.89 -4.53 12.05
N TYR A 71 7.93 -4.91 10.78
CA TYR A 71 8.68 -4.16 9.78
C TYR A 71 7.76 -3.55 8.74
N GLY A 72 6.66 -4.23 8.45
CA GLY A 72 5.71 -3.72 7.48
C GLY A 72 4.40 -3.29 8.12
N VAL A 73 3.42 -2.94 7.29
CA VAL A 73 2.12 -2.51 7.78
C VAL A 73 1.04 -2.71 6.72
N LEU A 74 -0.22 -2.70 7.15
CA LEU A 74 -1.34 -2.88 6.24
C LEU A 74 -2.28 -1.67 6.28
N VAL A 75 -2.24 -0.87 5.22
CA VAL A 75 -3.08 0.32 5.14
C VAL A 75 -3.85 0.36 3.82
N ARG A 76 -4.90 1.18 3.77
CA ARG A 76 -5.72 1.31 2.58
C ARG A 76 -5.24 2.46 1.70
N PRO A 77 -5.52 2.39 0.38
CA PRO A 77 -5.13 3.44 -0.56
C PRO A 77 -5.44 4.82 -0.01
N SER A 78 -6.72 5.04 0.29
CA SER A 78 -7.17 6.30 0.84
C SER A 78 -6.39 6.61 2.12
N ARG A 79 -5.86 5.56 2.75
CA ARG A 79 -5.08 5.72 3.95
C ARG A 79 -3.61 6.01 3.61
N VAL A 80 -3.25 5.82 2.34
CA VAL A 80 -1.88 6.07 1.90
C VAL A 80 -1.84 7.15 0.81
N THR A 81 -0.97 8.14 0.99
CA THR A 81 -0.83 9.22 0.02
C THR A 81 0.04 8.79 -1.15
N TYR A 82 -0.42 9.09 -2.36
CA TYR A 82 0.32 8.73 -3.57
C TYR A 82 -0.29 9.42 -4.79
N ARG A 83 0.57 10.05 -5.58
CA ARG A 83 0.13 10.76 -6.78
C ARG A 83 0.54 10.00 -8.04
N GLY A 84 -0.26 10.14 -9.10
CA GLY A 84 0.04 9.46 -10.34
C GLY A 84 -0.23 10.32 -11.55
N ILE A 85 0.63 10.22 -12.55
CA ILE A 85 0.47 11.00 -13.78
C ILE A 85 -0.15 10.16 -14.89
N SER A 86 -1.48 10.28 -15.03
CA SER A 86 -2.20 9.53 -16.05
C SER A 86 -3.14 10.45 -16.83
N GLY A 87 -3.22 10.24 -18.14
CA GLY A 87 -4.09 11.05 -18.97
C GLY A 87 -3.33 11.79 -20.06
N PRO A 88 -4.05 12.35 -21.04
CA PRO A 88 -3.43 13.10 -22.14
C PRO A 88 -2.81 14.41 -21.68
N SER A 89 -3.55 15.16 -20.88
CA SER A 89 -3.08 16.44 -20.38
C SER A 89 -2.58 16.31 -18.94
N SER A 90 -1.30 16.60 -18.74
CA SER A 90 -0.70 16.52 -17.41
C SER A 90 -0.12 17.87 -16.99
N GLY A 91 -0.84 18.58 -16.14
CA GLY A 91 -0.37 19.87 -15.68
C GLY A 91 0.15 19.82 -14.25
N GLY A 1 -12.90 -8.59 -29.83
CA GLY A 1 -12.65 -9.32 -28.56
C GLY A 1 -12.21 -8.39 -27.44
N SER A 2 -10.95 -7.94 -27.51
CA SER A 2 -10.42 -7.05 -26.49
C SER A 2 -9.12 -6.41 -26.97
N SER A 3 -9.03 -5.09 -26.82
CA SER A 3 -7.85 -4.35 -27.24
C SER A 3 -6.80 -4.31 -26.13
N GLY A 4 -7.28 -4.19 -24.89
CA GLY A 4 -6.37 -4.14 -23.76
C GLY A 4 -7.04 -4.55 -22.46
N SER A 5 -6.92 -3.72 -21.44
CA SER A 5 -7.52 -4.00 -20.14
C SER A 5 -8.76 -3.12 -19.90
N SER A 6 -8.78 -1.96 -20.53
CA SER A 6 -9.90 -1.04 -20.39
C SER A 6 -10.00 -0.52 -18.96
N GLY A 7 -9.22 0.52 -18.65
CA GLY A 7 -9.24 1.08 -17.32
C GLY A 7 -8.38 2.32 -17.20
N GLU A 8 -8.35 2.91 -16.01
CA GLU A 8 -7.56 4.12 -15.77
C GLU A 8 -6.37 3.81 -14.86
N GLY A 9 -5.18 4.14 -15.34
CA GLY A 9 -3.98 3.89 -14.55
C GLY A 9 -3.53 5.11 -13.77
N THR A 10 -4.49 5.88 -13.28
CA THR A 10 -4.20 7.09 -12.52
C THR A 10 -5.00 7.12 -11.21
N VAL A 11 -5.20 5.94 -10.63
CA VAL A 11 -5.93 5.83 -9.37
C VAL A 11 -5.58 4.54 -8.64
N LYS A 12 -5.51 3.44 -9.38
CA LYS A 12 -5.18 2.13 -8.80
C LYS A 12 -3.67 1.98 -8.64
N LEU A 13 -3.26 1.39 -7.52
CA LEU A 13 -1.84 1.18 -7.24
C LEU A 13 -1.38 -0.18 -7.76
N HIS A 14 -0.08 -0.42 -7.71
CA HIS A 14 0.48 -1.69 -8.18
C HIS A 14 1.68 -2.10 -7.32
N GLU A 15 2.29 -3.22 -7.68
CA GLU A 15 3.44 -3.73 -6.95
C GLU A 15 4.70 -2.94 -7.32
N GLY A 16 5.59 -2.77 -6.34
CA GLY A 16 6.82 -2.04 -6.58
C GLY A 16 6.59 -0.55 -6.74
N SER A 17 5.66 -0.01 -5.95
CA SER A 17 5.34 1.41 -6.01
C SER A 17 5.78 2.12 -4.73
N GLN A 18 5.78 3.45 -4.76
CA GLN A 18 6.17 4.24 -3.61
C GLN A 18 4.98 5.02 -3.05
N VAL A 19 4.77 4.91 -1.74
CA VAL A 19 3.66 5.60 -1.09
C VAL A 19 4.08 6.13 0.28
N LEU A 20 3.21 6.94 0.88
CA LEU A 20 3.50 7.51 2.20
C LEU A 20 2.28 7.40 3.11
N LEU A 21 2.54 7.20 4.40
CA LEU A 21 1.46 7.08 5.37
C LEU A 21 1.10 8.44 5.97
N THR A 22 -0.17 8.83 5.82
CA THR A 22 -0.64 10.10 6.35
C THR A 22 -0.58 10.13 7.87
N SER A 23 -0.73 8.96 8.49
CA SER A 23 -0.70 8.85 9.94
C SER A 23 0.72 8.63 10.44
N SER A 24 1.29 7.48 10.09
CA SER A 24 2.65 7.15 10.49
C SER A 24 3.65 8.19 9.99
N ASN A 25 3.32 8.82 8.86
CA ASN A 25 4.19 9.83 8.27
C ASN A 25 5.52 9.22 7.85
N GLU A 26 5.48 7.99 7.39
CA GLU A 26 6.68 7.29 6.94
C GLU A 26 6.48 6.65 5.57
N MET A 27 7.51 6.72 4.73
CA MET A 27 7.43 6.14 3.40
C MET A 27 7.35 4.62 3.45
N ALA A 28 6.50 4.04 2.61
CA ALA A 28 6.32 2.59 2.57
C ALA A 28 6.25 2.09 1.13
N THR A 29 6.81 0.91 0.89
CA THR A 29 6.81 0.32 -0.44
C THR A 29 5.65 -0.65 -0.60
N VAL A 30 5.05 -0.65 -1.78
CA VAL A 30 3.92 -1.54 -2.06
C VAL A 30 4.40 -2.91 -2.50
N ARG A 31 3.97 -3.95 -1.79
CA ARG A 31 4.35 -5.32 -2.11
C ARG A 31 3.16 -6.10 -2.65
N TYR A 32 1.97 -5.77 -2.19
CA TYR A 32 0.76 -6.45 -2.61
C TYR A 32 -0.42 -5.49 -2.64
N VAL A 33 -1.40 -5.78 -3.50
CA VAL A 33 -2.58 -4.94 -3.62
C VAL A 33 -3.82 -5.78 -3.97
N GLY A 34 -4.73 -5.91 -3.02
CA GLY A 34 -5.94 -6.68 -3.26
C GLY A 34 -6.79 -6.81 -2.01
N PRO A 35 -7.65 -7.84 -1.94
CA PRO A 35 -8.53 -8.06 -0.79
C PRO A 35 -7.75 -8.51 0.45
N THR A 36 -8.49 -8.91 1.48
CA THR A 36 -7.87 -9.36 2.72
C THR A 36 -8.70 -10.47 3.36
N ASP A 37 -8.04 -11.33 4.13
CA ASP A 37 -8.72 -12.43 4.81
C ASP A 37 -8.80 -12.18 6.31
N PHE A 38 -9.09 -10.94 6.68
CA PHE A 38 -9.20 -10.57 8.08
C PHE A 38 -10.01 -9.28 8.25
N ALA A 39 -9.70 -8.29 7.42
CA ALA A 39 -10.41 -7.01 7.47
C ALA A 39 -11.46 -6.92 6.37
N SER A 40 -11.26 -7.66 5.28
CA SER A 40 -12.19 -7.66 4.17
C SER A 40 -12.30 -6.27 3.54
N GLY A 41 -11.44 -6.01 2.56
CA GLY A 41 -11.44 -4.72 1.90
C GLY A 41 -10.22 -4.50 1.04
N ILE A 42 -10.06 -3.28 0.54
CA ILE A 42 -8.93 -2.95 -0.31
C ILE A 42 -7.73 -2.48 0.52
N TRP A 43 -6.78 -3.38 0.75
CA TRP A 43 -5.60 -3.06 1.52
C TRP A 43 -4.34 -3.09 0.66
N LEU A 44 -3.20 -2.73 1.24
CA LEU A 44 -1.94 -2.72 0.52
C LEU A 44 -0.80 -3.20 1.41
N GLY A 45 -0.36 -4.43 1.20
CA GLY A 45 0.72 -4.98 2.00
C GLY A 45 2.01 -4.21 1.84
N LEU A 46 2.20 -3.18 2.66
CA LEU A 46 3.41 -2.36 2.60
C LEU A 46 4.59 -3.08 3.22
N GLU A 47 5.78 -2.48 3.09
CA GLU A 47 6.99 -3.07 3.64
C GLU A 47 8.07 -2.00 3.82
N LEU A 48 8.42 -1.74 5.07
CA LEU A 48 9.44 -0.74 5.37
C LEU A 48 10.84 -1.36 5.36
N ARG A 49 11.85 -0.53 5.61
CA ARG A 49 13.23 -1.00 5.60
C ARG A 49 13.79 -1.02 7.03
N SER A 50 12.92 -1.24 8.00
CA SER A 50 13.32 -1.29 9.40
C SER A 50 12.19 -1.78 10.28
N ALA A 51 12.40 -1.74 11.59
CA ALA A 51 11.39 -2.19 12.54
C ALA A 51 10.61 -1.01 13.11
N LYS A 52 9.71 -0.47 12.30
CA LYS A 52 8.90 0.67 12.71
C LYS A 52 7.44 0.48 12.27
N GLY A 53 7.00 -0.77 12.21
CA GLY A 53 5.64 -1.06 11.81
C GLY A 53 4.86 -1.79 12.88
N LYS A 54 4.14 -2.84 12.48
CA LYS A 54 3.35 -3.62 13.41
C LYS A 54 3.20 -5.05 12.92
N ASN A 55 2.87 -5.21 11.64
CA ASN A 55 2.70 -6.54 11.05
C ASN A 55 4.06 -7.22 10.85
N ASP A 56 4.03 -8.53 10.64
CA ASP A 56 5.26 -9.29 10.43
C ASP A 56 5.43 -9.64 8.96
N GLY A 57 4.32 -9.79 8.25
CA GLY A 57 4.37 -10.12 6.83
C GLY A 57 3.15 -10.89 6.38
N ALA A 58 2.55 -11.65 7.29
CA ALA A 58 1.37 -12.45 6.97
C ALA A 58 0.38 -12.44 8.13
N VAL A 59 -0.90 -12.32 7.80
CA VAL A 59 -1.95 -12.31 8.81
C VAL A 59 -2.97 -13.41 8.57
N GLY A 60 -3.22 -14.22 9.58
CA GLY A 60 -4.18 -15.31 9.45
C GLY A 60 -3.61 -16.49 8.69
N ASP A 61 -4.33 -16.92 7.66
CA ASP A 61 -3.89 -18.05 6.85
C ASP A 61 -3.45 -17.59 5.47
N LYS A 62 -2.94 -16.37 5.39
CA LYS A 62 -2.49 -15.81 4.12
C LYS A 62 -1.40 -14.76 4.35
N ARG A 63 -0.61 -14.50 3.32
CA ARG A 63 0.48 -13.53 3.41
C ARG A 63 0.33 -12.46 2.33
N TYR A 64 0.74 -11.24 2.66
CA TYR A 64 0.66 -10.12 1.72
C TYR A 64 2.04 -9.66 1.28
N PHE A 65 3.05 -9.96 2.11
CA PHE A 65 4.42 -9.57 1.80
C PHE A 65 5.41 -10.30 2.72
N THR A 66 6.70 -10.12 2.45
CA THR A 66 7.74 -10.75 3.25
C THR A 66 8.61 -9.70 3.94
N CYS A 67 8.87 -9.91 5.23
CA CYS A 67 9.69 -8.98 5.99
C CYS A 67 9.90 -9.49 7.42
N LYS A 68 10.58 -8.69 8.24
CA LYS A 68 10.85 -9.06 9.62
C LYS A 68 9.69 -8.64 10.53
N PRO A 69 9.71 -9.07 11.80
CA PRO A 69 8.67 -8.74 12.77
C PRO A 69 8.48 -7.24 12.92
N ASN A 70 7.25 -6.76 12.70
CA ASN A 70 6.94 -5.35 12.81
C ASN A 70 7.75 -4.53 11.81
N TYR A 71 7.65 -4.89 10.54
CA TYR A 71 8.37 -4.18 9.48
C TYR A 71 7.40 -3.50 8.52
N GLY A 72 6.40 -4.24 8.08
CA GLY A 72 5.41 -3.69 7.16
C GLY A 72 4.18 -3.18 7.88
N VAL A 73 3.32 -2.48 7.15
CA VAL A 73 2.09 -1.94 7.71
C VAL A 73 0.93 -2.04 6.73
N LEU A 74 -0.08 -2.81 7.11
CA LEU A 74 -1.26 -3.00 6.26
C LEU A 74 -2.17 -1.77 6.32
N VAL A 75 -2.30 -1.08 5.19
CA VAL A 75 -3.13 0.11 5.11
C VAL A 75 -3.88 0.18 3.79
N ARG A 76 -4.81 1.13 3.68
CA ARG A 76 -5.59 1.30 2.47
C ARG A 76 -5.14 2.54 1.70
N PRO A 77 -5.45 2.59 0.38
CA PRO A 77 -5.08 3.74 -0.46
C PRO A 77 -5.37 5.05 0.23
N SER A 78 -6.61 5.21 0.66
CA SER A 78 -7.02 6.43 1.36
C SER A 78 -6.13 6.65 2.57
N ARG A 79 -5.51 5.57 3.06
CA ARG A 79 -4.62 5.67 4.19
C ARG A 79 -3.18 5.94 3.74
N VAL A 80 -2.94 5.82 2.43
CA VAL A 80 -1.60 6.07 1.89
C VAL A 80 -1.64 7.13 0.80
N THR A 81 -0.82 8.17 0.97
CA THR A 81 -0.76 9.26 0.00
C THR A 81 -0.18 8.78 -1.33
N TYR A 82 -0.88 9.08 -2.42
CA TYR A 82 -0.43 8.67 -3.74
C TYR A 82 -1.39 9.18 -4.82
N ARG A 83 -2.63 8.72 -4.76
CA ARG A 83 -3.66 9.11 -5.71
C ARG A 83 -3.34 8.57 -7.10
N GLY A 84 -2.29 9.10 -7.72
CA GLY A 84 -1.91 8.65 -9.05
C GLY A 84 -0.49 9.05 -9.42
N ILE A 85 -0.29 9.42 -10.67
CA ILE A 85 1.02 9.82 -11.15
C ILE A 85 1.12 11.35 -11.25
N SER A 86 1.61 11.97 -10.19
CA SER A 86 1.76 13.43 -10.16
C SER A 86 2.95 13.87 -11.00
N GLY A 87 4.10 13.27 -10.74
CA GLY A 87 5.31 13.62 -11.48
C GLY A 87 6.45 12.66 -11.21
N PRO A 88 6.92 11.93 -12.25
CA PRO A 88 8.02 10.97 -12.08
C PRO A 88 9.35 11.66 -11.81
N SER A 89 10.33 10.89 -11.33
CA SER A 89 11.64 11.43 -11.02
C SER A 89 12.75 10.54 -11.60
N SER A 90 13.60 11.13 -12.43
CA SER A 90 14.69 10.40 -13.05
C SER A 90 15.80 11.35 -13.50
N GLY A 91 17.02 10.81 -13.66
CA GLY A 91 18.14 11.62 -14.08
C GLY A 91 19.28 10.80 -14.63
N GLY A 1 -26.30 13.23 -25.14
CA GLY A 1 -26.04 14.67 -25.42
C GLY A 1 -25.32 15.37 -24.29
N SER A 2 -25.43 16.68 -24.24
CA SER A 2 -24.79 17.47 -23.19
C SER A 2 -23.28 17.25 -23.18
N SER A 3 -22.62 17.80 -22.17
CA SER A 3 -21.17 17.65 -22.05
C SER A 3 -20.81 16.54 -21.06
N GLY A 4 -19.96 15.62 -21.51
CA GLY A 4 -19.56 14.51 -20.65
C GLY A 4 -18.39 14.88 -19.75
N SER A 5 -18.66 15.72 -18.75
CA SER A 5 -17.63 16.15 -17.82
C SER A 5 -17.27 15.03 -16.85
N SER A 6 -15.98 14.84 -16.60
CA SER A 6 -15.52 13.81 -15.69
C SER A 6 -14.01 13.93 -15.45
N GLY A 7 -13.54 13.34 -14.36
CA GLY A 7 -12.13 13.39 -14.03
C GLY A 7 -11.71 12.29 -13.08
N GLU A 8 -12.51 12.07 -12.05
CA GLU A 8 -12.22 11.04 -11.06
C GLU A 8 -12.62 9.67 -11.57
N GLY A 9 -11.63 8.87 -11.95
CA GLY A 9 -11.91 7.53 -12.46
C GLY A 9 -11.36 6.45 -11.56
N THR A 10 -10.59 5.53 -12.14
CA THR A 10 -10.00 4.43 -11.39
C THR A 10 -8.54 4.24 -11.76
N VAL A 11 -7.64 4.66 -10.86
CA VAL A 11 -6.21 4.53 -11.10
C VAL A 11 -5.61 3.39 -10.29
N LYS A 12 -5.85 3.42 -8.97
CA LYS A 12 -5.34 2.39 -8.08
C LYS A 12 -3.81 2.34 -8.12
N LEU A 13 -3.22 1.73 -7.10
CA LEU A 13 -1.77 1.62 -7.02
C LEU A 13 -1.26 0.41 -7.80
N HIS A 14 0.04 0.18 -7.76
CA HIS A 14 0.65 -0.95 -8.45
C HIS A 14 1.63 -1.68 -7.54
N GLU A 15 2.32 -2.67 -8.11
CA GLU A 15 3.29 -3.45 -7.35
C GLU A 15 4.69 -2.84 -7.48
N GLY A 16 5.43 -2.85 -6.38
CA GLY A 16 6.78 -2.30 -6.39
C GLY A 16 6.78 -0.78 -6.45
N SER A 17 5.76 -0.16 -5.86
CA SER A 17 5.65 1.28 -5.86
C SER A 17 5.93 1.85 -4.47
N GLN A 18 5.94 3.18 -4.37
CA GLN A 18 6.19 3.84 -3.09
C GLN A 18 4.99 4.67 -2.66
N VAL A 19 4.80 4.80 -1.35
CA VAL A 19 3.69 5.56 -0.81
C VAL A 19 4.09 6.25 0.50
N LEU A 20 3.15 7.01 1.06
CA LEU A 20 3.40 7.73 2.31
C LEU A 20 2.15 7.74 3.18
N LEU A 21 2.33 7.39 4.46
CA LEU A 21 1.22 7.37 5.40
C LEU A 21 0.84 8.77 5.84
N THR A 22 -0.47 9.04 5.94
CA THR A 22 -0.95 10.34 6.35
C THR A 22 -1.40 10.32 7.81
N SER A 23 -0.75 9.48 8.61
CA SER A 23 -1.07 9.37 10.03
C SER A 23 0.13 9.72 10.89
N SER A 24 1.25 9.06 10.64
CA SER A 24 2.47 9.31 11.41
C SER A 24 3.64 9.67 10.47
N ASN A 25 3.32 10.01 9.22
CA ASN A 25 4.34 10.37 8.25
C ASN A 25 5.41 9.28 8.15
N GLU A 26 5.17 8.29 7.30
CA GLU A 26 6.11 7.19 7.11
C GLU A 26 5.96 6.57 5.72
N MET A 27 7.04 6.58 4.95
CA MET A 27 7.02 6.03 3.60
C MET A 27 7.10 4.50 3.65
N ALA A 28 6.62 3.86 2.59
CA ALA A 28 6.63 2.41 2.51
C ALA A 28 6.50 1.94 1.07
N THR A 29 6.98 0.72 0.80
CA THR A 29 6.92 0.16 -0.54
C THR A 29 5.73 -0.79 -0.68
N VAL A 30 4.97 -0.62 -1.76
CA VAL A 30 3.81 -1.45 -2.00
C VAL A 30 4.22 -2.81 -2.57
N ARG A 31 3.73 -3.88 -1.94
CA ARG A 31 4.04 -5.23 -2.38
C ARG A 31 2.78 -5.96 -2.85
N TYR A 32 1.68 -5.75 -2.13
CA TYR A 32 0.41 -6.38 -2.46
C TYR A 32 -0.71 -5.35 -2.57
N VAL A 33 -1.66 -5.60 -3.45
CA VAL A 33 -2.79 -4.70 -3.64
C VAL A 33 -4.07 -5.46 -3.94
N GLY A 34 -4.96 -5.53 -2.95
CA GLY A 34 -6.21 -6.25 -3.13
C GLY A 34 -6.85 -6.62 -1.82
N PRO A 35 -8.11 -7.09 -1.84
CA PRO A 35 -8.83 -7.49 -0.63
C PRO A 35 -8.03 -8.47 0.23
N THR A 36 -8.18 -8.35 1.54
CA THR A 36 -7.48 -9.23 2.47
C THR A 36 -8.41 -10.31 3.01
N ASP A 37 -7.86 -11.16 3.88
CA ASP A 37 -8.65 -12.24 4.48
C ASP A 37 -9.15 -11.85 5.87
N PHE A 38 -8.30 -11.17 6.62
CA PHE A 38 -8.66 -10.74 7.97
C PHE A 38 -9.76 -9.69 7.94
N ALA A 39 -9.71 -8.83 6.93
CA ALA A 39 -10.71 -7.77 6.78
C ALA A 39 -11.25 -7.74 5.35
N SER A 40 -12.31 -6.96 5.15
CA SER A 40 -12.93 -6.84 3.83
C SER A 40 -12.58 -5.50 3.19
N GLY A 41 -12.76 -5.41 1.88
CA GLY A 41 -12.46 -4.18 1.17
C GLY A 41 -11.14 -4.24 0.43
N ILE A 42 -10.35 -3.18 0.53
CA ILE A 42 -9.06 -3.12 -0.14
C ILE A 42 -7.95 -2.78 0.84
N TRP A 43 -6.76 -3.34 0.60
CA TRP A 43 -5.61 -3.10 1.47
C TRP A 43 -4.32 -3.06 0.65
N LEU A 44 -3.21 -2.76 1.33
CA LEU A 44 -1.92 -2.69 0.67
C LEU A 44 -0.80 -3.17 1.61
N GLY A 45 -0.24 -4.33 1.29
CA GLY A 45 0.83 -4.87 2.11
C GLY A 45 2.14 -4.14 1.92
N LEU A 46 2.32 -3.05 2.66
CA LEU A 46 3.54 -2.25 2.57
C LEU A 46 4.71 -2.95 3.24
N GLU A 47 5.91 -2.44 3.02
CA GLU A 47 7.12 -3.01 3.60
C GLU A 47 8.17 -1.94 3.85
N LEU A 48 8.69 -1.90 5.08
CA LEU A 48 9.70 -0.92 5.44
C LEU A 48 11.09 -1.54 5.43
N ARG A 49 12.10 -0.73 5.72
CA ARG A 49 13.48 -1.20 5.74
C ARG A 49 14.05 -1.18 7.16
N SER A 50 13.18 -1.37 8.15
CA SER A 50 13.59 -1.37 9.54
C SER A 50 12.43 -1.76 10.46
N ALA A 51 12.67 -1.71 11.76
CA ALA A 51 11.64 -2.06 12.73
C ALA A 51 10.69 -0.90 12.99
N LYS A 52 9.72 -0.73 12.09
CA LYS A 52 8.74 0.35 12.21
C LYS A 52 7.35 -0.13 11.81
N GLY A 53 7.06 -1.39 12.10
CA GLY A 53 5.76 -1.95 11.75
C GLY A 53 5.17 -2.77 12.89
N LYS A 54 4.09 -3.47 12.60
CA LYS A 54 3.42 -4.30 13.59
C LYS A 54 3.40 -5.77 13.16
N ASN A 55 3.14 -6.00 11.88
CA ASN A 55 3.10 -7.36 11.34
C ASN A 55 4.49 -7.80 10.90
N ASP A 56 4.74 -9.11 10.97
CA ASP A 56 6.03 -9.66 10.57
C ASP A 56 6.12 -9.82 9.06
N GLY A 57 4.97 -9.92 8.41
CA GLY A 57 4.93 -10.06 6.97
C GLY A 57 3.57 -10.52 6.46
N ALA A 58 2.86 -11.27 7.29
CA ALA A 58 1.54 -11.77 6.92
C ALA A 58 0.54 -11.59 8.06
N VAL A 59 -0.73 -11.73 7.74
CA VAL A 59 -1.79 -11.58 8.74
C VAL A 59 -2.79 -12.73 8.66
N GLY A 60 -2.77 -13.60 9.66
CA GLY A 60 -3.68 -14.74 9.68
C GLY A 60 -3.10 -15.95 9.00
N ASP A 61 -3.88 -16.56 8.10
CA ASP A 61 -3.44 -17.74 7.37
C ASP A 61 -3.19 -17.41 5.91
N LYS A 62 -2.81 -16.18 5.62
CA LYS A 62 -2.54 -15.75 4.26
C LYS A 62 -1.17 -15.08 4.16
N ARG A 63 -0.81 -14.67 2.94
CA ARG A 63 0.48 -14.02 2.70
C ARG A 63 0.30 -12.75 1.89
N TYR A 64 1.10 -11.74 2.20
CA TYR A 64 1.04 -10.46 1.50
C TYR A 64 2.43 -9.95 1.15
N PHE A 65 3.28 -9.82 2.17
CA PHE A 65 4.64 -9.34 1.97
C PHE A 65 5.62 -10.15 2.83
N THR A 66 6.90 -10.06 2.48
CA THR A 66 7.94 -10.77 3.22
C THR A 66 8.98 -9.80 3.78
N CYS A 67 9.11 -9.78 5.10
CA CYS A 67 10.06 -8.90 5.76
C CYS A 67 10.33 -9.37 7.19
N LYS A 68 11.24 -8.68 7.87
CA LYS A 68 11.59 -9.02 9.24
C LYS A 68 10.45 -8.70 10.19
N PRO A 69 10.55 -9.16 11.45
CA PRO A 69 9.50 -8.91 12.46
C PRO A 69 9.25 -7.43 12.70
N ASN A 70 8.00 -7.01 12.54
CA ASN A 70 7.63 -5.62 12.74
C ASN A 70 8.36 -4.71 11.75
N TYR A 71 8.22 -5.02 10.46
CA TYR A 71 8.86 -4.22 9.42
C TYR A 71 7.83 -3.70 8.43
N GLY A 72 6.91 -4.57 8.03
CA GLY A 72 5.88 -4.16 7.08
C GLY A 72 4.58 -3.79 7.77
N VAL A 73 3.69 -3.12 7.03
CA VAL A 73 2.41 -2.69 7.58
C VAL A 73 1.33 -2.70 6.50
N LEU A 74 0.10 -2.98 6.92
CA LEU A 74 -1.03 -3.02 5.98
C LEU A 74 -1.93 -1.81 6.18
N VAL A 75 -2.22 -1.13 5.07
CA VAL A 75 -3.08 0.06 5.12
C VAL A 75 -3.96 0.15 3.87
N ARG A 76 -4.78 1.19 3.81
CA ARG A 76 -5.67 1.39 2.68
C ARG A 76 -5.22 2.59 1.82
N PRO A 77 -5.55 2.57 0.52
CA PRO A 77 -5.18 3.65 -0.40
C PRO A 77 -5.47 5.01 0.21
N SER A 78 -6.71 5.19 0.66
CA SER A 78 -7.12 6.43 1.29
C SER A 78 -6.22 6.74 2.47
N ARG A 79 -5.59 5.69 3.01
CA ARG A 79 -4.69 5.85 4.14
C ARG A 79 -3.26 6.11 3.66
N VAL A 80 -3.04 5.94 2.35
CA VAL A 80 -1.71 6.16 1.78
C VAL A 80 -1.75 7.20 0.67
N THR A 81 -0.58 7.68 0.26
CA THR A 81 -0.48 8.67 -0.80
C THR A 81 0.82 8.52 -1.57
N TYR A 82 0.78 8.87 -2.85
CA TYR A 82 1.96 8.78 -3.71
C TYR A 82 1.82 9.66 -4.94
N ARG A 83 1.06 10.75 -4.80
CA ARG A 83 0.85 11.68 -5.90
C ARG A 83 0.24 10.96 -7.10
N GLY A 84 -1.09 10.96 -7.18
CA GLY A 84 -1.77 10.31 -8.28
C GLY A 84 -1.72 11.12 -9.56
N ILE A 85 -2.16 12.37 -9.47
CA ILE A 85 -2.16 13.26 -10.63
C ILE A 85 -2.59 14.67 -10.24
N SER A 86 -1.84 15.66 -10.71
CA SER A 86 -2.15 17.06 -10.42
C SER A 86 -1.59 17.98 -11.49
N GLY A 87 -0.31 17.78 -11.83
CA GLY A 87 0.31 18.60 -12.85
C GLY A 87 1.78 18.87 -12.54
N PRO A 88 2.71 18.13 -13.19
CA PRO A 88 4.15 18.31 -12.97
C PRO A 88 4.65 19.65 -13.50
N SER A 89 4.20 20.74 -12.87
CA SER A 89 4.61 22.08 -13.27
C SER A 89 5.14 22.86 -12.09
N SER A 90 5.48 24.13 -12.31
CA SER A 90 6.01 24.98 -11.26
C SER A 90 6.23 26.41 -11.78
N GLY A 91 6.91 26.52 -12.91
CA GLY A 91 7.19 27.82 -13.49
C GLY A 91 8.45 28.45 -12.94
N GLY A 1 -15.39 28.51 -15.08
CA GLY A 1 -14.72 28.81 -16.38
C GLY A 1 -14.92 27.72 -17.40
N SER A 2 -13.81 27.19 -17.93
CA SER A 2 -13.86 26.14 -18.92
C SER A 2 -13.52 24.78 -18.31
N SER A 3 -13.89 23.71 -19.00
CA SER A 3 -13.63 22.36 -18.52
C SER A 3 -12.32 21.82 -19.11
N GLY A 4 -11.73 20.86 -18.42
CA GLY A 4 -10.49 20.27 -18.90
C GLY A 4 -9.31 20.60 -17.99
N SER A 5 -9.27 19.97 -16.82
CA SER A 5 -8.19 20.19 -15.87
C SER A 5 -6.92 19.48 -16.30
N SER A 6 -7.09 18.37 -17.01
CA SER A 6 -5.95 17.59 -17.47
C SER A 6 -5.14 17.04 -16.30
N GLY A 7 -5.28 15.74 -16.04
CA GLY A 7 -4.56 15.13 -14.95
C GLY A 7 -5.40 15.02 -13.68
N GLU A 8 -4.76 14.62 -12.59
CA GLU A 8 -5.45 14.48 -11.32
C GLU A 8 -6.57 13.44 -11.40
N GLY A 9 -6.41 12.35 -10.65
CA GLY A 9 -7.41 11.30 -10.67
C GLY A 9 -6.80 9.91 -10.58
N THR A 10 -6.57 9.45 -9.36
CA THR A 10 -5.98 8.13 -9.15
C THR A 10 -6.38 7.56 -7.79
N VAL A 11 -6.67 6.27 -7.76
CA VAL A 11 -7.07 5.61 -6.53
C VAL A 11 -6.24 4.35 -6.29
N LYS A 12 -6.06 3.55 -7.34
CA LYS A 12 -5.28 2.32 -7.24
C LYS A 12 -3.78 2.62 -7.23
N LEU A 13 -2.97 1.58 -7.07
CA LEU A 13 -1.53 1.72 -7.05
C LEU A 13 -0.85 0.62 -7.86
N HIS A 14 0.45 0.75 -8.07
CA HIS A 14 1.21 -0.23 -8.81
C HIS A 14 2.10 -1.06 -7.88
N GLU A 15 2.50 -2.23 -8.35
CA GLU A 15 3.36 -3.11 -7.56
C GLU A 15 4.77 -2.54 -7.43
N GLY A 16 5.31 -2.58 -6.23
CA GLY A 16 6.64 -2.06 -5.99
C GLY A 16 6.71 -0.55 -6.10
N SER A 17 5.66 0.12 -5.62
CA SER A 17 5.60 1.58 -5.66
C SER A 17 5.90 2.17 -4.29
N GLN A 18 6.10 3.48 -4.26
CA GLN A 18 6.39 4.18 -3.00
C GLN A 18 5.18 4.99 -2.54
N VAL A 19 4.76 4.75 -1.30
CA VAL A 19 3.61 5.46 -0.73
C VAL A 19 3.95 6.06 0.62
N LEU A 20 3.43 7.25 0.89
CA LEU A 20 3.67 7.93 2.15
C LEU A 20 2.46 7.84 3.07
N LEU A 21 2.71 7.74 4.36
CA LEU A 21 1.63 7.65 5.34
C LEU A 21 1.14 9.04 5.75
N THR A 22 -0.17 9.19 5.88
CA THR A 22 -0.76 10.46 6.26
C THR A 22 -1.09 10.48 7.76
N SER A 23 -0.28 9.77 8.54
CA SER A 23 -0.48 9.71 9.98
C SER A 23 0.78 10.11 10.72
N SER A 24 1.92 9.55 10.31
CA SER A 24 3.20 9.86 10.94
C SER A 24 4.27 10.17 9.90
N ASN A 25 3.85 10.34 8.64
CA ASN A 25 4.78 10.64 7.57
C ASN A 25 5.90 9.61 7.49
N GLU A 26 5.63 8.50 6.82
CA GLU A 26 6.61 7.44 6.67
C GLU A 26 6.47 6.74 5.32
N MET A 27 7.53 6.76 4.54
CA MET A 27 7.52 6.13 3.21
C MET A 27 7.51 4.61 3.34
N ALA A 28 6.91 3.94 2.35
CA ALA A 28 6.83 2.50 2.35
C ALA A 28 6.88 1.94 0.93
N THR A 29 6.81 0.62 0.82
CA THR A 29 6.85 -0.04 -0.49
C THR A 29 5.66 -0.98 -0.66
N VAL A 30 4.92 -0.78 -1.74
CA VAL A 30 3.75 -1.62 -2.02
C VAL A 30 4.16 -2.97 -2.56
N ARG A 31 3.71 -4.03 -1.91
CA ARG A 31 4.03 -5.39 -2.34
C ARG A 31 2.79 -6.10 -2.86
N TYR A 32 1.64 -5.79 -2.27
CA TYR A 32 0.39 -6.40 -2.69
C TYR A 32 -0.76 -5.39 -2.62
N VAL A 33 -1.66 -5.45 -3.60
CA VAL A 33 -2.80 -4.55 -3.64
C VAL A 33 -4.09 -5.30 -3.93
N GLY A 34 -4.98 -5.34 -2.95
CA GLY A 34 -6.24 -6.03 -3.11
C GLY A 34 -6.95 -6.28 -1.79
N PRO A 35 -8.05 -7.05 -1.80
CA PRO A 35 -8.81 -7.35 -0.58
C PRO A 35 -8.06 -8.29 0.35
N THR A 36 -8.64 -8.55 1.52
CA THR A 36 -8.02 -9.42 2.50
C THR A 36 -8.99 -10.51 2.96
N ASP A 37 -8.50 -11.42 3.80
CA ASP A 37 -9.33 -12.51 4.30
C ASP A 37 -9.78 -12.23 5.73
N PHE A 38 -8.95 -11.52 6.49
CA PHE A 38 -9.27 -11.19 7.87
C PHE A 38 -10.26 -10.03 7.94
N ALA A 39 -10.18 -9.13 6.96
CA ALA A 39 -11.07 -7.98 6.91
C ALA A 39 -11.81 -7.92 5.57
N SER A 40 -12.66 -6.91 5.42
CA SER A 40 -13.42 -6.73 4.19
C SER A 40 -13.21 -5.33 3.62
N GLY A 41 -12.19 -5.18 2.80
CA GLY A 41 -11.91 -3.89 2.20
C GLY A 41 -10.62 -3.89 1.39
N ILE A 42 -10.32 -2.77 0.75
CA ILE A 42 -9.12 -2.65 -0.06
C ILE A 42 -7.90 -2.31 0.79
N TRP A 43 -6.98 -3.26 0.90
CA TRP A 43 -5.77 -3.06 1.70
C TRP A 43 -4.53 -3.08 0.82
N LEU A 44 -3.37 -2.89 1.43
CA LEU A 44 -2.11 -2.88 0.70
C LEU A 44 -0.98 -3.49 1.54
N GLY A 45 -0.32 -4.49 0.97
CA GLY A 45 0.77 -5.16 1.67
C GLY A 45 2.06 -4.37 1.62
N LEU A 46 2.17 -3.35 2.46
CA LEU A 46 3.37 -2.52 2.50
C LEU A 46 4.49 -3.20 3.28
N GLU A 47 5.70 -2.66 3.17
CA GLU A 47 6.86 -3.21 3.86
C GLU A 47 7.88 -2.12 4.16
N LEU A 48 7.98 -1.75 5.43
CA LEU A 48 8.93 -0.72 5.85
C LEU A 48 10.36 -1.25 5.83
N ARG A 49 11.32 -0.33 5.91
CA ARG A 49 12.73 -0.70 5.89
C ARG A 49 13.32 -0.69 7.30
N SER A 50 12.48 -1.03 8.28
CA SER A 50 12.91 -1.06 9.68
C SER A 50 11.78 -1.54 10.58
N ALA A 51 12.10 -1.73 11.85
CA ALA A 51 11.11 -2.19 12.82
C ALA A 51 10.16 -1.06 13.21
N LYS A 52 9.00 -1.04 12.55
CA LYS A 52 7.99 -0.01 12.82
C LYS A 52 6.60 -0.50 12.42
N GLY A 53 6.39 -1.81 12.50
CA GLY A 53 5.09 -2.37 12.14
C GLY A 53 4.54 -3.29 13.21
N LYS A 54 3.36 -3.84 12.96
CA LYS A 54 2.71 -4.74 13.92
C LYS A 54 2.70 -6.17 13.38
N ASN A 55 2.52 -6.31 12.08
CA ASN A 55 2.49 -7.63 11.46
C ASN A 55 3.90 -8.18 11.26
N ASP A 56 3.99 -9.37 10.69
CA ASP A 56 5.28 -10.01 10.46
C ASP A 56 5.37 -10.57 9.04
N GLY A 57 4.67 -9.91 8.11
CA GLY A 57 4.68 -10.35 6.73
C GLY A 57 3.51 -11.25 6.39
N ALA A 58 3.13 -12.10 7.34
CA ALA A 58 2.02 -13.02 7.14
C ALA A 58 0.83 -12.65 8.03
N VAL A 59 -0.36 -12.57 7.43
CA VAL A 59 -1.56 -12.22 8.16
C VAL A 59 -2.52 -13.41 8.23
N GLY A 60 -2.60 -14.04 9.40
CA GLY A 60 -3.47 -15.18 9.58
C GLY A 60 -2.98 -16.40 8.83
N ASP A 61 -3.74 -16.81 7.81
CA ASP A 61 -3.38 -17.98 7.01
C ASP A 61 -2.96 -17.56 5.61
N LYS A 62 -2.49 -16.32 5.47
CA LYS A 62 -2.06 -15.81 4.18
C LYS A 62 -1.16 -14.59 4.36
N ARG A 63 -0.09 -14.54 3.56
CA ARG A 63 0.86 -13.43 3.64
C ARG A 63 0.81 -12.60 2.36
N TYR A 64 1.07 -11.30 2.50
CA TYR A 64 1.07 -10.39 1.35
C TYR A 64 2.46 -9.82 1.09
N PHE A 65 3.38 -10.03 2.03
CA PHE A 65 4.74 -9.53 1.89
C PHE A 65 5.69 -10.24 2.85
N THR A 66 6.98 -10.20 2.54
CA THR A 66 7.99 -10.85 3.38
C THR A 66 8.85 -9.81 4.08
N CYS A 67 9.13 -10.05 5.36
CA CYS A 67 9.95 -9.13 6.15
C CYS A 67 10.18 -9.68 7.55
N LYS A 68 10.94 -8.94 8.35
CA LYS A 68 11.24 -9.35 9.71
C LYS A 68 10.08 -9.02 10.65
N PRO A 69 10.12 -9.53 11.89
CA PRO A 69 9.06 -9.30 12.88
C PRO A 69 8.79 -7.81 13.08
N ASN A 70 7.54 -7.40 12.87
CA ASN A 70 7.14 -6.01 13.02
C ASN A 70 7.92 -5.12 12.06
N TYR A 71 7.68 -5.32 10.76
CA TYR A 71 8.36 -4.54 9.73
C TYR A 71 7.34 -3.88 8.80
N GLY A 72 6.55 -4.71 8.13
CA GLY A 72 5.54 -4.19 7.21
C GLY A 72 4.19 -4.02 7.88
N VAL A 73 3.33 -3.22 7.26
CA VAL A 73 2.00 -2.98 7.79
C VAL A 73 0.94 -3.08 6.69
N LEU A 74 -0.32 -2.88 7.08
CA LEU A 74 -1.42 -2.95 6.12
C LEU A 74 -2.33 -1.73 6.25
N VAL A 75 -2.46 -0.98 5.17
CA VAL A 75 -3.30 0.21 5.16
C VAL A 75 -4.09 0.32 3.85
N ARG A 76 -5.03 1.26 3.81
CA ARG A 76 -5.84 1.47 2.62
C ARG A 76 -5.32 2.63 1.79
N PRO A 77 -5.53 2.60 0.46
CA PRO A 77 -5.08 3.66 -0.44
C PRO A 77 -5.42 5.04 0.12
N SER A 78 -6.69 5.21 0.50
CA SER A 78 -7.15 6.46 1.08
C SER A 78 -6.29 6.81 2.29
N ARG A 79 -5.66 5.79 2.87
CA ARG A 79 -4.79 6.00 4.02
C ARG A 79 -3.35 6.22 3.59
N VAL A 80 -3.07 6.00 2.31
CA VAL A 80 -1.71 6.18 1.79
C VAL A 80 -1.71 7.01 0.51
N THR A 81 -0.94 8.08 0.51
CA THR A 81 -0.83 8.96 -0.65
C THR A 81 0.56 8.90 -1.27
N TYR A 82 0.62 8.94 -2.59
CA TYR A 82 1.89 8.88 -3.30
C TYR A 82 1.91 9.83 -4.49
N ARG A 83 0.84 9.80 -5.28
CA ARG A 83 0.71 10.66 -6.45
C ARG A 83 1.79 10.34 -7.47
N GLY A 84 1.40 10.29 -8.75
CA GLY A 84 2.35 9.99 -9.81
C GLY A 84 2.99 11.24 -10.39
N ILE A 85 2.55 11.62 -11.58
CA ILE A 85 3.07 12.81 -12.24
C ILE A 85 2.86 14.06 -11.40
N SER A 86 3.55 15.14 -11.76
CA SER A 86 3.45 16.40 -11.03
C SER A 86 3.96 16.25 -9.61
N GLY A 87 4.74 17.22 -9.15
CA GLY A 87 5.28 17.17 -7.80
C GLY A 87 6.72 17.65 -7.74
N PRO A 88 7.40 17.45 -6.60
CA PRO A 88 8.79 17.87 -6.43
C PRO A 88 9.75 17.04 -7.26
N SER A 89 10.30 17.65 -8.32
CA SER A 89 11.23 16.96 -9.20
C SER A 89 12.48 17.82 -9.44
N SER A 90 12.26 19.06 -9.86
CA SER A 90 13.37 19.97 -10.13
C SER A 90 13.76 20.73 -8.86
N GLY A 91 12.78 20.97 -7.99
CA GLY A 91 13.05 21.68 -6.75
C GLY A 91 12.39 23.05 -6.72
N GLY A 1 -10.82 22.04 1.49
CA GLY A 1 -9.77 21.71 0.49
C GLY A 1 -10.15 22.16 -0.91
N SER A 2 -9.24 21.96 -1.86
CA SER A 2 -9.48 22.35 -3.24
C SER A 2 -9.72 21.12 -4.11
N SER A 3 -10.69 21.23 -5.02
CA SER A 3 -11.02 20.13 -5.92
C SER A 3 -11.84 20.62 -7.11
N GLY A 4 -12.28 19.69 -7.94
CA GLY A 4 -13.08 20.06 -9.10
C GLY A 4 -12.78 19.18 -10.31
N SER A 5 -12.71 17.87 -10.08
CA SER A 5 -12.43 16.93 -11.16
C SER A 5 -13.71 16.54 -11.89
N SER A 6 -13.60 16.35 -13.20
CA SER A 6 -14.75 15.98 -14.02
C SER A 6 -14.54 14.61 -14.66
N GLY A 7 -14.88 13.57 -13.92
CA GLY A 7 -14.72 12.22 -14.44
C GLY A 7 -14.62 11.19 -13.33
N GLU A 8 -14.09 10.02 -13.66
CA GLU A 8 -13.93 8.94 -12.69
C GLU A 8 -12.80 9.26 -11.71
N GLY A 9 -12.52 8.32 -10.81
CA GLY A 9 -11.47 8.52 -9.83
C GLY A 9 -11.41 7.40 -8.81
N THR A 10 -10.58 6.39 -9.10
CA THR A 10 -10.43 5.26 -8.20
C THR A 10 -9.22 4.42 -8.58
N VAL A 11 -8.17 5.09 -9.05
CA VAL A 11 -6.94 4.41 -9.44
C VAL A 11 -6.27 3.73 -8.25
N LYS A 12 -5.87 2.48 -8.43
CA LYS A 12 -5.21 1.73 -7.37
C LYS A 12 -3.70 1.68 -7.59
N LEU A 13 -2.97 1.27 -6.55
CA LEU A 13 -1.52 1.20 -6.62
C LEU A 13 -1.07 -0.18 -7.11
N HIS A 14 0.02 -0.22 -7.86
CA HIS A 14 0.55 -1.47 -8.39
C HIS A 14 1.75 -1.95 -7.56
N GLU A 15 2.26 -3.12 -7.89
CA GLU A 15 3.40 -3.68 -7.19
C GLU A 15 4.69 -3.03 -7.65
N GLY A 16 5.34 -2.31 -6.74
CA GLY A 16 6.59 -1.64 -7.08
C GLY A 16 6.45 -0.12 -7.07
N SER A 17 5.65 0.39 -6.14
CA SER A 17 5.44 1.82 -6.02
C SER A 17 5.81 2.32 -4.63
N GLN A 18 5.78 3.64 -4.45
CA GLN A 18 6.11 4.24 -3.16
C GLN A 18 4.96 5.09 -2.65
N VAL A 19 4.65 4.95 -1.36
CA VAL A 19 3.57 5.71 -0.75
C VAL A 19 3.97 6.24 0.63
N LEU A 20 3.53 7.43 0.96
CA LEU A 20 3.84 8.05 2.24
C LEU A 20 2.59 8.18 3.10
N LEU A 21 2.66 7.67 4.33
CA LEU A 21 1.53 7.74 5.25
C LEU A 21 1.25 9.18 5.67
N THR A 22 -0.03 9.49 5.86
CA THR A 22 -0.44 10.82 6.26
C THR A 22 -0.69 10.89 7.76
N SER A 23 0.04 10.08 8.52
CA SER A 23 -0.10 10.05 9.97
C SER A 23 1.26 9.88 10.65
N SER A 24 2.04 8.93 10.15
CA SER A 24 3.36 8.66 10.71
C SER A 24 4.45 9.40 9.91
N ASN A 25 4.13 9.75 8.67
CA ASN A 25 5.08 10.45 7.81
C ASN A 25 6.26 9.55 7.46
N GLU A 26 5.97 8.30 7.14
CA GLU A 26 7.00 7.33 6.78
C GLU A 26 6.66 6.64 5.46
N MET A 27 7.56 6.76 4.49
CA MET A 27 7.36 6.14 3.19
C MET A 27 7.42 4.62 3.28
N ALA A 28 6.60 3.95 2.48
CA ALA A 28 6.57 2.49 2.48
C ALA A 28 6.43 1.95 1.06
N THR A 29 7.04 0.80 0.81
CA THR A 29 6.98 0.17 -0.50
C THR A 29 5.79 -0.77 -0.61
N VAL A 30 5.13 -0.75 -1.76
CA VAL A 30 3.97 -1.59 -1.99
C VAL A 30 4.39 -2.98 -2.47
N ARG A 31 3.79 -4.01 -1.88
CA ARG A 31 4.10 -5.39 -2.25
C ARG A 31 2.86 -6.11 -2.76
N TYR A 32 1.75 -5.95 -2.04
CA TYR A 32 0.50 -6.59 -2.43
C TYR A 32 -0.65 -5.58 -2.41
N VAL A 33 -1.60 -5.76 -3.32
CA VAL A 33 -2.75 -4.86 -3.41
C VAL A 33 -4.00 -5.62 -3.84
N GLY A 34 -4.85 -5.96 -2.88
CA GLY A 34 -6.07 -6.69 -3.18
C GLY A 34 -6.87 -7.02 -1.94
N PRO A 35 -7.82 -7.97 -2.04
CA PRO A 35 -8.65 -8.38 -0.90
C PRO A 35 -7.82 -8.77 0.32
N THR A 36 -8.49 -9.25 1.35
CA THR A 36 -7.82 -9.66 2.58
C THR A 36 -8.54 -10.83 3.24
N ASP A 37 -7.93 -11.39 4.28
CA ASP A 37 -8.52 -12.52 4.99
C ASP A 37 -9.02 -12.08 6.37
N PHE A 38 -8.12 -11.51 7.17
CA PHE A 38 -8.47 -11.06 8.50
C PHE A 38 -9.54 -9.97 8.44
N ALA A 39 -9.46 -9.12 7.42
CA ALA A 39 -10.42 -8.05 7.25
C ALA A 39 -11.02 -8.06 5.84
N SER A 40 -11.76 -7.01 5.51
CA SER A 40 -12.39 -6.91 4.20
C SER A 40 -11.95 -5.63 3.48
N GLY A 41 -12.50 -5.41 2.30
CA GLY A 41 -12.16 -4.22 1.53
C GLY A 41 -10.86 -4.40 0.75
N ILE A 42 -10.04 -3.35 0.73
CA ILE A 42 -8.77 -3.39 0.03
C ILE A 42 -7.64 -2.88 0.91
N TRP A 43 -6.52 -3.60 0.90
CA TRP A 43 -5.37 -3.22 1.69
C TRP A 43 -4.10 -3.26 0.86
N LEU A 44 -3.02 -2.68 1.40
CA LEU A 44 -1.74 -2.65 0.69
C LEU A 44 -0.64 -3.27 1.55
N GLY A 45 -0.06 -4.36 1.05
CA GLY A 45 1.00 -5.03 1.79
C GLY A 45 2.29 -4.23 1.79
N LEU A 46 2.35 -3.20 2.64
CA LEU A 46 3.54 -2.36 2.73
C LEU A 46 4.70 -3.13 3.36
N GLU A 47 5.91 -2.64 3.15
CA GLU A 47 7.11 -3.28 3.69
C GLU A 47 8.15 -2.23 4.06
N LEU A 48 8.28 -1.96 5.36
CA LEU A 48 9.26 -0.98 5.84
C LEU A 48 10.64 -1.59 5.92
N ARG A 49 11.66 -0.74 6.03
CA ARG A 49 13.05 -1.19 6.12
C ARG A 49 13.53 -1.14 7.56
N SER A 50 12.62 -1.35 8.50
CA SER A 50 12.97 -1.33 9.92
C SER A 50 11.80 -1.82 10.77
N ALA A 51 12.11 -2.34 11.95
CA ALA A 51 11.10 -2.84 12.86
C ALA A 51 10.19 -1.72 13.35
N LYS A 52 9.16 -1.42 12.57
CA LYS A 52 8.22 -0.36 12.92
C LYS A 52 6.81 -0.71 12.44
N GLY A 53 6.50 -1.99 12.42
CA GLY A 53 5.18 -2.43 11.98
C GLY A 53 4.45 -3.25 13.04
N LYS A 54 3.73 -4.28 12.60
CA LYS A 54 3.00 -5.14 13.51
C LYS A 54 2.85 -6.54 12.94
N ASN A 55 2.45 -6.61 11.67
CA ASN A 55 2.27 -7.90 11.00
C ASN A 55 3.61 -8.57 10.76
N ASP A 56 3.61 -9.91 10.78
CA ASP A 56 4.84 -10.68 10.56
C ASP A 56 4.91 -11.18 9.12
N GLY A 57 4.26 -10.46 8.21
CA GLY A 57 4.26 -10.85 6.82
C GLY A 57 3.07 -11.72 6.45
N ALA A 58 2.73 -12.65 7.33
CA ALA A 58 1.60 -13.55 7.09
C ALA A 58 0.49 -13.31 8.10
N VAL A 59 -0.64 -12.79 7.62
CA VAL A 59 -1.78 -12.51 8.49
C VAL A 59 -2.80 -13.63 8.42
N GLY A 60 -2.88 -14.43 9.47
CA GLY A 60 -3.82 -15.54 9.52
C GLY A 60 -3.34 -16.74 8.74
N ASP A 61 -4.09 -17.12 7.71
CA ASP A 61 -3.73 -18.27 6.88
C ASP A 61 -3.25 -17.81 5.51
N LYS A 62 -2.66 -16.62 5.46
CA LYS A 62 -2.15 -16.07 4.20
C LYS A 62 -1.11 -14.98 4.48
N ARG A 63 -0.58 -14.41 3.41
CA ARG A 63 0.43 -13.35 3.53
C ARG A 63 0.28 -12.32 2.40
N TYR A 64 0.73 -11.10 2.66
CA TYR A 64 0.65 -10.03 1.67
C TYR A 64 2.02 -9.41 1.41
N PHE A 65 3.06 -9.93 2.06
CA PHE A 65 4.40 -9.42 1.89
C PHE A 65 5.41 -10.24 2.69
N THR A 66 6.69 -10.14 2.32
CA THR A 66 7.74 -10.88 3.00
C THR A 66 8.71 -9.92 3.69
N CYS A 67 8.88 -10.09 5.00
CA CYS A 67 9.76 -9.25 5.78
C CYS A 67 10.01 -9.83 7.17
N LYS A 68 10.75 -9.11 7.99
CA LYS A 68 11.06 -9.55 9.35
C LYS A 68 9.90 -9.23 10.29
N PRO A 69 9.92 -9.77 11.52
CA PRO A 69 8.87 -9.54 12.51
C PRO A 69 8.60 -8.06 12.73
N ASN A 70 7.35 -7.65 12.47
CA ASN A 70 6.96 -6.26 12.65
C ASN A 70 7.75 -5.35 11.71
N TYR A 71 7.66 -5.62 10.41
CA TYR A 71 8.36 -4.82 9.41
C TYR A 71 7.38 -4.17 8.45
N GLY A 72 6.45 -4.97 7.93
CA GLY A 72 5.46 -4.45 7.00
C GLY A 72 4.18 -4.02 7.69
N VAL A 73 3.28 -3.41 6.94
CA VAL A 73 2.01 -2.95 7.49
C VAL A 73 0.93 -2.91 6.41
N LEU A 74 -0.33 -2.94 6.84
CA LEU A 74 -1.45 -2.90 5.91
C LEU A 74 -2.27 -1.63 6.09
N VAL A 75 -2.44 -0.89 5.00
CA VAL A 75 -3.21 0.35 5.05
C VAL A 75 -4.16 0.45 3.86
N ARG A 76 -4.92 1.55 3.81
CA ARG A 76 -5.88 1.76 2.72
C ARG A 76 -5.43 2.91 1.83
N PRO A 77 -5.72 2.81 0.51
CA PRO A 77 -5.35 3.85 -0.45
C PRO A 77 -5.69 5.24 0.07
N SER A 78 -6.96 5.41 0.41
CA SER A 78 -7.43 6.68 0.95
C SER A 78 -6.62 7.06 2.18
N ARG A 79 -6.02 6.04 2.81
CA ARG A 79 -5.20 6.28 3.99
C ARG A 79 -3.75 6.49 3.60
N VAL A 80 -3.42 6.26 2.33
CA VAL A 80 -2.05 6.45 1.85
C VAL A 80 -2.01 7.44 0.70
N THR A 81 -0.81 7.89 0.35
CA THR A 81 -0.62 8.85 -0.73
C THR A 81 0.74 8.68 -1.38
N TYR A 82 0.85 9.11 -2.64
CA TYR A 82 2.11 9.02 -3.37
C TYR A 82 2.20 10.10 -4.44
N ARG A 83 3.42 10.54 -4.72
CA ARG A 83 3.64 11.58 -5.72
C ARG A 83 4.19 10.99 -7.01
N GLY A 84 5.40 10.44 -6.95
CA GLY A 84 6.01 9.85 -8.12
C GLY A 84 7.16 10.69 -8.67
N ILE A 85 6.82 11.65 -9.53
CA ILE A 85 7.83 12.52 -10.11
C ILE A 85 8.34 13.53 -9.10
N SER A 86 9.66 13.52 -8.87
CA SER A 86 10.27 14.43 -7.92
C SER A 86 9.72 14.21 -6.51
N GLY A 87 10.39 14.78 -5.52
CA GLY A 87 9.94 14.65 -4.14
C GLY A 87 11.02 14.09 -3.24
N PRO A 88 11.62 12.95 -3.61
CA PRO A 88 12.68 12.32 -2.81
C PRO A 88 13.79 13.30 -2.44
N SER A 89 14.11 13.37 -1.15
CA SER A 89 15.16 14.27 -0.68
C SER A 89 15.86 13.68 0.55
N SER A 90 17.19 13.65 0.50
CA SER A 90 17.98 13.12 1.60
C SER A 90 17.65 11.65 1.84
N GLY A 91 18.37 10.76 1.17
CA GLY A 91 18.14 9.34 1.34
C GLY A 91 19.03 8.49 0.45
N GLY A 1 -3.11 0.26 -26.22
CA GLY A 1 -3.05 -1.05 -26.92
C GLY A 1 -2.16 -2.04 -26.20
N SER A 2 -1.63 -3.00 -26.95
CA SER A 2 -0.75 -4.02 -26.38
C SER A 2 0.32 -4.43 -27.38
N SER A 3 1.53 -4.68 -26.86
CA SER A 3 2.65 -5.08 -27.72
C SER A 3 3.37 -6.29 -27.13
N GLY A 4 3.89 -6.13 -25.92
CA GLY A 4 4.60 -7.22 -25.27
C GLY A 4 4.54 -7.13 -23.76
N SER A 5 3.51 -7.75 -23.18
CA SER A 5 3.33 -7.73 -21.73
C SER A 5 3.18 -6.31 -21.21
N SER A 6 2.69 -6.18 -19.99
CA SER A 6 2.50 -4.87 -19.37
C SER A 6 1.53 -4.02 -20.19
N GLY A 7 1.27 -2.80 -19.73
CA GLY A 7 0.37 -1.91 -20.43
C GLY A 7 -0.14 -0.79 -19.56
N GLU A 8 -0.65 0.26 -20.18
CA GLU A 8 -1.18 1.41 -19.44
C GLU A 8 -2.63 1.19 -19.04
N GLY A 9 -3.19 2.12 -18.29
CA GLY A 9 -4.57 2.01 -17.85
C GLY A 9 -4.69 1.66 -16.38
N THR A 10 -3.95 2.38 -15.55
CA THR A 10 -3.96 2.14 -14.11
C THR A 10 -4.61 3.31 -13.38
N VAL A 11 -5.57 3.01 -12.52
CA VAL A 11 -6.27 4.03 -11.74
C VAL A 11 -5.88 3.97 -10.27
N LYS A 12 -5.60 2.77 -9.79
CA LYS A 12 -5.22 2.57 -8.40
C LYS A 12 -3.70 2.45 -8.26
N LEU A 13 -3.25 2.05 -7.07
CA LEU A 13 -1.83 1.89 -6.80
C LEU A 13 -1.30 0.61 -7.45
N HIS A 14 -0.07 0.67 -7.94
CA HIS A 14 0.56 -0.48 -8.58
C HIS A 14 1.70 -1.03 -7.72
N GLU A 15 1.88 -2.34 -7.77
CA GLU A 15 2.94 -2.99 -6.99
C GLU A 15 4.31 -2.48 -7.40
N GLY A 16 5.17 -2.26 -6.41
CA GLY A 16 6.51 -1.77 -6.68
C GLY A 16 6.58 -0.26 -6.73
N SER A 17 5.69 0.39 -5.97
CA SER A 17 5.65 1.84 -5.93
C SER A 17 6.01 2.36 -4.53
N GLN A 18 6.01 3.67 -4.38
CA GLN A 18 6.34 4.29 -3.10
C GLN A 18 5.17 5.12 -2.57
N VAL A 19 4.69 4.78 -1.38
CA VAL A 19 3.57 5.49 -0.78
C VAL A 19 3.98 6.13 0.55
N LEU A 20 3.28 7.19 0.92
CA LEU A 20 3.58 7.90 2.17
C LEU A 20 2.38 7.84 3.12
N LEU A 21 2.64 7.45 4.37
CA LEU A 21 1.59 7.35 5.37
C LEU A 21 1.13 8.74 5.81
N THR A 22 -0.16 8.86 6.09
CA THR A 22 -0.73 10.13 6.53
C THR A 22 -0.89 10.15 8.05
N SER A 23 -0.01 9.46 8.75
CA SER A 23 -0.05 9.40 10.20
C SER A 23 1.35 9.20 10.78
N SER A 24 2.08 8.24 10.22
CA SER A 24 3.44 7.95 10.68
C SER A 24 4.46 8.83 9.97
N ASN A 25 4.08 9.38 8.82
CA ASN A 25 4.97 10.24 8.04
C ASN A 25 6.20 9.48 7.58
N GLU A 26 5.97 8.27 7.07
CA GLU A 26 7.07 7.43 6.59
C GLU A 26 6.69 6.76 5.28
N MET A 27 7.64 6.73 4.34
CA MET A 27 7.40 6.10 3.03
C MET A 27 7.47 4.58 3.14
N ALA A 28 6.53 3.92 2.48
CA ALA A 28 6.47 2.46 2.50
C ALA A 28 6.38 1.89 1.08
N THR A 29 6.99 0.74 0.86
CA THR A 29 6.97 0.11 -0.45
C THR A 29 5.77 -0.82 -0.59
N VAL A 30 5.06 -0.69 -1.69
CA VAL A 30 3.88 -1.52 -1.94
C VAL A 30 4.28 -2.89 -2.49
N ARG A 31 3.75 -3.94 -1.87
CA ARG A 31 4.05 -5.30 -2.31
C ARG A 31 2.79 -6.01 -2.79
N TYR A 32 1.68 -5.77 -2.11
CA TYR A 32 0.41 -6.38 -2.48
C TYR A 32 -0.69 -5.33 -2.57
N VAL A 33 -1.68 -5.58 -3.43
CA VAL A 33 -2.79 -4.67 -3.61
C VAL A 33 -4.05 -5.41 -4.02
N GLY A 34 -4.98 -5.56 -3.08
CA GLY A 34 -6.23 -6.26 -3.36
C GLY A 34 -6.97 -6.66 -2.10
N PRO A 35 -8.12 -7.33 -2.23
CA PRO A 35 -8.92 -7.77 -1.09
C PRO A 35 -8.09 -8.57 -0.08
N THR A 36 -8.55 -8.58 1.17
CA THR A 36 -7.86 -9.31 2.23
C THR A 36 -8.78 -10.35 2.87
N ASP A 37 -8.26 -11.05 3.86
CA ASP A 37 -9.03 -12.08 4.56
C ASP A 37 -9.35 -11.63 5.98
N PHE A 38 -8.36 -11.10 6.67
CA PHE A 38 -8.53 -10.64 8.05
C PHE A 38 -9.52 -9.48 8.10
N ALA A 39 -9.45 -8.60 7.11
CA ALA A 39 -10.34 -7.44 7.05
C ALA A 39 -11.14 -7.43 5.76
N SER A 40 -12.12 -6.54 5.68
CA SER A 40 -12.97 -6.42 4.50
C SER A 40 -12.72 -5.11 3.77
N GLY A 41 -12.14 -5.20 2.58
CA GLY A 41 -11.85 -4.02 1.80
C GLY A 41 -10.59 -4.15 0.95
N ILE A 42 -10.07 -3.03 0.49
CA ILE A 42 -8.86 -3.03 -0.32
C ILE A 42 -7.67 -2.50 0.45
N TRP A 43 -6.76 -3.39 0.84
CA TRP A 43 -5.57 -3.01 1.58
C TRP A 43 -4.32 -3.17 0.74
N LEU A 44 -3.18 -2.72 1.27
CA LEU A 44 -1.92 -2.82 0.55
C LEU A 44 -0.83 -3.38 1.46
N GLY A 45 -0.23 -4.49 1.04
CA GLY A 45 0.82 -5.11 1.83
C GLY A 45 2.12 -4.34 1.75
N LEU A 46 2.21 -3.25 2.52
CA LEU A 46 3.40 -2.43 2.53
C LEU A 46 4.54 -3.12 3.28
N GLU A 47 5.73 -2.54 3.22
CA GLU A 47 6.90 -3.09 3.89
C GLU A 47 7.90 -2.00 4.24
N LEU A 48 8.37 -2.04 5.49
CA LEU A 48 9.33 -1.04 5.96
C LEU A 48 10.74 -1.64 6.05
N ARG A 49 11.72 -0.79 6.32
CA ARG A 49 13.10 -1.23 6.42
C ARG A 49 13.58 -1.18 7.88
N SER A 50 12.66 -1.39 8.80
CA SER A 50 12.98 -1.36 10.23
C SER A 50 11.82 -1.91 11.06
N ALA A 51 12.07 -2.12 12.35
CA ALA A 51 11.05 -2.63 13.25
C ALA A 51 10.11 -1.52 13.70
N LYS A 52 9.03 -1.32 12.96
CA LYS A 52 8.05 -0.29 13.28
C LYS A 52 6.67 -0.65 12.72
N GLY A 53 6.35 -1.93 12.73
CA GLY A 53 5.07 -2.38 12.22
C GLY A 53 4.33 -3.27 13.20
N LYS A 54 3.34 -4.00 12.70
CA LYS A 54 2.56 -4.90 13.53
C LYS A 54 2.60 -6.33 12.99
N ASN A 55 2.31 -6.48 11.71
CA ASN A 55 2.33 -7.79 11.07
C ASN A 55 3.75 -8.24 10.76
N ASP A 56 3.98 -9.55 10.83
CA ASP A 56 5.30 -10.10 10.56
C ASP A 56 5.39 -10.63 9.13
N GLY A 57 4.65 -10.00 8.23
CA GLY A 57 4.66 -10.42 6.83
C GLY A 57 3.45 -11.26 6.48
N ALA A 58 2.91 -11.97 7.46
CA ALA A 58 1.74 -12.81 7.25
C ALA A 58 0.64 -12.51 8.26
N VAL A 59 -0.60 -12.46 7.79
CA VAL A 59 -1.74 -12.17 8.66
C VAL A 59 -2.76 -13.30 8.59
N GLY A 60 -2.74 -14.17 9.59
CA GLY A 60 -3.68 -15.28 9.62
C GLY A 60 -3.23 -16.44 8.76
N ASP A 61 -4.02 -16.76 7.74
CA ASP A 61 -3.70 -17.86 6.84
C ASP A 61 -3.29 -17.33 5.46
N LYS A 62 -2.70 -16.14 5.43
CA LYS A 62 -2.26 -15.53 4.18
C LYS A 62 -1.22 -14.45 4.45
N ARG A 63 -0.42 -14.15 3.43
CA ARG A 63 0.62 -13.13 3.54
C ARG A 63 0.55 -12.14 2.38
N TYR A 64 0.95 -10.90 2.65
CA TYR A 64 0.93 -9.86 1.63
C TYR A 64 2.33 -9.32 1.36
N PHE A 65 3.30 -9.78 2.14
CA PHE A 65 4.68 -9.33 1.96
C PHE A 65 5.63 -10.15 2.83
N THR A 66 6.93 -10.08 2.51
CA THR A 66 7.94 -10.81 3.27
C THR A 66 8.88 -9.86 3.98
N CYS A 67 9.07 -10.09 5.28
CA CYS A 67 9.95 -9.24 6.08
C CYS A 67 10.12 -9.81 7.49
N LYS A 68 10.88 -9.11 8.32
CA LYS A 68 11.12 -9.54 9.69
C LYS A 68 9.91 -9.23 10.58
N PRO A 69 9.87 -9.80 11.79
CA PRO A 69 8.77 -9.57 12.73
C PRO A 69 8.52 -8.09 12.99
N ASN A 70 7.30 -7.63 12.72
CA ASN A 70 6.95 -6.24 12.93
C ASN A 70 7.78 -5.32 12.05
N TYR A 71 7.64 -5.48 10.73
CA TYR A 71 8.39 -4.66 9.78
C TYR A 71 7.44 -4.00 8.78
N GLY A 72 6.59 -4.80 8.16
CA GLY A 72 5.65 -4.26 7.20
C GLY A 72 4.32 -3.88 7.83
N VAL A 73 3.42 -3.35 7.03
CA VAL A 73 2.11 -2.93 7.52
C VAL A 73 1.05 -3.03 6.43
N LEU A 74 -0.21 -2.97 6.83
CA LEU A 74 -1.32 -3.06 5.87
C LEU A 74 -2.29 -1.89 6.06
N VAL A 75 -2.45 -1.10 5.00
CA VAL A 75 -3.35 0.05 5.04
C VAL A 75 -4.17 0.16 3.76
N ARG A 76 -5.02 1.17 3.70
CA ARG A 76 -5.87 1.39 2.53
C ARG A 76 -5.42 2.62 1.75
N PRO A 77 -5.74 2.67 0.44
CA PRO A 77 -5.37 3.80 -0.41
C PRO A 77 -5.65 5.14 0.27
N SER A 78 -6.87 5.28 0.77
CA SER A 78 -7.26 6.49 1.48
C SER A 78 -6.29 6.75 2.62
N ARG A 79 -5.63 5.69 3.07
CA ARG A 79 -4.66 5.80 4.17
C ARG A 79 -3.25 5.99 3.62
N VAL A 80 -3.08 5.82 2.31
CA VAL A 80 -1.76 5.98 1.70
C VAL A 80 -1.84 6.82 0.42
N THR A 81 -1.03 7.88 0.39
CA THR A 81 -1.01 8.77 -0.76
C THR A 81 0.42 8.99 -1.24
N TYR A 82 0.65 8.79 -2.54
CA TYR A 82 1.98 8.97 -3.11
C TYR A 82 2.01 10.16 -4.07
N ARG A 83 0.98 10.99 -4.02
CA ARG A 83 0.90 12.16 -4.89
C ARG A 83 1.08 11.77 -6.36
N GLY A 84 1.07 12.76 -7.24
CA GLY A 84 1.23 12.50 -8.66
C GLY A 84 0.07 13.01 -9.48
N ILE A 85 0.31 13.30 -10.75
CA ILE A 85 -0.72 13.80 -11.65
C ILE A 85 -1.25 15.15 -11.17
N SER A 86 -1.15 16.15 -12.03
CA SER A 86 -1.63 17.49 -11.71
C SER A 86 -0.88 18.05 -10.50
N GLY A 87 -1.19 19.29 -10.15
CA GLY A 87 -0.54 19.92 -9.02
C GLY A 87 -1.26 19.65 -7.71
N PRO A 88 -0.86 20.30 -6.61
CA PRO A 88 -1.47 20.11 -5.29
C PRO A 88 -2.99 20.27 -5.35
N SER A 89 -3.70 19.15 -5.45
CA SER A 89 -5.16 19.17 -5.51
C SER A 89 -5.76 18.60 -4.22
N SER A 90 -5.06 17.63 -3.63
CA SER A 90 -5.52 17.00 -2.40
C SER A 90 -4.41 16.98 -1.35
N GLY A 91 -4.74 16.48 -0.17
CA GLY A 91 -3.76 16.41 0.91
C GLY A 91 -4.38 16.01 2.23
N GLY A 1 -20.30 -5.40 -15.28
CA GLY A 1 -19.26 -4.35 -15.10
C GLY A 1 -19.25 -3.76 -13.71
N SER A 2 -19.17 -4.63 -12.70
CA SER A 2 -19.15 -4.18 -11.31
C SER A 2 -17.72 -4.13 -10.78
N SER A 3 -16.90 -5.07 -11.22
CA SER A 3 -15.50 -5.13 -10.79
C SER A 3 -14.61 -5.67 -11.90
N GLY A 4 -13.71 -4.82 -12.39
CA GLY A 4 -12.80 -5.24 -13.45
C GLY A 4 -13.17 -4.62 -14.79
N SER A 5 -13.99 -5.35 -15.56
CA SER A 5 -14.41 -4.87 -16.87
C SER A 5 -15.42 -3.73 -16.74
N SER A 6 -15.23 -2.68 -17.54
CA SER A 6 -16.12 -1.53 -17.51
C SER A 6 -16.11 -0.87 -16.12
N GLY A 7 -16.54 0.39 -16.07
CA GLY A 7 -16.59 1.10 -14.81
C GLY A 7 -15.22 1.21 -14.16
N GLU A 8 -15.18 1.73 -12.94
CA GLU A 8 -13.93 1.90 -12.21
C GLU A 8 -12.99 2.83 -12.96
N GLY A 9 -11.99 3.35 -12.25
CA GLY A 9 -11.03 4.24 -12.87
C GLY A 9 -9.78 4.42 -12.03
N THR A 10 -9.75 5.50 -11.26
CA THR A 10 -8.61 5.80 -10.40
C THR A 10 -7.28 5.61 -11.14
N VAL A 11 -6.18 5.60 -10.39
CA VAL A 11 -4.86 5.42 -10.98
C VAL A 11 -4.35 4.00 -10.80
N LYS A 12 -4.91 3.30 -9.82
CA LYS A 12 -4.51 1.91 -9.55
C LYS A 12 -3.05 1.85 -9.10
N LEU A 13 -2.77 0.95 -8.16
CA LEU A 13 -1.40 0.79 -7.65
C LEU A 13 -0.69 -0.36 -8.35
N HIS A 14 0.63 -0.39 -8.23
CA HIS A 14 1.43 -1.44 -8.84
C HIS A 14 2.43 -2.01 -7.85
N GLU A 15 2.88 -3.24 -8.11
CA GLU A 15 3.84 -3.91 -7.24
C GLU A 15 5.19 -3.20 -7.28
N GLY A 16 5.53 -2.52 -6.18
CA GLY A 16 6.79 -1.80 -6.12
C GLY A 16 6.61 -0.30 -6.23
N SER A 17 5.47 0.19 -5.78
CA SER A 17 5.19 1.62 -5.83
C SER A 17 5.65 2.33 -4.56
N GLN A 18 5.74 3.65 -4.62
CA GLN A 18 6.17 4.44 -3.47
C GLN A 18 5.03 5.30 -2.95
N VAL A 19 4.51 4.93 -1.79
CA VAL A 19 3.40 5.67 -1.17
C VAL A 19 3.81 6.22 0.20
N LEU A 20 2.99 7.11 0.73
CA LEU A 20 3.26 7.71 2.03
C LEU A 20 2.02 7.69 2.92
N LEU A 21 2.21 7.33 4.18
CA LEU A 21 1.11 7.26 5.13
C LEU A 21 0.62 8.66 5.51
N THR A 22 -0.65 8.76 5.87
CA THR A 22 -1.25 10.04 6.25
C THR A 22 -1.48 10.11 7.76
N SER A 23 -0.60 9.45 8.51
CA SER A 23 -0.70 9.44 9.96
C SER A 23 0.67 9.49 10.62
N SER A 24 1.58 8.64 10.13
CA SER A 24 2.94 8.58 10.65
C SER A 24 3.89 9.45 9.83
N ASN A 25 3.48 9.78 8.61
CA ASN A 25 4.29 10.60 7.72
C ASN A 25 5.55 9.86 7.30
N GLU A 26 5.42 8.56 7.07
CA GLU A 26 6.54 7.73 6.66
C GLU A 26 6.23 6.97 5.37
N MET A 27 7.17 6.99 4.44
CA MET A 27 6.99 6.31 3.16
C MET A 27 7.21 4.80 3.31
N ALA A 28 6.66 4.04 2.37
CA ALA A 28 6.79 2.59 2.40
C ALA A 28 6.61 2.00 1.00
N THR A 29 7.28 0.88 0.75
CA THR A 29 7.20 0.21 -0.55
C THR A 29 6.01 -0.74 -0.59
N VAL A 30 5.35 -0.81 -1.74
CA VAL A 30 4.21 -1.69 -1.91
C VAL A 30 4.64 -3.09 -2.31
N ARG A 31 4.05 -4.10 -1.66
CA ARG A 31 4.37 -5.49 -1.95
C ARG A 31 3.16 -6.23 -2.49
N TYR A 32 2.00 -5.95 -1.92
CA TYR A 32 0.75 -6.59 -2.34
C TYR A 32 -0.40 -5.58 -2.39
N VAL A 33 -1.39 -5.86 -3.24
CA VAL A 33 -2.54 -4.98 -3.38
C VAL A 33 -3.80 -5.77 -3.70
N GLY A 34 -4.85 -5.55 -2.91
CA GLY A 34 -6.09 -6.25 -3.13
C GLY A 34 -6.78 -6.64 -1.83
N PRO A 35 -7.96 -7.27 -1.90
CA PRO A 35 -8.70 -7.70 -0.71
C PRO A 35 -7.84 -8.53 0.24
N THR A 36 -8.37 -8.78 1.43
CA THR A 36 -7.65 -9.56 2.43
C THR A 36 -8.46 -10.80 2.85
N ASP A 37 -7.97 -11.50 3.86
CA ASP A 37 -8.65 -12.70 4.35
C ASP A 37 -9.37 -12.42 5.66
N PHE A 38 -8.83 -11.49 6.45
CA PHE A 38 -9.41 -11.13 7.73
C PHE A 38 -10.40 -9.97 7.56
N ALA A 39 -10.11 -9.10 6.61
CA ALA A 39 -10.97 -7.95 6.35
C ALA A 39 -11.77 -8.14 5.07
N SER A 40 -12.61 -7.15 4.76
CA SER A 40 -13.43 -7.21 3.55
C SER A 40 -13.38 -5.89 2.80
N GLY A 41 -12.18 -5.49 2.38
CA GLY A 41 -12.01 -4.24 1.65
C GLY A 41 -10.79 -4.26 0.76
N ILE A 42 -9.96 -3.22 0.88
CA ILE A 42 -8.76 -3.13 0.06
C ILE A 42 -7.59 -2.57 0.87
N TRP A 43 -6.56 -3.38 1.05
CA TRP A 43 -5.38 -2.96 1.82
C TRP A 43 -4.11 -3.10 0.97
N LEU A 44 -3.01 -2.56 1.48
CA LEU A 44 -1.74 -2.62 0.78
C LEU A 44 -0.65 -3.22 1.67
N GLY A 45 0.01 -4.24 1.16
CA GLY A 45 1.07 -4.88 1.93
C GLY A 45 2.38 -4.13 1.86
N LEU A 46 2.54 -3.14 2.75
CA LEU A 46 3.75 -2.34 2.80
C LEU A 46 4.87 -3.09 3.51
N GLU A 47 6.10 -2.61 3.34
CA GLU A 47 7.26 -3.23 3.97
C GLU A 47 8.33 -2.19 4.28
N LEU A 48 8.53 -1.93 5.56
CA LEU A 48 9.53 -0.95 6.00
C LEU A 48 10.92 -1.56 5.99
N ARG A 49 11.91 -0.77 6.36
CA ARG A 49 13.30 -1.23 6.40
C ARG A 49 13.70 -1.65 7.81
N SER A 50 13.14 -0.96 8.81
CA SER A 50 13.44 -1.27 10.21
C SER A 50 12.19 -1.76 10.93
N ALA A 51 12.34 -2.11 12.20
CA ALA A 51 11.23 -2.59 13.00
C ALA A 51 10.36 -1.43 13.48
N LYS A 52 9.36 -1.07 12.67
CA LYS A 52 8.46 0.01 13.01
C LYS A 52 7.05 -0.25 12.46
N GLY A 53 6.55 -1.45 12.71
CA GLY A 53 5.23 -1.81 12.24
C GLY A 53 4.44 -2.60 13.27
N LYS A 54 3.41 -3.29 12.81
CA LYS A 54 2.57 -4.09 13.70
C LYS A 54 2.08 -5.35 13.00
N ASN A 55 2.91 -5.87 12.09
CA ASN A 55 2.57 -7.08 11.35
C ASN A 55 3.74 -8.06 11.34
N ASP A 56 3.53 -9.22 10.72
CA ASP A 56 4.57 -10.24 10.63
C ASP A 56 4.66 -10.81 9.23
N GLY A 57 4.36 -9.97 8.23
CA GLY A 57 4.42 -10.40 6.85
C GLY A 57 3.10 -10.95 6.36
N ALA A 58 2.52 -11.88 7.11
CA ALA A 58 1.24 -12.48 6.74
C ALA A 58 0.28 -12.47 7.91
N VAL A 59 -1.00 -12.70 7.62
CA VAL A 59 -2.03 -12.71 8.65
C VAL A 59 -3.19 -13.62 8.25
N GLY A 60 -3.49 -14.60 9.10
CA GLY A 60 -4.58 -15.52 8.81
C GLY A 60 -4.13 -16.70 7.98
N ASP A 61 -4.93 -17.02 6.96
CA ASP A 61 -4.61 -18.14 6.08
C ASP A 61 -4.17 -17.64 4.70
N LYS A 62 -3.57 -16.46 4.67
CA LYS A 62 -3.10 -15.87 3.42
C LYS A 62 -1.80 -15.11 3.63
N ARG A 63 -1.18 -14.69 2.53
CA ARG A 63 0.08 -13.94 2.60
C ARG A 63 -0.05 -12.61 1.87
N TYR A 64 0.72 -11.63 2.33
CA TYR A 64 0.70 -10.30 1.72
C TYR A 64 2.12 -9.81 1.42
N PHE A 65 3.00 -9.94 2.39
CA PHE A 65 4.39 -9.51 2.23
C PHE A 65 5.32 -10.32 3.13
N THR A 66 6.61 -10.23 2.87
CA THR A 66 7.61 -10.95 3.66
C THR A 66 8.58 -9.98 4.33
N CYS A 67 8.59 -9.98 5.66
CA CYS A 67 9.48 -9.10 6.41
C CYS A 67 9.75 -9.66 7.81
N LYS A 68 10.49 -8.91 8.61
CA LYS A 68 10.83 -9.33 9.97
C LYS A 68 9.67 -9.02 10.92
N PRO A 69 9.67 -9.65 12.11
CA PRO A 69 8.62 -9.43 13.11
C PRO A 69 8.40 -7.95 13.42
N ASN A 70 7.21 -7.46 13.13
CA ASN A 70 6.86 -6.06 13.37
C ASN A 70 7.74 -5.14 12.54
N TYR A 71 7.63 -5.27 11.22
CA TYR A 71 8.41 -4.45 10.30
C TYR A 71 7.51 -3.79 9.26
N GLY A 72 6.64 -4.59 8.67
CA GLY A 72 5.72 -4.07 7.66
C GLY A 72 4.45 -3.52 8.26
N VAL A 73 3.60 -2.94 7.42
CA VAL A 73 2.34 -2.37 7.87
C VAL A 73 1.26 -2.47 6.79
N LEU A 74 0.01 -2.65 7.22
CA LEU A 74 -1.10 -2.76 6.29
C LEU A 74 -2.03 -1.56 6.41
N VAL A 75 -2.09 -0.75 5.35
CA VAL A 75 -2.94 0.43 5.34
C VAL A 75 -3.83 0.46 4.11
N ARG A 76 -4.81 1.36 4.11
CA ARG A 76 -5.73 1.48 2.99
C ARG A 76 -5.32 2.62 2.06
N PRO A 77 -5.70 2.53 0.77
CA PRO A 77 -5.36 3.56 -0.21
C PRO A 77 -5.62 4.95 0.33
N SER A 78 -6.84 5.17 0.83
CA SER A 78 -7.22 6.44 1.40
C SER A 78 -6.25 6.80 2.53
N ARG A 79 -5.61 5.79 3.09
CA ARG A 79 -4.65 6.00 4.16
C ARG A 79 -3.25 6.25 3.59
N VAL A 80 -3.09 6.01 2.29
CA VAL A 80 -1.80 6.22 1.64
C VAL A 80 -1.92 7.20 0.47
N THR A 81 -0.78 7.63 -0.05
CA THR A 81 -0.76 8.56 -1.18
C THR A 81 0.57 8.50 -1.92
N TYR A 82 0.57 9.00 -3.15
CA TYR A 82 1.78 8.99 -3.97
C TYR A 82 1.60 9.89 -5.20
N ARG A 83 2.60 9.87 -6.08
CA ARG A 83 2.56 10.69 -7.29
C ARG A 83 2.35 9.81 -8.53
N GLY A 84 3.27 8.87 -8.73
CA GLY A 84 3.17 7.98 -9.88
C GLY A 84 4.38 8.06 -10.78
N ILE A 85 4.69 9.27 -11.23
CA ILE A 85 5.83 9.49 -12.11
C ILE A 85 5.67 8.70 -13.41
N SER A 86 4.98 9.30 -14.38
CA SER A 86 4.77 8.66 -15.67
C SER A 86 6.07 8.54 -16.46
N GLY A 87 6.97 9.51 -16.24
CA GLY A 87 8.24 9.49 -16.93
C GLY A 87 8.84 10.87 -17.08
N PRO A 88 8.28 11.72 -17.94
CA PRO A 88 8.78 13.09 -18.15
C PRO A 88 8.91 13.86 -16.85
N SER A 89 9.46 15.07 -16.94
CA SER A 89 9.65 15.92 -15.77
C SER A 89 9.23 17.36 -16.06
N SER A 90 9.39 18.23 -15.06
CA SER A 90 9.02 19.63 -15.20
C SER A 90 10.04 20.36 -16.08
N GLY A 91 11.32 20.24 -15.71
CA GLY A 91 12.37 20.90 -16.46
C GLY A 91 13.73 20.71 -15.84
N GLY A 1 -25.15 8.32 -21.71
CA GLY A 1 -24.25 9.51 -21.84
C GLY A 1 -22.79 9.16 -21.61
N SER A 2 -22.06 10.07 -20.97
CA SER A 2 -20.64 9.85 -20.70
C SER A 2 -20.35 10.02 -19.21
N SER A 3 -20.57 8.96 -18.45
CA SER A 3 -20.32 8.99 -17.00
C SER A 3 -20.02 7.59 -16.47
N GLY A 4 -20.91 6.65 -16.77
CA GLY A 4 -20.73 5.28 -16.31
C GLY A 4 -20.81 5.17 -14.81
N SER A 5 -19.70 4.76 -14.19
CA SER A 5 -19.66 4.60 -12.74
C SER A 5 -19.28 5.92 -12.06
N SER A 6 -19.44 5.96 -10.74
CA SER A 6 -19.12 7.16 -9.97
C SER A 6 -19.03 6.84 -8.48
N GLY A 7 -17.83 6.52 -8.02
CA GLY A 7 -17.63 6.20 -6.63
C GLY A 7 -16.27 6.63 -6.11
N GLU A 8 -15.90 6.16 -4.93
CA GLU A 8 -14.62 6.51 -4.33
C GLU A 8 -13.89 5.26 -3.84
N GLY A 9 -12.62 5.13 -4.22
CA GLY A 9 -11.84 3.98 -3.82
C GLY A 9 -10.79 3.61 -4.85
N THR A 10 -10.06 4.60 -5.34
CA THR A 10 -9.02 4.38 -6.34
C THR A 10 -7.73 3.92 -5.67
N VAL A 11 -6.74 3.58 -6.49
CA VAL A 11 -5.44 3.13 -5.98
C VAL A 11 -4.32 3.48 -6.94
N LYS A 12 -4.43 3.00 -8.17
CA LYS A 12 -3.42 3.27 -9.19
C LYS A 12 -2.08 2.64 -8.81
N LEU A 13 -2.14 1.51 -8.11
CA LEU A 13 -0.93 0.81 -7.69
C LEU A 13 -1.00 -0.66 -8.09
N HIS A 14 0.11 -1.18 -8.61
CA HIS A 14 0.18 -2.57 -9.04
C HIS A 14 1.45 -3.24 -8.52
N GLU A 15 1.73 -3.05 -7.23
CA GLU A 15 2.91 -3.63 -6.61
C GLU A 15 4.18 -3.11 -7.27
N GLY A 16 4.97 -2.36 -6.51
CA GLY A 16 6.21 -1.81 -7.05
C GLY A 16 6.19 -0.30 -7.14
N SER A 17 5.60 0.35 -6.14
CA SER A 17 5.51 1.80 -6.12
C SER A 17 5.80 2.35 -4.73
N GLN A 18 5.96 3.66 -4.64
CA GLN A 18 6.25 4.30 -3.36
C GLN A 18 5.02 5.04 -2.83
N VAL A 19 4.76 4.91 -1.53
CA VAL A 19 3.63 5.56 -0.91
C VAL A 19 3.96 6.03 0.50
N LEU A 20 3.32 7.12 0.93
CA LEU A 20 3.56 7.67 2.26
C LEU A 20 2.29 7.59 3.11
N LEU A 21 2.48 7.31 4.39
CA LEU A 21 1.36 7.22 5.32
C LEU A 21 0.91 8.60 5.79
N THR A 22 -0.40 8.75 6.03
CA THR A 22 -0.94 10.02 6.47
C THR A 22 -0.81 10.17 7.99
N SER A 23 -0.73 9.04 8.68
CA SER A 23 -0.60 9.05 10.14
C SER A 23 0.87 9.01 10.56
N SER A 24 1.49 7.84 10.40
CA SER A 24 2.90 7.67 10.77
C SER A 24 3.78 8.64 10.00
N ASN A 25 3.32 9.06 8.82
CA ASN A 25 4.08 9.99 7.99
C ASN A 25 5.39 9.36 7.54
N GLU A 26 5.36 8.07 7.23
CA GLU A 26 6.55 7.35 6.78
C GLU A 26 6.30 6.70 5.43
N MET A 27 7.34 6.70 4.59
CA MET A 27 7.24 6.09 3.26
C MET A 27 7.28 4.57 3.35
N ALA A 28 6.59 3.92 2.42
CA ALA A 28 6.55 2.46 2.38
C ALA A 28 6.45 1.95 0.95
N THR A 29 7.05 0.79 0.70
CA THR A 29 7.03 0.18 -0.63
C THR A 29 5.83 -0.74 -0.78
N VAL A 30 5.17 -0.67 -1.92
CA VAL A 30 4.00 -1.51 -2.20
C VAL A 30 4.42 -2.90 -2.63
N ARG A 31 4.11 -3.90 -1.81
CA ARG A 31 4.46 -5.28 -2.12
C ARG A 31 3.22 -6.08 -2.49
N TYR A 32 2.08 -5.71 -1.92
CA TYR A 32 0.82 -6.39 -2.19
C TYR A 32 -0.35 -5.42 -2.16
N VAL A 33 -1.27 -5.57 -3.10
CA VAL A 33 -2.44 -4.70 -3.19
C VAL A 33 -3.71 -5.51 -3.42
N GLY A 34 -4.76 -5.18 -2.66
CA GLY A 34 -6.01 -5.89 -2.80
C GLY A 34 -6.68 -6.16 -1.46
N PRO A 35 -7.87 -6.77 -1.46
CA PRO A 35 -8.60 -7.08 -0.22
C PRO A 35 -7.92 -8.19 0.58
N THR A 36 -8.43 -8.42 1.79
CA THR A 36 -7.88 -9.45 2.67
C THR A 36 -8.94 -10.48 3.05
N ASP A 37 -8.50 -11.58 3.65
CA ASP A 37 -9.42 -12.64 4.06
C ASP A 37 -10.02 -12.33 5.43
N PHE A 38 -9.25 -11.64 6.26
CA PHE A 38 -9.71 -11.29 7.60
C PHE A 38 -10.59 -10.04 7.57
N ALA A 39 -10.12 -9.02 6.85
CA ALA A 39 -10.86 -7.77 6.74
C ALA A 39 -11.37 -7.57 5.31
N SER A 40 -12.43 -6.78 5.18
CA SER A 40 -13.03 -6.51 3.87
C SER A 40 -12.69 -5.10 3.41
N GLY A 41 -12.47 -4.95 2.11
CA GLY A 41 -12.14 -3.65 1.55
C GLY A 41 -10.89 -3.70 0.70
N ILE A 42 -9.98 -2.75 0.96
CA ILE A 42 -8.73 -2.68 0.21
C ILE A 42 -7.54 -2.45 1.15
N TRP A 43 -6.54 -3.33 1.05
CA TRP A 43 -5.36 -3.22 1.89
C TRP A 43 -4.09 -3.33 1.04
N LEU A 44 -3.08 -2.53 1.39
CA LEU A 44 -1.81 -2.54 0.66
C LEU A 44 -0.69 -3.06 1.54
N GLY A 45 -0.24 -4.28 1.28
CA GLY A 45 0.83 -4.87 2.06
C GLY A 45 2.14 -4.14 1.87
N LEU A 46 2.29 -2.99 2.53
CA LEU A 46 3.51 -2.20 2.43
C LEU A 46 4.67 -2.89 3.16
N GLU A 47 5.88 -2.40 2.92
CA GLU A 47 7.06 -2.97 3.54
C GLU A 47 8.11 -1.89 3.80
N LEU A 48 8.47 -1.70 5.06
CA LEU A 48 9.47 -0.70 5.44
C LEU A 48 10.86 -1.33 5.55
N ARG A 49 11.88 -0.49 5.53
CA ARG A 49 13.26 -0.96 5.64
C ARG A 49 13.62 -1.24 7.10
N SER A 50 13.05 -0.46 8.00
CA SER A 50 13.32 -0.61 9.43
C SER A 50 12.07 -1.07 10.17
N ALA A 51 12.24 -1.40 11.45
CA ALA A 51 11.12 -1.83 12.27
C ALA A 51 10.20 -0.67 12.63
N LYS A 52 9.03 -0.63 12.00
CA LYS A 52 8.06 0.42 12.25
C LYS A 52 6.65 -0.03 11.92
N GLY A 53 6.40 -1.32 12.09
CA GLY A 53 5.08 -1.87 11.80
C GLY A 53 4.55 -2.74 12.93
N LYS A 54 3.44 -3.43 12.68
CA LYS A 54 2.84 -4.30 13.68
C LYS A 54 2.36 -5.60 13.04
N ASN A 55 3.06 -6.04 12.01
CA ASN A 55 2.71 -7.27 11.32
C ASN A 55 3.96 -7.99 10.81
N ASP A 56 3.89 -9.32 10.75
CA ASP A 56 5.01 -10.12 10.28
C ASP A 56 4.84 -10.50 8.82
N GLY A 57 4.18 -9.64 8.06
CA GLY A 57 3.96 -9.90 6.65
C GLY A 57 3.04 -11.08 6.42
N ALA A 58 2.17 -11.35 7.38
CA ALA A 58 1.23 -12.46 7.27
C ALA A 58 0.05 -12.27 8.23
N VAL A 59 -1.15 -12.53 7.73
CA VAL A 59 -2.35 -12.39 8.54
C VAL A 59 -3.34 -13.52 8.26
N GLY A 60 -3.47 -14.43 9.21
CA GLY A 60 -4.38 -15.55 9.04
C GLY A 60 -3.76 -16.70 8.26
N ASP A 61 -4.54 -17.28 7.37
CA ASP A 61 -4.06 -18.40 6.55
C ASP A 61 -3.62 -17.92 5.18
N LYS A 62 -3.16 -16.68 5.10
CA LYS A 62 -2.70 -16.10 3.84
C LYS A 62 -1.49 -15.19 4.07
N ARG A 63 -0.87 -14.78 2.97
CA ARG A 63 0.31 -13.91 3.04
C ARG A 63 0.15 -12.71 2.10
N TYR A 64 0.94 -11.68 2.34
CA TYR A 64 0.90 -10.47 1.51
C TYR A 64 2.31 -10.04 1.10
N PHE A 65 3.16 -9.82 2.10
CA PHE A 65 4.53 -9.40 1.84
C PHE A 65 5.51 -10.17 2.73
N THR A 66 6.80 -10.04 2.43
CA THR A 66 7.84 -10.73 3.20
C THR A 66 8.82 -9.72 3.78
N CYS A 67 9.02 -9.78 5.09
CA CYS A 67 9.95 -8.88 5.77
C CYS A 67 10.23 -9.35 7.19
N LYS A 68 11.05 -8.60 7.91
CA LYS A 68 11.40 -8.93 9.29
C LYS A 68 10.24 -8.67 10.23
N PRO A 69 10.29 -9.21 11.45
CA PRO A 69 9.23 -9.03 12.45
C PRO A 69 8.95 -7.56 12.73
N ASN A 70 7.70 -7.15 12.50
CA ASN A 70 7.31 -5.76 12.73
C ASN A 70 8.09 -4.82 11.83
N TYR A 71 8.03 -5.05 10.53
CA TYR A 71 8.73 -4.21 9.56
C TYR A 71 7.75 -3.55 8.59
N GLY A 72 6.80 -4.33 8.12
CA GLY A 72 5.81 -3.82 7.18
C GLY A 72 4.51 -3.45 7.86
N VAL A 73 3.59 -2.86 7.10
CA VAL A 73 2.30 -2.45 7.64
C VAL A 73 1.18 -2.71 6.64
N LEU A 74 -0.05 -2.71 7.12
CA LEU A 74 -1.21 -2.95 6.27
C LEU A 74 -2.19 -1.79 6.35
N VAL A 75 -2.22 -0.97 5.31
CA VAL A 75 -3.12 0.18 5.26
C VAL A 75 -3.94 0.19 3.97
N ARG A 76 -4.84 1.15 3.86
CA ARG A 76 -5.69 1.27 2.68
C ARG A 76 -5.25 2.44 1.80
N PRO A 77 -5.54 2.36 0.49
CA PRO A 77 -5.16 3.42 -0.45
C PRO A 77 -5.54 4.79 0.08
N SER A 78 -6.80 4.93 0.49
CA SER A 78 -7.27 6.18 1.07
C SER A 78 -6.40 6.58 2.25
N ARG A 79 -5.73 5.58 2.84
CA ARG A 79 -4.86 5.83 3.98
C ARG A 79 -3.43 6.07 3.51
N VAL A 80 -3.16 5.84 2.23
CA VAL A 80 -1.82 6.03 1.68
C VAL A 80 -1.83 7.04 0.53
N THR A 81 -0.88 7.97 0.56
CA THR A 81 -0.77 8.99 -0.48
C THR A 81 0.63 9.00 -1.08
N TYR A 82 0.71 9.29 -2.38
CA TYR A 82 1.98 9.34 -3.07
C TYR A 82 1.99 10.44 -4.13
N ARG A 83 0.93 10.50 -4.92
CA ARG A 83 0.81 11.51 -5.97
C ARG A 83 -0.58 11.48 -6.60
N GLY A 84 -1.07 12.65 -6.99
CA GLY A 84 -2.39 12.74 -7.60
C GLY A 84 -3.41 13.38 -6.69
N ILE A 85 -4.64 13.50 -7.17
CA ILE A 85 -5.71 14.11 -6.40
C ILE A 85 -7.08 13.65 -6.90
N SER A 86 -8.00 13.41 -5.95
CA SER A 86 -9.34 12.96 -6.30
C SER A 86 -10.26 14.16 -6.60
N GLY A 87 -11.52 13.87 -6.86
CA GLY A 87 -12.48 14.93 -7.15
C GLY A 87 -13.14 14.75 -8.50
N PRO A 88 -13.67 15.83 -9.10
CA PRO A 88 -14.32 15.77 -10.41
C PRO A 88 -13.35 15.51 -11.54
N SER A 89 -13.78 14.74 -12.53
CA SER A 89 -12.94 14.41 -13.68
C SER A 89 -12.97 15.53 -14.71
N SER A 90 -11.94 16.38 -14.67
CA SER A 90 -11.84 17.50 -15.60
C SER A 90 -10.95 17.15 -16.78
N GLY A 91 -11.21 17.77 -17.93
CA GLY A 91 -10.42 17.51 -19.11
C GLY A 91 -11.15 17.88 -20.39
N GLY A 1 -0.92 -6.36 -20.27
CA GLY A 1 -1.03 -7.44 -21.28
C GLY A 1 -2.47 -7.73 -21.67
N SER A 2 -2.69 -8.87 -22.31
CA SER A 2 -4.03 -9.25 -22.73
C SER A 2 -4.64 -10.25 -21.75
N SER A 3 -4.27 -10.12 -20.48
CA SER A 3 -4.79 -11.01 -19.44
C SER A 3 -4.79 -10.30 -18.09
N GLY A 4 -5.97 -9.86 -17.67
CA GLY A 4 -6.09 -9.18 -16.39
C GLY A 4 -7.40 -8.42 -16.26
N SER A 5 -8.47 -9.14 -15.93
CA SER A 5 -9.79 -8.53 -15.78
C SER A 5 -10.02 -8.11 -14.33
N SER A 6 -9.63 -6.88 -14.01
CA SER A 6 -9.80 -6.34 -12.67
C SER A 6 -9.90 -4.82 -12.68
N GLY A 7 -11.09 -4.31 -12.38
CA GLY A 7 -11.30 -2.87 -12.36
C GLY A 7 -12.12 -2.40 -13.54
N GLU A 8 -11.45 -2.07 -14.65
CA GLU A 8 -12.12 -1.60 -15.85
C GLU A 8 -12.90 -0.32 -15.57
N GLY A 9 -12.39 0.48 -14.64
CA GLY A 9 -13.05 1.73 -14.29
C GLY A 9 -12.25 2.55 -13.30
N THR A 10 -11.67 1.89 -12.32
CA THR A 10 -10.87 2.57 -11.30
C THR A 10 -9.90 1.60 -10.63
N VAL A 11 -8.61 1.81 -10.86
CA VAL A 11 -7.58 0.95 -10.27
C VAL A 11 -6.35 1.77 -9.88
N LYS A 12 -6.28 2.16 -8.62
CA LYS A 12 -5.15 2.95 -8.12
C LYS A 12 -4.04 2.03 -7.62
N LEU A 13 -2.80 2.40 -7.91
CA LEU A 13 -1.64 1.62 -7.50
C LEU A 13 -1.65 0.23 -8.14
N HIS A 14 -0.50 -0.20 -8.62
CA HIS A 14 -0.38 -1.51 -9.25
C HIS A 14 0.50 -2.45 -8.42
N GLU A 15 1.79 -2.11 -8.34
CA GLU A 15 2.73 -2.91 -7.57
C GLU A 15 4.12 -2.29 -7.60
N GLY A 16 4.91 -2.56 -6.56
CA GLY A 16 6.25 -2.01 -6.48
C GLY A 16 6.26 -0.50 -6.51
N SER A 17 5.19 0.11 -6.02
CA SER A 17 5.09 1.57 -5.99
C SER A 17 5.42 2.11 -4.60
N GLN A 18 5.60 3.43 -4.52
CA GLN A 18 5.93 4.07 -3.25
C GLN A 18 4.75 4.89 -2.74
N VAL A 19 4.62 4.99 -1.42
CA VAL A 19 3.54 5.73 -0.80
C VAL A 19 3.96 6.28 0.56
N LEU A 20 3.08 7.07 1.17
CA LEU A 20 3.36 7.65 2.48
C LEU A 20 2.12 7.58 3.38
N LEU A 21 2.32 7.11 4.61
CA LEU A 21 1.23 6.98 5.57
C LEU A 21 0.80 8.35 6.08
N THR A 22 -0.49 8.50 6.34
CA THR A 22 -1.04 9.76 6.85
C THR A 22 -1.22 9.70 8.36
N SER A 23 -0.37 8.94 9.04
CA SER A 23 -0.44 8.80 10.48
C SER A 23 0.93 9.01 11.12
N SER A 24 1.95 8.37 10.54
CA SER A 24 3.31 8.48 11.05
C SER A 24 4.21 9.19 10.05
N ASN A 25 3.70 9.45 8.85
CA ASN A 25 4.47 10.13 7.82
C ASN A 25 5.69 9.31 7.42
N GLU A 26 5.54 7.99 7.43
CA GLU A 26 6.63 7.08 7.07
C GLU A 26 6.39 6.47 5.69
N MET A 27 7.41 6.52 4.84
CA MET A 27 7.32 5.96 3.50
C MET A 27 7.29 4.44 3.54
N ALA A 28 6.62 3.83 2.58
CA ALA A 28 6.53 2.38 2.50
C ALA A 28 6.42 1.90 1.05
N THR A 29 6.92 0.71 0.79
CA THR A 29 6.88 0.14 -0.56
C THR A 29 5.71 -0.81 -0.72
N VAL A 30 4.97 -0.66 -1.81
CA VAL A 30 3.83 -1.51 -2.08
C VAL A 30 4.26 -2.88 -2.60
N ARG A 31 3.99 -3.93 -1.82
CA ARG A 31 4.37 -5.28 -2.22
C ARG A 31 3.18 -6.02 -2.80
N TYR A 32 1.98 -5.74 -2.28
CA TYR A 32 0.77 -6.39 -2.76
C TYR A 32 -0.40 -5.42 -2.75
N VAL A 33 -1.27 -5.52 -3.75
CA VAL A 33 -2.43 -4.66 -3.86
C VAL A 33 -3.70 -5.46 -4.16
N GLY A 34 -4.63 -5.47 -3.22
CA GLY A 34 -5.87 -6.20 -3.41
C GLY A 34 -6.64 -6.37 -2.12
N PRO A 35 -7.69 -7.21 -2.12
CA PRO A 35 -8.52 -7.45 -0.93
C PRO A 35 -7.77 -8.23 0.14
N THR A 36 -8.46 -8.48 1.26
CA THR A 36 -7.85 -9.22 2.37
C THR A 36 -8.79 -10.33 2.85
N ASP A 37 -8.36 -11.05 3.88
CA ASP A 37 -9.16 -12.13 4.43
C ASP A 37 -9.67 -11.77 5.83
N PHE A 38 -8.90 -10.95 6.55
CA PHE A 38 -9.28 -10.54 7.89
C PHE A 38 -10.25 -9.36 7.84
N ALA A 39 -10.08 -8.51 6.85
CA ALA A 39 -10.94 -7.33 6.70
C ALA A 39 -11.76 -7.42 5.41
N SER A 40 -11.14 -7.94 4.36
CA SER A 40 -11.83 -8.09 3.07
C SER A 40 -12.25 -6.71 2.53
N GLY A 41 -11.53 -6.24 1.51
CA GLY A 41 -11.85 -4.95 0.93
C GLY A 41 -10.76 -4.46 0.00
N ILE A 42 -10.12 -3.36 0.38
CA ILE A 42 -9.04 -2.79 -0.43
C ILE A 42 -7.87 -2.34 0.44
N TRP A 43 -6.83 -3.17 0.48
CA TRP A 43 -5.64 -2.87 1.27
C TRP A 43 -4.39 -2.94 0.41
N LEU A 44 -3.24 -2.68 1.03
CA LEU A 44 -1.96 -2.72 0.33
C LEU A 44 -0.86 -3.27 1.22
N GLY A 45 -0.15 -4.28 0.72
CA GLY A 45 0.91 -4.89 1.48
C GLY A 45 2.18 -4.06 1.47
N LEU A 46 2.33 -3.19 2.46
CA LEU A 46 3.50 -2.33 2.55
C LEU A 46 4.67 -3.08 3.18
N GLU A 47 5.88 -2.53 3.03
CA GLU A 47 7.08 -3.15 3.59
C GLU A 47 8.15 -2.09 3.86
N LEU A 48 8.81 -2.22 5.01
CA LEU A 48 9.86 -1.29 5.39
C LEU A 48 11.18 -2.00 5.60
N ARG A 49 12.24 -1.24 5.83
CA ARG A 49 13.57 -1.80 6.04
C ARG A 49 14.04 -1.56 7.47
N SER A 50 13.10 -1.61 8.41
CA SER A 50 13.42 -1.39 9.82
C SER A 50 12.22 -1.74 10.70
N ALA A 51 12.43 -1.69 12.01
CA ALA A 51 11.38 -1.99 12.97
C ALA A 51 10.44 -0.80 13.15
N LYS A 52 9.68 -0.49 12.10
CA LYS A 52 8.75 0.63 12.14
C LYS A 52 7.37 0.20 11.65
N GLY A 53 7.01 -1.06 11.93
CA GLY A 53 5.71 -1.56 11.51
C GLY A 53 5.06 -2.42 12.57
N LYS A 54 4.08 -3.23 12.16
CA LYS A 54 3.37 -4.10 13.09
C LYS A 54 2.89 -5.36 12.37
N ASN A 55 3.75 -5.93 11.54
CA ASN A 55 3.41 -7.14 10.80
C ASN A 55 4.68 -7.87 10.35
N ASP A 56 4.63 -9.20 10.42
CA ASP A 56 5.78 -10.02 10.02
C ASP A 56 5.60 -10.56 8.60
N GLY A 57 4.84 -9.84 7.79
CA GLY A 57 4.60 -10.26 6.43
C GLY A 57 3.34 -11.09 6.28
N ALA A 58 3.10 -11.99 7.22
CA ALA A 58 1.93 -12.84 7.19
C ALA A 58 0.90 -12.39 8.22
N VAL A 59 -0.37 -12.39 7.82
CA VAL A 59 -1.46 -11.97 8.70
C VAL A 59 -2.55 -13.04 8.77
N GLY A 60 -2.76 -13.59 9.95
CA GLY A 60 -3.78 -14.61 10.12
C GLY A 60 -3.45 -15.89 9.37
N ASP A 61 -4.27 -16.23 8.39
CA ASP A 61 -4.07 -17.43 7.59
C ASP A 61 -3.65 -17.08 6.17
N LYS A 62 -3.05 -15.91 6.00
CA LYS A 62 -2.60 -15.46 4.69
C LYS A 62 -1.55 -14.36 4.83
N ARG A 63 -0.75 -14.19 3.78
CA ARG A 63 0.30 -13.17 3.78
C ARG A 63 0.19 -12.27 2.56
N TYR A 64 0.52 -10.99 2.74
CA TYR A 64 0.45 -10.02 1.66
C TYR A 64 1.85 -9.55 1.26
N PHE A 65 2.84 -9.79 2.13
CA PHE A 65 4.20 -9.38 1.85
C PHE A 65 5.19 -10.14 2.74
N THR A 66 6.46 -10.05 2.41
CA THR A 66 7.51 -10.73 3.17
C THR A 66 8.45 -9.72 3.83
N CYS A 67 8.61 -9.84 5.14
CA CYS A 67 9.49 -8.93 5.88
C CYS A 67 9.79 -9.48 7.27
N LYS A 68 10.48 -8.69 8.08
CA LYS A 68 10.85 -9.10 9.43
C LYS A 68 9.77 -8.68 10.43
N PRO A 69 9.87 -9.16 11.68
CA PRO A 69 8.90 -8.84 12.73
C PRO A 69 8.75 -7.33 12.93
N ASN A 70 7.54 -6.82 12.72
CA ASN A 70 7.27 -5.40 12.89
C ASN A 70 8.05 -4.57 11.88
N TYR A 71 7.94 -4.93 10.60
CA TYR A 71 8.63 -4.21 9.54
C TYR A 71 7.65 -3.61 8.55
N GLY A 72 6.62 -4.38 8.21
CA GLY A 72 5.61 -3.92 7.28
C GLY A 72 4.33 -3.49 7.96
N VAL A 73 3.44 -2.86 7.21
CA VAL A 73 2.17 -2.40 7.75
C VAL A 73 1.05 -2.54 6.73
N LEU A 74 -0.18 -2.60 7.23
CA LEU A 74 -1.35 -2.73 6.35
C LEU A 74 -2.20 -1.47 6.37
N VAL A 75 -2.43 -0.91 5.19
CA VAL A 75 -3.23 0.31 5.08
C VAL A 75 -3.96 0.35 3.74
N ARG A 76 -4.99 1.20 3.66
CA ARG A 76 -5.77 1.35 2.44
C ARG A 76 -5.29 2.54 1.62
N PRO A 77 -5.60 2.57 0.31
CA PRO A 77 -5.20 3.67 -0.57
C PRO A 77 -5.46 5.02 0.08
N SER A 78 -6.72 5.24 0.49
CA SER A 78 -7.10 6.48 1.14
C SER A 78 -6.22 6.70 2.37
N ARG A 79 -5.65 5.62 2.89
CA ARG A 79 -4.78 5.71 4.05
C ARG A 79 -3.33 5.92 3.63
N VAL A 80 -3.06 5.78 2.32
CA VAL A 80 -1.70 5.97 1.81
C VAL A 80 -1.66 7.06 0.74
N THR A 81 -0.63 7.90 0.81
CA THR A 81 -0.47 8.99 -0.14
C THR A 81 0.21 8.50 -1.42
N TYR A 82 -0.11 9.13 -2.54
CA TYR A 82 0.48 8.76 -3.82
C TYR A 82 0.06 9.75 -4.92
N ARG A 83 1.04 10.38 -5.54
CA ARG A 83 0.78 11.35 -6.60
C ARG A 83 1.20 10.79 -7.95
N GLY A 84 0.22 10.37 -8.74
CA GLY A 84 0.49 9.82 -10.06
C GLY A 84 -0.75 9.68 -10.91
N ILE A 85 -1.37 10.80 -11.23
CA ILE A 85 -2.58 10.80 -12.04
C ILE A 85 -2.28 11.18 -13.49
N SER A 86 -1.25 12.00 -13.68
CA SER A 86 -0.86 12.44 -15.01
C SER A 86 0.49 11.85 -15.41
N GLY A 87 1.56 12.38 -14.84
CA GLY A 87 2.89 11.89 -15.14
C GLY A 87 3.68 11.52 -13.90
N PRO A 88 3.79 10.21 -13.59
CA PRO A 88 4.53 9.74 -12.42
C PRO A 88 5.93 10.34 -12.32
N SER A 89 6.49 10.70 -13.47
CA SER A 89 7.82 11.29 -13.51
C SER A 89 7.78 12.76 -13.12
N SER A 90 7.19 13.59 -13.97
CA SER A 90 7.08 15.01 -13.70
C SER A 90 5.63 15.42 -13.48
N GLY A 91 5.28 15.67 -12.22
CA GLY A 91 3.91 16.06 -11.90
C GLY A 91 3.83 17.48 -11.37
N GLY A 1 -31.00 -11.32 -18.14
CA GLY A 1 -29.58 -11.61 -17.81
C GLY A 1 -29.31 -11.52 -16.32
N SER A 2 -28.04 -11.57 -15.95
CA SER A 2 -27.64 -11.51 -14.55
C SER A 2 -26.46 -10.57 -14.36
N SER A 3 -25.44 -10.73 -15.20
CA SER A 3 -24.25 -9.89 -15.13
C SER A 3 -24.31 -8.77 -16.16
N GLY A 4 -24.99 -7.68 -15.80
CA GLY A 4 -25.12 -6.55 -16.71
C GLY A 4 -24.06 -5.49 -16.45
N SER A 5 -22.82 -5.92 -16.24
CA SER A 5 -21.73 -5.00 -15.99
C SER A 5 -20.85 -4.83 -17.23
N SER A 6 -19.97 -3.84 -17.18
CA SER A 6 -19.07 -3.57 -18.30
C SER A 6 -17.62 -3.88 -17.93
N GLY A 7 -17.10 -3.15 -16.96
CA GLY A 7 -15.73 -3.35 -16.53
C GLY A 7 -14.79 -2.27 -17.04
N GLU A 8 -14.32 -1.41 -16.15
CA GLU A 8 -13.42 -0.34 -16.51
C GLU A 8 -11.97 -0.83 -16.53
N GLY A 9 -11.62 -1.65 -15.55
CA GLY A 9 -10.26 -2.17 -15.47
C GLY A 9 -9.28 -1.16 -14.93
N THR A 10 -9.43 -0.81 -13.66
CA THR A 10 -8.55 0.16 -13.02
C THR A 10 -7.86 -0.46 -11.80
N VAL A 11 -6.53 -0.41 -11.79
CA VAL A 11 -5.76 -0.96 -10.69
C VAL A 11 -4.93 0.11 -9.99
N LYS A 12 -5.49 0.72 -8.95
CA LYS A 12 -4.81 1.77 -8.20
C LYS A 12 -3.64 1.19 -7.41
N LEU A 13 -2.49 1.86 -7.51
CA LEU A 13 -1.29 1.42 -6.81
C LEU A 13 -0.89 0.01 -7.25
N HIS A 14 0.17 -0.08 -8.03
CA HIS A 14 0.66 -1.37 -8.52
C HIS A 14 1.63 -1.99 -7.52
N GLU A 15 2.21 -3.14 -7.90
CA GLU A 15 3.16 -3.83 -7.03
C GLU A 15 4.55 -3.23 -7.18
N GLY A 16 5.09 -2.73 -6.06
CA GLY A 16 6.41 -2.15 -6.08
C GLY A 16 6.37 -0.65 -6.31
N SER A 17 5.55 0.05 -5.52
CA SER A 17 5.42 1.49 -5.63
C SER A 17 5.78 2.18 -4.32
N GLN A 18 6.02 3.48 -4.39
CA GLN A 18 6.38 4.26 -3.20
C GLN A 18 5.21 5.14 -2.76
N VAL A 19 4.75 4.93 -1.54
CA VAL A 19 3.65 5.71 -0.99
C VAL A 19 3.99 6.25 0.40
N LEU A 20 3.21 7.23 0.86
CA LEU A 20 3.43 7.83 2.16
C LEU A 20 2.21 7.65 3.05
N LEU A 21 2.43 7.65 4.36
CA LEU A 21 1.33 7.50 5.32
C LEU A 21 0.90 8.85 5.88
N THR A 22 -0.40 9.01 6.10
CA THR A 22 -0.94 10.26 6.63
C THR A 22 -1.19 10.13 8.14
N SER A 23 -0.39 9.29 8.80
CA SER A 23 -0.52 9.09 10.24
C SER A 23 0.84 9.13 10.91
N SER A 24 1.80 8.40 10.33
CA SER A 24 3.15 8.35 10.87
C SER A 24 4.10 9.22 10.06
N ASN A 25 3.71 9.53 8.82
CA ASN A 25 4.53 10.35 7.93
C ASN A 25 5.81 9.61 7.53
N GLU A 26 5.66 8.33 7.23
CA GLU A 26 6.80 7.50 6.83
C GLU A 26 6.51 6.77 5.52
N MET A 27 7.49 6.74 4.63
CA MET A 27 7.34 6.08 3.34
C MET A 27 7.26 4.56 3.52
N ALA A 28 6.72 3.89 2.51
CA ALA A 28 6.58 2.44 2.55
C ALA A 28 6.45 1.86 1.15
N THR A 29 7.08 0.71 0.92
CA THR A 29 7.03 0.06 -0.37
C THR A 29 5.81 -0.86 -0.47
N VAL A 30 5.10 -0.77 -1.59
CA VAL A 30 3.92 -1.59 -1.81
C VAL A 30 4.30 -2.97 -2.33
N ARG A 31 3.84 -4.00 -1.63
CA ARG A 31 4.12 -5.38 -2.02
C ARG A 31 2.86 -6.09 -2.50
N TYR A 32 1.76 -5.86 -1.81
CA TYR A 32 0.49 -6.47 -2.17
C TYR A 32 -0.63 -5.43 -2.20
N VAL A 33 -1.65 -5.69 -3.00
CA VAL A 33 -2.79 -4.78 -3.12
C VAL A 33 -4.06 -5.54 -3.48
N GLY A 34 -5.17 -5.16 -2.86
CA GLY A 34 -6.44 -5.81 -3.13
C GLY A 34 -7.17 -6.23 -1.86
N PRO A 35 -8.04 -7.25 -1.94
CA PRO A 35 -8.79 -7.74 -0.78
C PRO A 35 -7.90 -8.45 0.22
N THR A 36 -8.47 -8.82 1.36
CA THR A 36 -7.73 -9.51 2.41
C THR A 36 -8.57 -10.61 3.04
N ASP A 37 -8.01 -11.30 4.02
CA ASP A 37 -8.71 -12.38 4.72
C ASP A 37 -8.87 -12.06 6.20
N PHE A 38 -8.98 -10.78 6.52
CA PHE A 38 -9.13 -10.35 7.92
C PHE A 38 -9.97 -9.08 8.00
N ALA A 39 -9.64 -8.10 7.15
CA ALA A 39 -10.36 -6.83 7.13
C ALA A 39 -11.48 -6.86 6.10
N SER A 40 -11.32 -7.67 5.06
CA SER A 40 -12.32 -7.78 4.01
C SER A 40 -12.47 -6.46 3.26
N GLY A 41 -11.37 -5.74 3.10
CA GLY A 41 -11.40 -4.47 2.40
C GLY A 41 -10.21 -4.28 1.48
N ILE A 42 -9.98 -3.04 1.07
CA ILE A 42 -8.86 -2.72 0.19
C ILE A 42 -7.65 -2.24 0.98
N TRP A 43 -6.65 -3.11 1.12
CA TRP A 43 -5.44 -2.78 1.85
C TRP A 43 -4.20 -3.02 1.00
N LEU A 44 -3.06 -2.51 1.46
CA LEU A 44 -1.80 -2.66 0.74
C LEU A 44 -0.72 -3.22 1.65
N GLY A 45 -0.17 -4.38 1.28
CA GLY A 45 0.87 -5.00 2.08
C GLY A 45 2.18 -4.23 2.03
N LEU A 46 2.18 -3.04 2.63
CA LEU A 46 3.38 -2.20 2.66
C LEU A 46 4.52 -2.89 3.38
N GLU A 47 5.74 -2.51 3.06
CA GLU A 47 6.92 -3.10 3.68
C GLU A 47 8.00 -2.04 3.92
N LEU A 48 8.19 -1.66 5.17
CA LEU A 48 9.19 -0.66 5.53
C LEU A 48 10.57 -1.30 5.71
N ARG A 49 11.61 -0.48 5.62
CA ARG A 49 12.98 -0.97 5.77
C ARG A 49 13.48 -0.74 7.19
N SER A 50 12.60 -0.90 8.16
CA SER A 50 12.96 -0.71 9.57
C SER A 50 11.84 -1.19 10.49
N ALA A 51 12.22 -1.68 11.66
CA ALA A 51 11.24 -2.17 12.63
C ALA A 51 10.39 -1.03 13.16
N LYS A 52 9.20 -0.86 12.58
CA LYS A 52 8.28 0.20 13.00
C LYS A 52 6.87 -0.08 12.52
N GLY A 53 6.49 -1.36 12.49
CA GLY A 53 5.17 -1.74 12.04
C GLY A 53 4.42 -2.57 13.07
N LYS A 54 3.54 -3.45 12.59
CA LYS A 54 2.77 -4.31 13.47
C LYS A 54 2.49 -5.66 12.82
N ASN A 55 3.42 -6.10 11.99
CA ASN A 55 3.28 -7.38 11.30
C ASN A 55 4.65 -7.93 10.89
N ASP A 56 4.74 -9.25 10.77
CA ASP A 56 5.99 -9.90 10.40
C ASP A 56 6.09 -10.04 8.88
N GLY A 57 4.94 -10.20 8.22
CA GLY A 57 4.92 -10.34 6.78
C GLY A 57 3.65 -11.00 6.29
N ALA A 58 3.05 -11.83 7.13
CA ALA A 58 1.82 -12.52 6.77
C ALA A 58 0.71 -12.26 7.80
N VAL A 59 -0.53 -12.34 7.34
CA VAL A 59 -1.68 -12.10 8.22
C VAL A 59 -2.73 -13.19 8.04
N GLY A 60 -3.13 -13.81 9.15
CA GLY A 60 -4.13 -14.86 9.09
C GLY A 60 -3.66 -16.06 8.31
N ASP A 61 -4.46 -16.49 7.35
CA ASP A 61 -4.12 -17.65 6.52
C ASP A 61 -3.73 -17.21 5.11
N LYS A 62 -3.18 -16.01 4.99
CA LYS A 62 -2.77 -15.47 3.70
C LYS A 62 -1.49 -14.67 3.83
N ARG A 63 -0.75 -14.57 2.72
CA ARG A 63 0.51 -13.83 2.71
C ARG A 63 0.35 -12.51 1.94
N TYR A 64 1.25 -11.57 2.19
CA TYR A 64 1.22 -10.27 1.53
C TYR A 64 2.63 -9.81 1.17
N PHE A 65 3.54 -9.90 2.12
CA PHE A 65 4.92 -9.48 1.91
C PHE A 65 5.88 -10.29 2.78
N THR A 66 7.17 -10.02 2.66
CA THR A 66 8.18 -10.72 3.43
C THR A 66 9.21 -9.74 3.98
N CYS A 67 9.40 -9.74 5.30
CA CYS A 67 10.36 -8.86 5.94
C CYS A 67 10.60 -9.26 7.39
N LYS A 68 11.43 -8.50 8.09
CA LYS A 68 11.74 -8.79 9.48
C LYS A 68 10.52 -8.54 10.37
N PRO A 69 10.62 -8.89 11.67
CA PRO A 69 9.52 -8.71 12.63
C PRO A 69 9.09 -7.25 12.74
N ASN A 70 7.83 -6.97 12.42
CA ASN A 70 7.29 -5.62 12.49
C ASN A 70 8.04 -4.69 11.54
N TYR A 71 8.17 -5.11 10.28
CA TYR A 71 8.86 -4.30 9.28
C TYR A 71 7.87 -3.73 8.27
N GLY A 72 6.79 -4.47 8.02
CA GLY A 72 5.79 -4.03 7.07
C GLY A 72 4.44 -3.84 7.73
N VAL A 73 3.56 -3.08 7.06
CA VAL A 73 2.23 -2.82 7.59
C VAL A 73 1.19 -2.88 6.47
N LEU A 74 -0.09 -2.93 6.86
CA LEU A 74 -1.18 -2.99 5.90
C LEU A 74 -2.18 -1.86 6.13
N VAL A 75 -2.30 -0.97 5.15
CA VAL A 75 -3.22 0.15 5.26
C VAL A 75 -4.09 0.25 4.01
N ARG A 76 -5.06 1.17 4.04
CA ARG A 76 -5.96 1.37 2.91
C ARG A 76 -5.42 2.44 1.96
N PRO A 77 -5.68 2.30 0.65
CA PRO A 77 -5.22 3.27 -0.35
C PRO A 77 -5.50 4.69 0.10
N SER A 78 -6.75 4.93 0.50
CA SER A 78 -7.15 6.23 0.98
C SER A 78 -6.27 6.66 2.14
N ARG A 79 -5.67 5.68 2.82
CA ARG A 79 -4.78 5.96 3.93
C ARG A 79 -3.36 6.20 3.43
N VAL A 80 -3.11 5.89 2.15
CA VAL A 80 -1.78 6.09 1.58
C VAL A 80 -1.85 7.02 0.37
N THR A 81 -0.68 7.53 -0.04
CA THR A 81 -0.61 8.43 -1.19
C THR A 81 0.75 8.34 -1.87
N TYR A 82 0.81 8.77 -3.12
CA TYR A 82 2.06 8.73 -3.88
C TYR A 82 1.97 9.63 -5.12
N ARG A 83 2.99 9.57 -5.97
CA ARG A 83 3.03 10.37 -7.17
C ARG A 83 3.57 9.56 -8.35
N GLY A 84 2.86 9.62 -9.48
CA GLY A 84 3.29 8.89 -10.66
C GLY A 84 2.17 8.70 -11.66
N ILE A 85 2.51 8.80 -12.94
CA ILE A 85 1.51 8.64 -14.01
C ILE A 85 1.10 7.18 -14.14
N SER A 86 0.30 6.71 -13.19
CA SER A 86 -0.18 5.33 -13.21
C SER A 86 0.97 4.34 -13.37
N GLY A 87 2.15 4.72 -12.89
CA GLY A 87 3.31 3.87 -13.00
C GLY A 87 4.48 4.35 -12.16
N PRO A 88 5.24 3.43 -11.54
CA PRO A 88 6.39 3.79 -10.70
C PRO A 88 7.60 4.22 -11.51
N SER A 89 7.88 5.52 -11.50
CA SER A 89 9.01 6.07 -12.24
C SER A 89 8.91 5.72 -13.72
N SER A 90 8.53 6.70 -14.54
CA SER A 90 8.39 6.50 -15.97
C SER A 90 7.39 5.40 -16.27
N GLY A 91 6.93 5.34 -17.53
CA GLY A 91 5.97 4.33 -17.93
C GLY A 91 4.61 4.55 -17.31
N GLY A 1 -17.67 -1.03 -15.04
CA GLY A 1 -16.89 -1.42 -16.25
C GLY A 1 -15.75 -0.47 -16.55
N SER A 2 -14.94 -0.81 -17.54
CA SER A 2 -13.80 0.02 -17.91
C SER A 2 -14.25 1.32 -18.58
N SER A 3 -13.71 2.43 -18.13
CA SER A 3 -14.07 3.74 -18.68
C SER A 3 -12.83 4.61 -18.84
N GLY A 4 -12.67 5.18 -20.03
CA GLY A 4 -11.52 6.03 -20.30
C GLY A 4 -11.78 7.48 -19.94
N SER A 5 -11.30 7.89 -18.77
CA SER A 5 -11.48 9.26 -18.30
C SER A 5 -10.35 9.67 -17.36
N SER A 6 -9.17 9.09 -17.57
CA SER A 6 -8.01 9.41 -16.74
C SER A 6 -8.29 9.09 -15.27
N GLY A 7 -7.28 9.24 -14.44
CA GLY A 7 -7.43 8.96 -13.02
C GLY A 7 -8.35 9.96 -12.34
N GLU A 8 -9.58 9.53 -12.06
CA GLU A 8 -10.56 10.39 -11.40
C GLU A 8 -10.56 10.17 -9.90
N GLY A 9 -10.28 8.94 -9.48
CA GLY A 9 -10.25 8.62 -8.07
C GLY A 9 -8.91 8.08 -7.62
N THR A 10 -8.18 8.87 -6.84
CA THR A 10 -6.87 8.48 -6.33
C THR A 10 -6.01 7.87 -7.44
N VAL A 11 -4.90 7.25 -7.04
CA VAL A 11 -4.00 6.62 -8.00
C VAL A 11 -3.91 5.12 -7.77
N LYS A 12 -3.88 4.37 -8.87
CA LYS A 12 -3.80 2.92 -8.79
C LYS A 12 -2.35 2.45 -8.69
N LEU A 13 -2.15 1.24 -8.18
CA LEU A 13 -0.81 0.68 -8.02
C LEU A 13 -0.70 -0.67 -8.72
N HIS A 14 0.46 -1.31 -8.59
CA HIS A 14 0.70 -2.61 -9.21
C HIS A 14 1.86 -3.33 -8.54
N GLU A 15 2.00 -3.13 -7.23
CA GLU A 15 3.07 -3.75 -6.47
C GLU A 15 4.44 -3.32 -7.00
N GLY A 16 5.16 -2.54 -6.20
CA GLY A 16 6.47 -2.08 -6.60
C GLY A 16 6.53 -0.56 -6.73
N SER A 17 5.80 0.13 -5.87
CA SER A 17 5.77 1.59 -5.91
C SER A 17 5.97 2.16 -4.50
N GLN A 18 6.20 3.47 -4.43
CA GLN A 18 6.40 4.15 -3.15
C GLN A 18 5.14 4.85 -2.70
N VAL A 19 4.91 4.88 -1.39
CA VAL A 19 3.73 5.53 -0.83
C VAL A 19 4.04 6.13 0.54
N LEU A 20 3.12 6.96 1.03
CA LEU A 20 3.30 7.61 2.33
C LEU A 20 2.04 7.47 3.18
N LEU A 21 2.23 7.24 4.47
CA LEU A 21 1.10 7.09 5.40
C LEU A 21 0.69 8.44 5.97
N THR A 22 -0.60 8.57 6.28
CA THR A 22 -1.12 9.82 6.84
C THR A 22 -1.34 9.68 8.34
N SER A 23 -0.51 8.87 8.99
CA SER A 23 -0.62 8.65 10.42
C SER A 23 0.77 8.62 11.07
N SER A 24 1.67 7.86 10.48
CA SER A 24 3.04 7.74 10.99
C SER A 24 4.00 8.63 10.20
N ASN A 25 3.57 9.08 9.02
CA ASN A 25 4.40 9.93 8.18
C ASN A 25 5.68 9.21 7.77
N GLU A 26 5.55 7.93 7.44
CA GLU A 26 6.69 7.12 7.03
C GLU A 26 6.42 6.45 5.68
N MET A 27 7.37 6.61 4.75
CA MET A 27 7.23 6.02 3.43
C MET A 27 7.29 4.49 3.49
N ALA A 28 6.73 3.84 2.49
CA ALA A 28 6.70 2.39 2.44
C ALA A 28 6.57 1.89 1.01
N THR A 29 7.02 0.67 0.75
CA THR A 29 6.95 0.08 -0.57
C THR A 29 5.73 -0.83 -0.71
N VAL A 30 5.10 -0.80 -1.87
CA VAL A 30 3.92 -1.60 -2.12
C VAL A 30 4.30 -3.02 -2.55
N ARG A 31 3.79 -4.01 -1.83
CA ARG A 31 4.08 -5.41 -2.14
C ARG A 31 2.84 -6.13 -2.65
N TYR A 32 1.69 -5.76 -2.10
CA TYR A 32 0.42 -6.37 -2.49
C TYR A 32 -0.69 -5.32 -2.58
N VAL A 33 -1.69 -5.60 -3.41
CA VAL A 33 -2.81 -4.69 -3.58
C VAL A 33 -4.11 -5.45 -3.81
N GLY A 34 -5.09 -5.22 -2.94
CA GLY A 34 -6.37 -5.90 -3.07
C GLY A 34 -7.04 -6.13 -1.72
N PRO A 35 -7.97 -7.10 -1.65
CA PRO A 35 -8.68 -7.41 -0.41
C PRO A 35 -7.77 -8.08 0.62
N THR A 36 -8.36 -8.48 1.75
CA THR A 36 -7.61 -9.13 2.81
C THR A 36 -8.34 -10.38 3.31
N ASP A 37 -7.71 -11.09 4.25
CA ASP A 37 -8.31 -12.29 4.81
C ASP A 37 -9.02 -11.98 6.12
N PHE A 38 -8.53 -10.99 6.84
CA PHE A 38 -9.13 -10.60 8.11
C PHE A 38 -9.95 -9.31 7.95
N ALA A 39 -10.53 -9.13 6.77
CA ALA A 39 -11.35 -7.95 6.50
C ALA A 39 -12.00 -8.05 5.13
N SER A 40 -12.97 -7.18 4.89
CA SER A 40 -13.69 -7.16 3.61
C SER A 40 -13.64 -5.77 2.98
N GLY A 41 -12.58 -5.50 2.22
CA GLY A 41 -12.44 -4.21 1.58
C GLY A 41 -11.18 -4.12 0.73
N ILE A 42 -10.48 -3.00 0.83
CA ILE A 42 -9.26 -2.78 0.06
C ILE A 42 -8.09 -2.47 0.98
N TRP A 43 -6.94 -3.08 0.70
CA TRP A 43 -5.74 -2.85 1.50
C TRP A 43 -4.48 -2.93 0.64
N LEU A 44 -3.36 -2.52 1.20
CA LEU A 44 -2.08 -2.53 0.49
C LEU A 44 -0.95 -3.03 1.39
N GLY A 45 -0.53 -4.26 1.18
CA GLY A 45 0.55 -4.82 1.98
C GLY A 45 1.86 -4.09 1.79
N LEU A 46 2.09 -3.06 2.59
CA LEU A 46 3.32 -2.29 2.50
C LEU A 46 4.50 -3.04 3.13
N GLU A 47 5.68 -2.46 3.03
CA GLU A 47 6.88 -3.08 3.59
C GLU A 47 7.96 -2.03 3.84
N LEU A 48 8.28 -1.82 5.11
CA LEU A 48 9.30 -0.84 5.48
C LEU A 48 10.69 -1.48 5.50
N ARG A 49 11.71 -0.67 5.75
CA ARG A 49 13.08 -1.15 5.79
C ARG A 49 13.49 -1.51 7.22
N SER A 50 12.95 -0.77 8.18
CA SER A 50 13.25 -1.01 9.58
C SER A 50 12.03 -1.56 10.32
N ALA A 51 12.21 -1.88 11.59
CA ALA A 51 11.12 -2.42 12.40
C ALA A 51 10.24 -1.30 12.95
N LYS A 52 9.17 -0.99 12.23
CA LYS A 52 8.25 0.06 12.65
C LYS A 52 6.82 -0.28 12.25
N GLY A 53 6.46 -1.56 12.36
CA GLY A 53 5.13 -2.01 12.01
C GLY A 53 4.56 -2.97 13.02
N LYS A 54 3.41 -3.57 12.69
CA LYS A 54 2.75 -4.52 13.58
C LYS A 54 2.42 -5.80 12.83
N ASN A 55 3.25 -6.15 11.85
CA ASN A 55 3.03 -7.36 11.07
C ASN A 55 4.34 -8.12 10.87
N ASP A 56 4.23 -9.43 10.67
CA ASP A 56 5.41 -10.26 10.45
C ASP A 56 5.44 -10.81 9.03
N GLY A 57 4.87 -10.06 8.09
CA GLY A 57 4.86 -10.49 6.71
C GLY A 57 3.60 -11.27 6.37
N ALA A 58 3.25 -12.23 7.22
CA ALA A 58 2.07 -13.06 7.00
C ALA A 58 1.03 -12.82 8.09
N VAL A 59 -0.20 -12.51 7.67
CA VAL A 59 -1.29 -12.26 8.61
C VAL A 59 -2.31 -13.38 8.58
N GLY A 60 -2.39 -14.14 9.66
CA GLY A 60 -3.33 -15.23 9.75
C GLY A 60 -2.96 -16.38 8.82
N ASP A 61 -3.87 -16.74 7.92
CA ASP A 61 -3.64 -17.82 6.98
C ASP A 61 -3.27 -17.28 5.60
N LYS A 62 -2.64 -16.11 5.59
CA LYS A 62 -2.23 -15.48 4.33
C LYS A 62 -1.10 -14.48 4.57
N ARG A 63 -0.58 -13.91 3.49
CA ARG A 63 0.50 -12.93 3.59
C ARG A 63 0.41 -11.91 2.46
N TYR A 64 0.77 -10.67 2.76
CA TYR A 64 0.74 -9.60 1.78
C TYR A 64 2.15 -9.14 1.40
N PHE A 65 3.12 -9.47 2.26
CA PHE A 65 4.50 -9.09 2.01
C PHE A 65 5.46 -9.96 2.81
N THR A 66 6.70 -10.06 2.34
CA THR A 66 7.71 -10.87 3.02
C THR A 66 8.78 -9.98 3.65
N CYS A 67 8.69 -9.82 4.96
CA CYS A 67 9.64 -8.99 5.69
C CYS A 67 9.92 -9.56 7.08
N LYS A 68 10.71 -8.84 7.86
CA LYS A 68 11.05 -9.28 9.21
C LYS A 68 9.92 -8.96 10.19
N PRO A 69 10.00 -9.49 11.42
CA PRO A 69 8.98 -9.27 12.45
C PRO A 69 8.73 -7.78 12.70
N ASN A 70 7.50 -7.34 12.45
CA ASN A 70 7.12 -5.95 12.65
C ASN A 70 7.94 -5.04 11.73
N TYR A 71 7.94 -5.33 10.44
CA TYR A 71 8.66 -4.54 9.46
C TYR A 71 7.70 -3.84 8.50
N GLY A 72 6.63 -4.53 8.15
CA GLY A 72 5.64 -3.97 7.24
C GLY A 72 4.32 -3.70 7.92
N VAL A 73 3.39 -3.08 7.19
CA VAL A 73 2.08 -2.76 7.72
C VAL A 73 1.01 -2.85 6.64
N LEU A 74 -0.26 -2.90 7.06
CA LEU A 74 -1.37 -3.00 6.13
C LEU A 74 -2.24 -1.74 6.20
N VAL A 75 -2.29 -1.00 5.09
CA VAL A 75 -3.09 0.21 5.03
C VAL A 75 -3.89 0.28 3.74
N ARG A 76 -4.81 1.24 3.66
CA ARG A 76 -5.65 1.40 2.49
C ARG A 76 -5.18 2.58 1.64
N PRO A 77 -5.46 2.54 0.32
CA PRO A 77 -5.05 3.61 -0.60
C PRO A 77 -5.35 4.98 -0.02
N SER A 78 -6.61 5.19 0.36
CA SER A 78 -7.04 6.44 0.96
C SER A 78 -6.18 6.75 2.19
N ARG A 79 -5.59 5.71 2.76
CA ARG A 79 -4.74 5.87 3.94
C ARG A 79 -3.29 6.10 3.51
N VAL A 80 -3.00 5.89 2.22
CA VAL A 80 -1.64 6.09 1.71
C VAL A 80 -1.62 7.08 0.55
N THR A 81 -0.81 8.11 0.68
CA THR A 81 -0.69 9.13 -0.36
C THR A 81 0.30 8.70 -1.44
N TYR A 82 -0.12 8.79 -2.69
CA TYR A 82 0.73 8.41 -3.81
C TYR A 82 0.61 9.41 -4.95
N ARG A 83 1.70 10.14 -5.20
CA ARG A 83 1.72 11.13 -6.27
C ARG A 83 3.09 11.20 -6.92
N GLY A 84 3.10 11.28 -8.25
CA GLY A 84 4.36 11.35 -8.97
C GLY A 84 4.23 12.10 -10.28
N ILE A 85 4.40 13.42 -10.22
CA ILE A 85 4.30 14.26 -11.42
C ILE A 85 2.90 14.18 -12.03
N SER A 86 2.17 15.29 -11.98
CA SER A 86 0.82 15.34 -12.52
C SER A 86 0.84 15.84 -13.96
N GLY A 87 0.09 15.16 -14.83
CA GLY A 87 0.03 15.55 -16.23
C GLY A 87 -0.19 14.37 -17.15
N PRO A 88 -1.36 13.73 -17.09
CA PRO A 88 -1.69 12.58 -17.93
C PRO A 88 -1.92 12.98 -19.39
N SER A 89 -0.89 13.53 -20.02
CA SER A 89 -0.98 13.96 -21.42
C SER A 89 0.06 13.25 -22.27
N SER A 90 1.30 13.24 -21.80
CA SER A 90 2.39 12.60 -22.53
C SER A 90 3.46 12.09 -21.57
N GLY A 91 3.39 10.81 -21.21
CA GLY A 91 4.36 10.24 -20.31
C GLY A 91 3.78 9.10 -19.50
#